data_6SJX
#
_entry.id   6SJX
#
loop_
_entity.id
_entity.type
_entity.pdbx_description
1 polymer 'Iron-regulated protein FrpC'
2 non-polymer 'CALCIUM ION'
#
_entity_poly.entity_id   1
_entity_poly.type   'polypeptide(L)'
_entity_poly.pdbx_seq_one_letter_code
;GSDALALDLDGDGIETVATKGFSGSLFDHNRDGIRTATGWVSADDGLLVRDLNGNGIIDNGAELFGDNTKLADGSFAKHG
YAALAELDSNGDNIINAADAAFQSLRVWQDLNQDGISQANELRTLEELGIQSLDLAYKDVNKNLGNGNTLAQQGSYTKTN
GTTAKMGDLLLAADNLHSRFLE
;
_entity_poly.pdbx_strand_id   A
#
loop_
_chem_comp.id
_chem_comp.type
_chem_comp.name
_chem_comp.formula
CA non-polymer 'CALCIUM ION' 'Ca 2'
#
# COMPACT_ATOMS: atom_id res chain seq x y z
N GLY A 1 7.05 7.39 -6.67
CA GLY A 1 5.95 7.55 -7.63
C GLY A 1 4.60 7.38 -6.93
N SER A 2 3.62 6.78 -7.63
CA SER A 2 2.28 6.56 -7.13
C SER A 2 1.84 5.09 -7.21
N ASP A 3 2.81 4.17 -7.33
CA ASP A 3 2.60 2.74 -7.30
C ASP A 3 2.59 2.24 -5.86
N ALA A 4 1.74 1.26 -5.52
CA ALA A 4 1.37 0.92 -4.17
C ALA A 4 0.99 -0.53 -3.98
N LEU A 5 0.93 -0.97 -2.70
CA LEU A 5 0.40 -2.24 -2.25
C LEU A 5 -0.63 -1.95 -1.16
N ALA A 6 -1.81 -2.56 -1.23
CA ALA A 6 -2.90 -2.36 -0.29
C ALA A 6 -3.63 -3.62 0.09
N LEU A 7 -4.35 -3.59 1.21
CA LEU A 7 -5.20 -4.65 1.72
C LEU A 7 -6.65 -4.19 1.72
N ASP A 8 -7.58 -5.07 1.36
CA ASP A 8 -9.00 -4.89 1.57
C ASP A 8 -9.36 -5.24 3.00
N LEU A 9 -9.58 -4.24 3.85
CA LEU A 9 -9.64 -4.45 5.29
C LEU A 9 -11.03 -4.79 5.81
N ASP A 10 -12.10 -4.38 5.11
CA ASP A 10 -13.47 -4.69 5.44
C ASP A 10 -14.15 -5.66 4.48
N GLY A 11 -13.42 -6.24 3.53
CA GLY A 11 -13.83 -7.43 2.83
C GLY A 11 -14.75 -7.26 1.64
N ASP A 12 -14.71 -6.13 0.94
CA ASP A 12 -15.54 -5.86 -0.23
C ASP A 12 -14.76 -5.35 -1.45
N GLY A 13 -13.47 -5.65 -1.52
CA GLY A 13 -12.52 -5.22 -2.53
C GLY A 13 -11.74 -3.98 -2.16
N ILE A 14 -10.56 -3.81 -2.74
CA ILE A 14 -9.72 -2.63 -2.55
C ILE A 14 -10.30 -1.48 -3.36
N GLU A 15 -10.57 -0.34 -2.70
CA GLU A 15 -11.30 0.77 -3.28
C GLU A 15 -10.57 2.09 -3.15
N THR A 16 -10.81 2.99 -4.11
CA THR A 16 -10.14 4.26 -4.30
C THR A 16 -11.10 5.38 -4.65
N VAL A 17 -10.69 6.61 -4.39
CA VAL A 17 -11.41 7.85 -4.62
C VAL A 17 -10.51 8.92 -5.19
N ALA A 18 -11.08 10.01 -5.74
CA ALA A 18 -10.38 11.26 -5.96
C ALA A 18 -10.00 11.92 -4.65
N THR A 19 -8.92 12.69 -4.62
CA THR A 19 -8.46 13.38 -3.44
C THR A 19 -9.23 14.67 -3.17
N LYS A 20 -9.63 14.89 -1.92
CA LYS A 20 -10.22 16.13 -1.43
C LYS A 20 -9.73 16.56 -0.04
N GLY A 21 -9.01 15.70 0.69
CA GLY A 21 -8.61 15.96 2.05
C GLY A 21 -7.64 17.13 2.18
N PHE A 22 -6.50 17.07 1.50
CA PHE A 22 -5.41 18.03 1.55
C PHE A 22 -5.37 18.95 0.35
N SER A 23 -6.19 18.69 -0.67
CA SER A 23 -6.11 19.25 -2.01
C SER A 23 -6.48 20.71 -2.13
N GLY A 24 -6.93 21.37 -1.06
CA GLY A 24 -7.11 22.81 -0.95
C GLY A 24 -5.82 23.61 -1.02
N SER A 25 -4.67 22.96 -0.89
CA SER A 25 -3.37 23.50 -1.28
C SER A 25 -2.60 22.42 -2.02
N LEU A 26 -2.21 22.71 -3.27
CA LEU A 26 -1.48 21.84 -4.14
C LEU A 26 -0.02 22.25 -4.23
N PHE A 27 0.89 21.29 -4.17
CA PHE A 27 2.32 21.50 -4.35
C PHE A 27 2.66 21.77 -5.80
N ASP A 28 3.85 22.33 -6.03
CA ASP A 28 4.26 22.90 -7.32
C ASP A 28 5.67 22.50 -7.68
N HIS A 29 6.18 22.99 -8.82
CA HIS A 29 7.44 22.61 -9.43
C HIS A 29 8.68 23.08 -8.71
N ASN A 30 8.58 23.90 -7.66
CA ASN A 30 9.70 24.32 -6.83
C ASN A 30 9.51 24.05 -5.35
N ARG A 31 8.29 23.98 -4.83
CA ARG A 31 8.00 23.67 -3.47
C ARG A 31 8.18 22.18 -3.20
N ASP A 32 9.19 21.83 -2.42
CA ASP A 32 9.46 20.45 -2.05
C ASP A 32 8.38 19.89 -1.15
N GLY A 33 8.07 18.60 -1.30
CA GLY A 33 7.01 17.92 -0.57
C GLY A 33 6.85 16.48 -1.03
N ILE A 34 5.61 16.01 -1.13
CA ILE A 34 5.20 14.74 -1.70
C ILE A 34 4.51 14.96 -3.03
N ARG A 35 4.70 14.08 -4.02
CA ARG A 35 4.10 14.17 -5.33
C ARG A 35 2.58 14.28 -5.27
N THR A 36 1.99 15.18 -6.05
CA THR A 36 0.59 15.55 -5.97
C THR A 36 -0.33 14.44 -6.44
N ALA A 37 -1.14 13.90 -5.52
CA ALA A 37 -2.14 12.90 -5.77
C ALA A 37 -3.45 13.53 -6.24
N THR A 38 -4.04 12.92 -7.28
CA THR A 38 -5.39 13.18 -7.74
C THR A 38 -6.36 12.08 -7.32
N GLY A 39 -5.86 10.91 -6.95
CA GLY A 39 -6.60 9.82 -6.37
C GLY A 39 -5.83 9.01 -5.34
N TRP A 40 -6.52 8.36 -4.41
CA TRP A 40 -5.93 7.59 -3.32
C TRP A 40 -6.85 6.50 -2.80
N VAL A 41 -6.33 5.63 -1.93
CA VAL A 41 -7.07 4.53 -1.33
C VAL A 41 -8.08 5.03 -0.31
N SER A 42 -9.36 4.71 -0.48
CA SER A 42 -10.42 5.16 0.39
C SER A 42 -10.37 4.48 1.75
N ALA A 43 -10.64 5.25 2.82
CA ALA A 43 -10.21 5.02 4.18
C ALA A 43 -10.66 3.74 4.84
N ASP A 44 -11.63 2.99 4.28
CA ASP A 44 -11.97 1.67 4.73
C ASP A 44 -10.85 0.66 4.52
N ASP A 45 -9.94 0.91 3.57
CA ASP A 45 -8.76 0.13 3.25
C ASP A 45 -7.47 0.83 3.68
N GLY A 46 -6.34 0.11 3.57
CA GLY A 46 -5.05 0.61 3.98
C GLY A 46 -3.87 0.12 3.13
N LEU A 47 -2.80 0.90 3.15
CA LEU A 47 -1.55 0.69 2.44
C LEU A 47 -0.63 -0.21 3.26
N LEU A 48 0.10 -1.13 2.62
CA LEU A 48 1.10 -1.95 3.25
C LEU A 48 2.44 -1.21 3.30
N VAL A 49 3.04 -1.12 4.48
CA VAL A 49 4.21 -0.31 4.77
C VAL A 49 5.18 -0.99 5.72
N ARG A 50 6.42 -0.50 5.76
CA ARG A 50 7.46 -0.90 6.70
C ARG A 50 8.46 0.23 6.87
N ASP A 51 8.77 0.61 8.12
CA ASP A 51 9.91 1.48 8.37
C ASP A 51 11.21 0.70 8.16
N LEU A 52 11.99 1.08 7.14
CA LEU A 52 13.25 0.43 6.83
C LEU A 52 14.36 0.81 7.80
N ASN A 53 14.08 1.73 8.73
CA ASN A 53 14.92 2.10 9.86
C ASN A 53 14.43 1.54 11.18
N GLY A 54 13.35 0.75 11.18
CA GLY A 54 12.90 -0.05 12.30
C GLY A 54 12.35 0.68 13.51
N ASN A 55 12.03 1.97 13.42
CA ASN A 55 11.45 2.76 14.48
C ASN A 55 9.95 3.01 14.30
N GLY A 56 9.33 2.41 13.28
CA GLY A 56 7.93 2.56 12.98
C GLY A 56 7.52 3.91 12.40
N ILE A 57 8.44 4.62 11.74
CA ILE A 57 8.19 5.92 11.12
C ILE A 57 8.38 5.82 9.61
N ILE A 58 7.31 6.05 8.86
CA ILE A 58 7.25 5.98 7.42
C ILE A 58 7.43 7.39 6.87
N ASP A 59 8.40 7.58 5.96
CA ASP A 59 8.71 8.87 5.38
C ASP A 59 9.24 8.82 3.96
N ASN A 60 9.75 7.68 3.48
CA ASN A 60 10.42 7.54 2.20
C ASN A 60 9.71 6.61 1.24
N GLY A 61 9.90 6.78 -0.07
CA GLY A 61 9.21 6.05 -1.10
C GLY A 61 9.47 4.56 -1.18
N ALA A 62 10.54 4.04 -0.56
CA ALA A 62 10.78 2.62 -0.44
C ALA A 62 10.02 1.96 0.69
N GLU A 63 9.45 2.74 1.62
CA GLU A 63 8.78 2.30 2.82
C GLU A 63 7.32 1.94 2.58
N LEU A 64 6.78 2.39 1.45
CA LEU A 64 5.61 1.80 0.80
C LEU A 64 6.05 0.58 0.01
N PHE A 65 5.26 -0.49 0.07
CA PHE A 65 5.38 -1.56 -0.92
C PHE A 65 4.79 -1.16 -2.24
N GLY A 66 5.43 -1.60 -3.33
CA GLY A 66 5.23 -1.11 -4.69
C GLY A 66 6.54 -1.22 -5.47
N ASP A 67 6.56 -0.89 -6.76
CA ASP A 67 7.70 -1.13 -7.62
C ASP A 67 8.91 -0.24 -7.36
N ASN A 68 8.82 0.67 -6.39
CA ASN A 68 9.90 1.55 -5.93
C ASN A 68 10.50 1.10 -4.62
N THR A 69 10.15 -0.09 -4.12
CA THR A 69 10.84 -0.78 -3.05
C THR A 69 11.91 -1.73 -3.58
N LYS A 70 12.87 -2.11 -2.74
CA LYS A 70 13.99 -2.97 -3.10
C LYS A 70 13.96 -4.35 -2.46
N LEU A 71 14.62 -5.30 -3.11
CA LEU A 71 14.83 -6.68 -2.74
C LEU A 71 16.10 -6.84 -1.89
N ALA A 72 16.33 -8.04 -1.37
CA ALA A 72 17.35 -8.31 -0.38
C ALA A 72 18.79 -8.23 -0.86
N ASP A 73 19.05 -8.06 -2.16
CA ASP A 73 20.36 -7.75 -2.71
C ASP A 73 20.56 -6.27 -3.02
N GLY A 74 19.52 -5.45 -2.89
CA GLY A 74 19.48 -4.04 -3.26
C GLY A 74 18.88 -3.75 -4.63
N SER A 75 18.43 -4.74 -5.39
CA SER A 75 17.76 -4.54 -6.67
C SER A 75 16.33 -4.04 -6.49
N PHE A 76 15.82 -3.21 -7.39
CA PHE A 76 14.39 -2.95 -7.46
C PHE A 76 13.61 -4.16 -7.91
N ALA A 77 12.40 -4.35 -7.39
CA ALA A 77 11.48 -5.39 -7.84
C ALA A 77 10.86 -5.08 -9.17
N LYS A 78 10.50 -6.08 -9.96
CA LYS A 78 9.69 -5.91 -11.16
C LYS A 78 8.23 -5.67 -10.82
N HIS A 79 7.75 -6.28 -9.73
CA HIS A 79 6.40 -6.21 -9.22
C HIS A 79 6.43 -6.14 -7.70
N GLY A 80 5.87 -5.08 -7.11
CA GLY A 80 5.98 -4.77 -5.69
C GLY A 80 5.52 -5.87 -4.73
N TYR A 81 4.56 -6.72 -5.12
CA TYR A 81 4.12 -7.87 -4.35
C TYR A 81 5.24 -8.87 -4.16
N ALA A 82 6.10 -9.07 -5.16
CA ALA A 82 7.21 -10.01 -5.09
C ALA A 82 8.29 -9.60 -4.10
N ALA A 83 8.36 -8.32 -3.69
CA ALA A 83 9.25 -7.89 -2.64
C ALA A 83 8.89 -8.43 -1.27
N LEU A 84 7.66 -8.89 -1.07
CA LEU A 84 7.26 -9.59 0.14
C LEU A 84 7.85 -10.98 0.23
N ALA A 85 8.21 -11.61 -0.88
CA ALA A 85 8.75 -12.97 -0.90
C ALA A 85 10.14 -13.07 -0.27
N GLU A 86 10.87 -11.96 -0.14
CA GLU A 86 12.13 -11.89 0.59
C GLU A 86 11.96 -12.02 2.09
N LEU A 87 10.75 -11.80 2.61
CA LEU A 87 10.47 -11.66 4.03
C LEU A 87 10.04 -12.96 4.70
N ASP A 88 9.73 -14.01 3.94
CA ASP A 88 9.43 -15.33 4.48
C ASP A 88 10.68 -15.96 5.06
N SER A 89 10.64 -16.43 6.31
CA SER A 89 11.81 -16.89 7.01
C SER A 89 12.12 -18.37 6.83
N ASN A 90 11.11 -19.22 6.74
CA ASN A 90 11.23 -20.67 6.71
C ASN A 90 10.98 -21.30 5.34
N GLY A 91 10.40 -20.58 4.38
CA GLY A 91 10.14 -21.09 3.05
C GLY A 91 8.87 -21.92 2.94
N ASP A 92 7.83 -21.59 3.71
CA ASP A 92 6.49 -22.13 3.53
C ASP A 92 5.69 -21.38 2.48
N ASN A 93 6.17 -20.21 2.08
CA ASN A 93 5.55 -19.25 1.17
C ASN A 93 4.31 -18.54 1.69
N ILE A 94 4.21 -18.35 3.01
CA ILE A 94 3.31 -17.40 3.63
C ILE A 94 4.06 -16.50 4.60
N ILE A 95 3.64 -15.22 4.70
CA ILE A 95 4.08 -14.32 5.73
C ILE A 95 3.12 -14.45 6.90
N ASN A 96 3.55 -15.13 7.98
CA ASN A 96 2.73 -15.49 9.09
C ASN A 96 3.42 -15.23 10.42
N ALA A 97 2.70 -15.38 11.54
CA ALA A 97 3.13 -14.94 12.85
C ALA A 97 4.47 -15.45 13.35
N ALA A 98 5.02 -16.53 12.78
CA ALA A 98 6.33 -17.06 13.10
C ALA A 98 7.48 -16.36 12.40
N ASP A 99 7.26 -15.60 11.31
CA ASP A 99 8.30 -14.85 10.64
C ASP A 99 8.64 -13.54 11.35
N ALA A 100 9.93 -13.21 11.45
CA ALA A 100 10.40 -12.01 12.11
C ALA A 100 9.83 -10.74 11.51
N ALA A 101 9.73 -10.68 10.18
CA ALA A 101 9.19 -9.54 9.45
C ALA A 101 7.70 -9.30 9.68
N PHE A 102 6.96 -10.28 10.19
CA PHE A 102 5.56 -10.13 10.51
C PHE A 102 5.31 -9.04 11.54
N GLN A 103 6.21 -8.86 12.50
CA GLN A 103 6.16 -7.79 13.47
C GLN A 103 6.68 -6.47 12.93
N SER A 104 7.53 -6.47 11.89
CA SER A 104 8.09 -5.29 11.28
C SER A 104 7.19 -4.63 10.25
N LEU A 105 6.34 -5.41 9.58
CA LEU A 105 5.32 -4.91 8.67
C LEU A 105 4.24 -4.15 9.42
N ARG A 106 3.67 -3.12 8.78
CA ARG A 106 2.57 -2.33 9.28
C ARG A 106 1.60 -1.97 8.15
N VAL A 107 0.41 -1.48 8.51
CA VAL A 107 -0.60 -0.98 7.59
C VAL A 107 -0.94 0.46 7.94
N TRP A 108 -1.13 1.30 6.93
CA TRP A 108 -1.38 2.72 7.06
C TRP A 108 -2.74 3.10 6.50
N GLN A 109 -3.54 3.86 7.27
CA GLN A 109 -4.82 4.38 6.89
C GLN A 109 -4.91 5.87 7.17
N ASP A 110 -4.92 6.70 6.12
CA ASP A 110 -4.90 8.15 6.22
C ASP A 110 -6.28 8.72 5.95
N LEU A 111 -6.84 9.43 6.92
CA LEU A 111 -8.16 10.03 6.88
C LEU A 111 -8.15 11.45 6.31
N ASN A 112 -6.96 12.05 6.17
CA ASN A 112 -6.76 13.40 5.70
C ASN A 112 -6.06 13.48 4.35
N GLN A 113 -5.46 12.39 3.88
CA GLN A 113 -4.89 12.21 2.56
C GLN A 113 -3.83 13.22 2.17
N ASP A 114 -2.99 13.62 3.13
CA ASP A 114 -1.91 14.57 3.00
C ASP A 114 -0.58 13.95 2.56
N GLY A 115 -0.51 12.63 2.42
CA GLY A 115 0.66 11.91 1.94
C GLY A 115 1.76 11.67 2.97
N ILE A 116 1.71 12.35 4.11
CA ILE A 116 2.55 12.08 5.26
C ILE A 116 1.86 11.08 6.16
N SER A 117 2.61 10.08 6.65
CA SER A 117 2.16 9.11 7.62
C SER A 117 2.55 9.57 9.04
N GLN A 118 1.56 9.68 9.92
CA GLN A 118 1.71 10.01 11.33
C GLN A 118 1.35 8.83 12.21
N ALA A 119 1.84 8.81 13.45
CA ALA A 119 1.85 7.62 14.30
C ALA A 119 0.47 7.03 14.60
N ASN A 120 -0.58 7.85 14.69
CA ASN A 120 -1.94 7.38 14.90
C ASN A 120 -2.51 6.63 13.70
N GLU A 121 -1.94 6.80 12.50
CA GLU A 121 -2.46 6.29 11.25
C GLU A 121 -1.98 4.88 10.93
N LEU A 122 -1.10 4.33 11.76
CA LEU A 122 -0.43 3.06 11.57
C LEU A 122 -1.02 1.95 12.42
N ARG A 123 -0.93 0.71 11.94
CA ARG A 123 -1.35 -0.52 12.59
C ARG A 123 -0.31 -1.61 12.42
N THR A 124 0.02 -2.35 13.48
CA THR A 124 0.70 -3.63 13.36
C THR A 124 -0.26 -4.71 12.92
N LEU A 125 0.23 -5.81 12.37
CA LEU A 125 -0.58 -6.90 11.87
C LEU A 125 -1.37 -7.59 12.97
N GLU A 126 -0.78 -7.73 14.17
CA GLU A 126 -1.45 -8.32 15.32
C GLU A 126 -2.55 -7.41 15.85
N GLU A 127 -2.35 -6.10 15.90
CA GLU A 127 -3.38 -5.13 16.27
C GLU A 127 -4.47 -4.99 15.22
N LEU A 128 -4.21 -5.37 13.97
CA LEU A 128 -5.13 -5.41 12.87
C LEU A 128 -5.78 -6.77 12.67
N GLY A 129 -5.51 -7.75 13.54
CA GLY A 129 -6.14 -9.07 13.50
C GLY A 129 -5.76 -9.91 12.29
N ILE A 130 -4.59 -9.66 11.69
CA ILE A 130 -4.06 -10.43 10.58
C ILE A 130 -3.31 -11.65 11.12
N GLN A 131 -3.44 -12.80 10.45
CA GLN A 131 -2.80 -14.03 10.82
C GLN A 131 -1.77 -14.50 9.81
N SER A 132 -2.05 -14.35 8.51
CA SER A 132 -1.09 -14.59 7.45
C SER A 132 -1.42 -13.85 6.16
N LEU A 133 -0.39 -13.63 5.33
CA LEU A 133 -0.48 -13.13 3.96
C LEU A 133 0.02 -14.21 3.01
N ASP A 134 -0.67 -14.40 1.87
CA ASP A 134 -0.24 -15.30 0.82
C ASP A 134 0.74 -14.64 -0.15
N LEU A 135 1.82 -15.34 -0.47
CA LEU A 135 2.80 -14.94 -1.48
C LEU A 135 2.41 -15.45 -2.86
N ALA A 136 1.12 -15.35 -3.19
CA ALA A 136 0.54 -15.80 -4.45
C ALA A 136 -0.49 -14.80 -4.96
N TYR A 137 -0.37 -14.37 -6.21
CA TYR A 137 -1.23 -13.41 -6.84
C TYR A 137 -1.50 -13.71 -8.31
N LYS A 138 -2.55 -13.10 -8.85
CA LYS A 138 -2.95 -13.13 -10.24
C LYS A 138 -3.00 -11.72 -10.82
N ASP A 139 -2.65 -11.55 -12.09
CA ASP A 139 -2.74 -10.29 -12.81
C ASP A 139 -4.18 -10.01 -13.26
N VAL A 140 -4.70 -8.84 -12.89
CA VAL A 140 -6.07 -8.44 -13.16
C VAL A 140 -6.21 -7.14 -13.92
N ASN A 141 -5.25 -6.22 -13.83
CA ASN A 141 -5.12 -5.02 -14.64
C ASN A 141 -6.40 -4.21 -14.77
N LYS A 142 -7.13 -4.08 -13.65
CA LYS A 142 -8.49 -3.61 -13.56
C LYS A 142 -8.52 -2.13 -13.21
N ASN A 143 -9.42 -1.35 -13.85
CA ASN A 143 -9.64 0.02 -13.49
C ASN A 143 -10.43 0.13 -12.19
N LEU A 144 -10.14 1.17 -11.39
CA LEU A 144 -10.77 1.44 -10.10
C LEU A 144 -11.53 2.76 -10.08
N GLY A 145 -11.65 3.45 -11.22
CA GLY A 145 -12.20 4.79 -11.32
C GLY A 145 -11.27 5.90 -10.86
N ASN A 146 -11.59 7.14 -11.21
CA ASN A 146 -10.81 8.33 -10.94
C ASN A 146 -9.35 8.23 -11.34
N GLY A 147 -9.02 7.43 -12.34
CA GLY A 147 -7.67 7.22 -12.85
C GLY A 147 -6.83 6.22 -12.07
N ASN A 148 -7.40 5.47 -11.13
CA ASN A 148 -6.70 4.48 -10.32
C ASN A 148 -6.82 3.09 -10.91
N THR A 149 -5.88 2.19 -10.61
CA THR A 149 -5.76 0.87 -11.18
C THR A 149 -5.39 -0.17 -10.14
N LEU A 150 -5.89 -1.40 -10.27
CA LEU A 150 -5.46 -2.61 -9.61
C LEU A 150 -4.71 -3.49 -10.61
N ALA A 151 -3.39 -3.63 -10.46
CA ALA A 151 -2.59 -4.47 -11.34
C ALA A 151 -2.76 -5.94 -11.04
N GLN A 152 -2.53 -6.33 -9.79
CA GLN A 152 -2.35 -7.71 -9.36
C GLN A 152 -3.01 -7.92 -8.01
N GLN A 153 -3.60 -9.09 -7.78
CA GLN A 153 -4.35 -9.41 -6.59
C GLN A 153 -4.01 -10.78 -6.03
N GLY A 154 -3.68 -10.82 -4.74
CA GLY A 154 -3.54 -12.00 -3.90
C GLY A 154 -4.45 -11.93 -2.68
N SER A 155 -4.08 -12.59 -1.58
CA SER A 155 -5.00 -12.93 -0.50
C SER A 155 -4.36 -12.98 0.88
N TYR A 156 -5.15 -12.77 1.93
CA TYR A 156 -4.73 -12.84 3.32
C TYR A 156 -5.79 -13.42 4.24
N THR A 157 -5.36 -13.91 5.40
CA THR A 157 -6.17 -14.52 6.43
C THR A 157 -6.17 -13.70 7.72
N LYS A 158 -7.35 -13.52 8.32
CA LYS A 158 -7.57 -12.88 9.58
C LYS A 158 -7.62 -13.89 10.72
N THR A 159 -7.28 -13.49 11.95
CA THR A 159 -7.31 -14.33 13.13
C THR A 159 -8.68 -14.89 13.42
N ASN A 160 -9.77 -14.19 13.10
CA ASN A 160 -11.14 -14.64 13.20
C ASN A 160 -11.55 -15.66 12.15
N GLY A 161 -10.65 -16.11 11.28
CA GLY A 161 -10.89 -17.13 10.27
C GLY A 161 -11.53 -16.64 8.97
N THR A 162 -11.71 -15.33 8.81
CA THR A 162 -12.14 -14.72 7.57
C THR A 162 -10.96 -14.51 6.63
N THR A 163 -11.19 -14.63 5.31
CA THR A 163 -10.20 -14.39 4.28
C THR A 163 -10.58 -13.26 3.34
N ALA A 164 -9.61 -12.48 2.88
CA ALA A 164 -9.80 -11.26 2.12
C ALA A 164 -8.67 -10.94 1.16
N LYS A 165 -8.89 -9.97 0.28
CA LYS A 165 -8.03 -9.60 -0.83
C LYS A 165 -6.92 -8.65 -0.43
N MET A 166 -5.76 -8.75 -1.11
CA MET A 166 -4.70 -7.77 -1.08
C MET A 166 -4.08 -7.63 -2.45
N GLY A 167 -3.49 -6.49 -2.81
CA GLY A 167 -3.08 -6.27 -4.18
C GLY A 167 -2.24 -5.03 -4.45
N ASP A 168 -1.67 -5.00 -5.66
CA ASP A 168 -0.82 -3.96 -6.20
C ASP A 168 -1.63 -2.95 -7.00
N LEU A 169 -1.49 -1.66 -6.67
CA LEU A 169 -2.27 -0.57 -7.19
C LEU A 169 -1.39 0.50 -7.84
N LEU A 170 -1.94 1.21 -8.84
CA LEU A 170 -1.46 2.49 -9.29
C LEU A 170 -2.50 3.54 -8.91
N LEU A 171 -2.05 4.59 -8.21
CA LEU A 171 -2.88 5.69 -7.74
C LEU A 171 -2.70 6.93 -8.61
N ALA A 172 -3.78 7.67 -8.83
CA ALA A 172 -3.79 8.77 -9.77
C ALA A 172 -3.01 9.98 -9.24
N ALA A 173 -2.20 10.61 -10.10
CA ALA A 173 -1.35 11.72 -9.73
C ALA A 173 -1.08 12.69 -10.88
N ASP A 174 -0.67 13.90 -10.54
CA ASP A 174 -0.25 14.92 -11.49
C ASP A 174 1.05 14.51 -12.15
N ASN A 175 1.06 14.40 -13.48
CA ASN A 175 2.15 13.81 -14.22
C ASN A 175 3.41 14.67 -14.26
N LEU A 176 3.27 16.00 -14.32
CA LEU A 176 4.41 16.89 -14.25
C LEU A 176 4.96 16.95 -12.83
N HIS A 177 4.11 17.03 -11.81
CA HIS A 177 4.58 17.03 -10.43
C HIS A 177 5.26 15.72 -10.04
N SER A 178 4.81 14.60 -10.59
CA SER A 178 5.43 13.30 -10.49
C SER A 178 6.73 13.13 -11.26
N ARG A 179 7.19 14.15 -11.99
CA ARG A 179 8.52 14.22 -12.57
C ARG A 179 9.41 15.21 -11.84
N PHE A 180 8.87 16.27 -11.25
CA PHE A 180 9.61 17.14 -10.33
C PHE A 180 9.92 16.45 -9.00
N LEU A 181 9.08 15.55 -8.52
CA LEU A 181 9.28 14.75 -7.32
C LEU A 181 9.11 13.27 -7.60
N GLU A 182 9.78 12.41 -6.84
CA GLU A 182 9.63 10.97 -6.80
C GLU A 182 8.68 10.55 -5.70
CA CA B . -12.79 -2.25 1.08
CA CA C . 11.94 5.74 7.92
CA CA D . 6.51 -18.28 6.96
CA CA E . -1.75 11.93 7.30
CA CA F . 3.17 -2.23 -9.46
N GLY A 1 6.17 4.03 -11.27
CA GLY A 1 5.14 5.07 -11.03
C GLY A 1 4.78 5.14 -9.56
N SER A 2 3.75 5.91 -9.21
CA SER A 2 3.14 5.90 -7.89
C SER A 2 2.39 4.59 -7.67
N ASP A 3 2.92 3.73 -6.80
CA ASP A 3 2.69 2.30 -6.86
C ASP A 3 2.71 1.67 -5.48
N ALA A 4 1.76 0.79 -5.18
CA ALA A 4 1.47 0.32 -3.85
C ALA A 4 0.97 -1.11 -3.78
N LEU A 5 0.85 -1.64 -2.57
CA LEU A 5 0.23 -2.92 -2.25
C LEU A 5 -0.80 -2.72 -1.14
N ALA A 6 -2.08 -2.90 -1.47
CA ALA A 6 -3.20 -2.53 -0.62
C ALA A 6 -4.02 -3.72 -0.16
N LEU A 7 -4.64 -3.61 1.01
CA LEU A 7 -5.51 -4.61 1.61
C LEU A 7 -6.94 -4.06 1.70
N ASP A 8 -7.93 -4.88 1.31
CA ASP A 8 -9.32 -4.63 1.66
C ASP A 8 -9.56 -4.97 3.12
N LEU A 9 -9.75 -3.96 3.98
CA LEU A 9 -9.88 -4.17 5.41
C LEU A 9 -11.31 -4.43 5.87
N ASP A 10 -12.30 -4.24 4.98
CA ASP A 10 -13.71 -4.26 5.32
C ASP A 10 -14.49 -5.45 4.78
N GLY A 11 -13.98 -6.12 3.74
CA GLY A 11 -14.64 -7.25 3.12
C GLY A 11 -15.56 -6.88 1.97
N ASP A 12 -15.21 -5.88 1.16
CA ASP A 12 -15.93 -5.46 -0.02
C ASP A 12 -15.04 -4.97 -1.15
N GLY A 13 -13.80 -5.44 -1.22
CA GLY A 13 -12.83 -5.11 -2.26
C GLY A 13 -12.12 -3.78 -2.05
N ILE A 14 -10.98 -3.59 -2.71
CA ILE A 14 -10.12 -2.43 -2.55
C ILE A 14 -10.74 -1.22 -3.24
N GLU A 15 -10.78 -0.07 -2.57
CA GLU A 15 -11.33 1.17 -3.09
C GLU A 15 -10.52 2.42 -2.79
N THR A 16 -10.71 3.46 -3.61
CA THR A 16 -9.83 4.62 -3.70
C THR A 16 -10.57 5.95 -3.66
N VAL A 17 -9.83 7.02 -3.32
CA VAL A 17 -10.26 8.39 -3.15
C VAL A 17 -9.29 9.33 -3.84
N ALA A 18 -9.70 10.58 -4.10
CA ALA A 18 -8.87 11.60 -4.70
C ALA A 18 -8.11 12.42 -3.65
N THR A 19 -6.97 13.00 -4.02
CA THR A 19 -6.07 13.69 -3.11
C THR A 19 -5.66 15.08 -3.57
N LYS A 20 -5.05 15.86 -2.68
CA LYS A 20 -4.55 17.20 -2.95
C LYS A 20 -3.36 17.24 -3.89
N GLY A 21 -2.53 16.19 -3.96
CA GLY A 21 -1.36 16.10 -4.80
C GLY A 21 -0.51 14.87 -4.50
N PHE A 22 0.68 14.80 -5.11
CA PHE A 22 1.67 13.77 -4.86
C PHE A 22 3.08 14.34 -4.99
N SER A 23 4.06 13.99 -4.16
CA SER A 23 4.07 13.00 -3.11
C SER A 23 4.09 13.56 -1.69
N GLY A 24 4.40 14.83 -1.48
CA GLY A 24 4.38 15.46 -0.17
C GLY A 24 4.39 16.99 -0.18
N SER A 25 4.09 17.60 0.96
CA SER A 25 3.92 19.01 1.23
C SER A 25 2.93 19.79 0.38
N LEU A 26 2.00 19.12 -0.29
CA LEU A 26 1.10 19.67 -1.28
C LEU A 26 -0.34 19.86 -0.81
N PHE A 27 -0.63 19.64 0.49
CA PHE A 27 -1.90 20.00 1.07
C PHE A 27 -1.94 21.49 1.39
N ASP A 28 -3.04 22.18 1.06
CA ASP A 28 -3.18 23.62 1.13
C ASP A 28 -4.50 24.05 1.76
N HIS A 29 -4.48 25.18 2.47
CA HIS A 29 -5.54 25.65 3.34
C HIS A 29 -6.19 26.94 2.87
N ASN A 30 -7.44 27.15 3.30
CA ASN A 30 -8.20 28.39 3.24
C ASN A 30 -8.39 29.03 1.88
N ARG A 31 -8.37 28.25 0.79
CA ARG A 31 -8.55 28.69 -0.58
C ARG A 31 -9.59 27.82 -1.27
N ASP A 32 -10.63 28.43 -1.85
CA ASP A 32 -11.64 27.71 -2.60
C ASP A 32 -11.04 26.96 -3.78
N GLY A 33 -11.40 25.68 -3.95
CA GLY A 33 -10.90 24.82 -5.00
C GLY A 33 -10.95 23.34 -4.66
N ILE A 34 -11.02 22.48 -5.67
CA ILE A 34 -10.92 21.05 -5.59
C ILE A 34 -9.96 20.51 -6.65
N ARG A 35 -9.15 19.52 -6.28
CA ARG A 35 -8.22 18.81 -7.16
C ARG A 35 -8.44 17.31 -7.10
N THR A 36 -8.32 16.62 -8.24
CA THR A 36 -8.65 15.23 -8.41
C THR A 36 -7.66 14.44 -9.25
N ALA A 37 -6.53 15.04 -9.65
CA ALA A 37 -5.57 14.44 -10.54
C ALA A 37 -4.77 13.29 -9.94
N THR A 38 -4.71 13.21 -8.61
CA THR A 38 -3.97 12.20 -7.85
C THR A 38 -4.89 11.42 -6.93
N GLY A 39 -4.50 10.18 -6.61
CA GLY A 39 -5.34 9.23 -5.90
C GLY A 39 -4.64 8.39 -4.84
N TRP A 40 -5.41 7.85 -3.90
CA TRP A 40 -4.98 7.05 -2.77
C TRP A 40 -6.08 6.10 -2.34
N VAL A 41 -5.81 5.17 -1.42
CA VAL A 41 -6.82 4.25 -0.90
C VAL A 41 -7.76 4.92 0.09
N SER A 42 -9.02 4.47 0.11
CA SER A 42 -10.03 4.90 1.06
C SER A 42 -9.65 4.57 2.49
N ALA A 43 -10.15 5.31 3.47
CA ALA A 43 -9.99 5.03 4.89
C ALA A 43 -10.70 3.75 5.33
N ASP A 44 -11.54 3.17 4.47
CA ASP A 44 -12.11 1.85 4.61
C ASP A 44 -11.09 0.73 4.46
N ASP A 45 -9.96 1.00 3.81
CA ASP A 45 -8.87 0.11 3.45
C ASP A 45 -7.52 0.64 3.90
N GLY A 46 -6.40 0.01 3.50
CA GLY A 46 -5.07 0.44 3.88
C GLY A 46 -3.95 -0.12 3.02
N LEU A 47 -2.74 0.44 3.18
CA LEU A 47 -1.53 0.05 2.48
C LEU A 47 -0.58 -0.76 3.36
N LEU A 48 0.14 -1.72 2.80
CA LEU A 48 1.20 -2.44 3.47
C LEU A 48 2.50 -1.66 3.43
N VAL A 49 3.14 -1.48 4.59
CA VAL A 49 4.25 -0.57 4.80
C VAL A 49 5.29 -1.09 5.77
N ARG A 50 6.50 -0.55 5.72
CA ARG A 50 7.60 -0.77 6.64
C ARG A 50 8.54 0.42 6.67
N ASP A 51 9.02 0.80 7.86
CA ASP A 51 10.02 1.84 8.01
C ASP A 51 11.42 1.33 7.69
N LEU A 52 12.16 2.01 6.81
CA LEU A 52 13.40 1.53 6.26
C LEU A 52 14.65 2.20 6.82
N ASN A 53 14.53 3.21 7.67
CA ASN A 53 15.64 3.96 8.23
C ASN A 53 15.61 4.11 9.75
N GLY A 54 14.95 3.18 10.45
CA GLY A 54 15.01 3.06 11.89
C GLY A 54 14.38 4.20 12.68
N ASN A 55 13.43 4.92 12.09
CA ASN A 55 12.79 6.10 12.65
C ASN A 55 11.34 5.89 13.03
N GLY A 56 10.72 4.78 12.61
CA GLY A 56 9.39 4.36 12.98
C GLY A 56 8.22 5.11 12.36
N ILE A 57 8.46 5.93 11.32
CA ILE A 57 7.47 6.69 10.59
C ILE A 57 7.60 6.36 9.11
N ILE A 58 6.48 6.27 8.39
CA ILE A 58 6.43 6.09 6.95
C ILE A 58 6.36 7.47 6.31
N ASP A 59 7.45 7.90 5.67
CA ASP A 59 7.59 9.24 5.14
C ASP A 59 8.29 9.34 3.79
N ASN A 60 8.86 8.25 3.26
CA ASN A 60 9.45 8.18 1.94
C ASN A 60 8.76 7.15 1.07
N GLY A 61 8.73 7.35 -0.25
CA GLY A 61 8.07 6.48 -1.19
C GLY A 61 8.55 5.03 -1.20
N ALA A 62 9.80 4.77 -0.84
CA ALA A 62 10.33 3.42 -0.72
C ALA A 62 9.78 2.63 0.45
N GLU A 63 9.15 3.29 1.43
CA GLU A 63 8.67 2.69 2.66
C GLU A 63 7.32 2.00 2.49
N LEU A 64 6.60 2.29 1.40
CA LEU A 64 5.54 1.44 0.90
C LEU A 64 6.09 0.13 0.35
N PHE A 65 5.33 -0.96 0.48
CA PHE A 65 5.47 -2.06 -0.44
C PHE A 65 4.91 -1.66 -1.80
N GLY A 66 5.70 -1.82 -2.86
CA GLY A 66 5.43 -1.35 -4.20
C GLY A 66 6.71 -1.36 -5.04
N ASP A 67 6.66 -0.94 -6.31
CA ASP A 67 7.79 -1.01 -7.20
C ASP A 67 8.92 -0.03 -6.92
N ASN A 68 8.81 0.81 -5.88
CA ASN A 68 9.88 1.62 -5.33
C ASN A 68 10.45 1.05 -4.04
N THR A 69 10.01 -0.12 -3.58
CA THR A 69 10.46 -0.70 -2.33
C THR A 69 11.87 -1.28 -2.43
N LYS A 70 12.60 -1.26 -1.30
CA LYS A 70 13.97 -1.71 -1.19
C LYS A 70 14.05 -3.10 -0.56
N LEU A 71 14.79 -3.99 -1.22
CA LEU A 71 15.19 -5.30 -0.76
C LEU A 71 16.26 -5.23 0.32
N ALA A 72 16.66 -6.37 0.89
CA ALA A 72 17.50 -6.44 2.07
C ALA A 72 18.88 -5.82 1.93
N ASP A 73 19.41 -5.67 0.71
CA ASP A 73 20.67 -5.01 0.41
C ASP A 73 20.52 -3.55 0.04
N GLY A 74 19.30 -3.03 -0.07
CA GLY A 74 18.99 -1.71 -0.55
C GLY A 74 18.71 -1.60 -2.05
N SER A 75 18.77 -2.70 -2.80
CA SER A 75 18.38 -2.71 -4.21
C SER A 75 16.88 -2.65 -4.37
N PHE A 76 16.37 -2.06 -5.46
CA PHE A 76 14.95 -1.96 -5.70
C PHE A 76 14.43 -3.20 -6.43
N ALA A 77 13.34 -3.78 -5.94
CA ALA A 77 12.64 -4.84 -6.66
C ALA A 77 11.99 -4.30 -7.94
N LYS A 78 11.84 -5.15 -8.96
CA LYS A 78 11.04 -4.81 -10.12
C LYS A 78 9.57 -4.74 -9.79
N HIS A 79 9.10 -5.56 -8.84
CA HIS A 79 7.70 -5.77 -8.51
C HIS A 79 7.45 -5.77 -7.01
N GLY A 80 6.52 -4.94 -6.53
CA GLY A 80 6.14 -4.85 -5.14
C GLY A 80 5.66 -6.14 -4.49
N TYR A 81 4.98 -7.01 -5.23
CA TYR A 81 4.54 -8.31 -4.73
C TYR A 81 5.69 -9.29 -4.61
N ALA A 82 6.66 -9.25 -5.53
CA ALA A 82 7.87 -10.05 -5.45
C ALA A 82 8.75 -9.67 -4.27
N ALA A 83 8.76 -8.39 -3.89
CA ALA A 83 9.44 -7.92 -2.70
C ALA A 83 8.81 -8.42 -1.41
N LEU A 84 7.49 -8.62 -1.37
CA LEU A 84 6.82 -9.30 -0.27
C LEU A 84 7.12 -10.79 -0.26
N ALA A 85 7.18 -11.43 -1.43
CA ALA A 85 7.49 -12.84 -1.56
C ALA A 85 8.90 -13.21 -1.10
N GLU A 86 9.84 -12.27 -1.13
CA GLU A 86 11.19 -12.44 -0.64
C GLU A 86 11.30 -12.50 0.87
N LEU A 87 10.21 -12.33 1.62
CA LEU A 87 10.17 -12.32 3.06
C LEU A 87 9.76 -13.64 3.70
N ASP A 88 9.48 -14.68 2.91
CA ASP A 88 9.15 -16.00 3.41
C ASP A 88 10.39 -16.75 3.86
N SER A 89 10.44 -17.18 5.12
CA SER A 89 11.60 -17.79 5.74
C SER A 89 11.74 -19.28 5.47
N ASN A 90 10.64 -20.03 5.42
CA ASN A 90 10.60 -21.48 5.38
C ASN A 90 10.16 -22.07 4.05
N GLY A 91 9.53 -21.29 3.17
CA GLY A 91 9.04 -21.75 1.89
C GLY A 91 7.64 -22.33 1.91
N ASP A 92 6.77 -21.92 2.83
CA ASP A 92 5.38 -22.32 2.86
C ASP A 92 4.50 -21.47 1.95
N ASN A 93 5.07 -20.45 1.30
CA ASN A 93 4.39 -19.52 0.41
C ASN A 93 3.36 -18.62 1.08
N ILE A 94 3.49 -18.38 2.39
CA ILE A 94 2.77 -17.36 3.13
C ILE A 94 3.69 -16.56 4.04
N ILE A 95 3.30 -15.33 4.37
CA ILE A 95 3.95 -14.49 5.34
C ILE A 95 3.17 -14.57 6.65
N ASN A 96 3.77 -15.16 7.69
CA ASN A 96 3.16 -15.48 8.96
C ASN A 96 4.13 -15.25 10.12
N ALA A 97 3.67 -15.37 11.36
CA ALA A 97 4.39 -14.96 12.55
C ALA A 97 5.73 -15.63 12.80
N ALA A 98 6.04 -16.75 12.14
CA ALA A 98 7.32 -17.42 12.21
C ALA A 98 8.37 -16.85 11.28
N ASP A 99 7.99 -16.05 10.27
CA ASP A 99 8.89 -15.25 9.45
C ASP A 99 9.33 -14.00 10.20
N ALA A 100 10.63 -13.68 10.23
CA ALA A 100 11.15 -12.59 11.02
C ALA A 100 10.62 -11.22 10.59
N ALA A 101 10.37 -11.00 9.31
CA ALA A 101 9.86 -9.75 8.80
C ALA A 101 8.44 -9.43 9.26
N PHE A 102 7.63 -10.42 9.62
CA PHE A 102 6.26 -10.25 10.04
C PHE A 102 6.11 -9.26 11.17
N GLN A 103 7.08 -9.20 12.09
CA GLN A 103 7.10 -8.31 13.23
C GLN A 103 7.24 -6.84 12.85
N SER A 104 7.92 -6.55 11.73
CA SER A 104 8.28 -5.22 11.28
C SER A 104 7.26 -4.61 10.32
N LEU A 105 6.34 -5.40 9.78
CA LEU A 105 5.24 -4.93 8.96
C LEU A 105 4.29 -4.05 9.74
N ARG A 106 3.73 -3.02 9.10
CA ARG A 106 2.61 -2.24 9.56
C ARG A 106 1.64 -2.01 8.41
N VAL A 107 0.44 -1.51 8.72
CA VAL A 107 -0.55 -1.07 7.76
C VAL A 107 -0.83 0.41 7.97
N TRP A 108 -0.89 1.18 6.88
CA TRP A 108 -1.11 2.62 6.91
C TRP A 108 -2.49 2.99 6.38
N GLN A 109 -3.26 3.72 7.21
CA GLN A 109 -4.56 4.26 6.86
C GLN A 109 -4.58 5.77 7.07
N ASP A 110 -4.41 6.54 5.99
CA ASP A 110 -4.25 7.98 6.04
C ASP A 110 -5.58 8.72 5.87
N LEU A 111 -5.87 9.65 6.79
CA LEU A 111 -7.09 10.42 6.84
C LEU A 111 -7.06 11.72 6.05
N ASN A 112 -5.90 12.29 5.76
CA ASN A 112 -5.72 13.43 4.88
C ASN A 112 -4.93 13.13 3.60
N GLN A 113 -4.35 11.94 3.48
CA GLN A 113 -3.59 11.45 2.34
C GLN A 113 -2.44 12.35 1.91
N ASP A 114 -1.75 13.00 2.85
CA ASP A 114 -0.73 13.99 2.58
C ASP A 114 0.66 13.45 2.34
N GLY A 115 0.85 12.13 2.27
CA GLY A 115 2.13 11.50 2.02
C GLY A 115 3.02 11.33 3.24
N ILE A 116 2.56 11.64 4.45
CA ILE A 116 3.28 11.40 5.69
C ILE A 116 2.36 10.81 6.75
N SER A 117 2.91 9.95 7.60
CA SER A 117 2.18 9.21 8.60
C SER A 117 2.42 9.70 10.03
N GLN A 118 1.51 9.31 10.93
CA GLN A 118 1.55 9.56 12.35
C GLN A 118 1.12 8.30 13.10
N ALA A 119 1.30 8.25 14.42
CA ALA A 119 1.01 7.07 15.22
C ALA A 119 -0.43 6.59 15.13
N ASN A 120 -1.41 7.48 14.93
CA ASN A 120 -2.79 7.12 14.73
C ASN A 120 -3.08 6.46 13.39
N GLU A 121 -2.23 6.65 12.38
CA GLU A 121 -2.43 6.16 11.03
C GLU A 121 -1.74 4.82 10.77
N LEU A 122 -0.77 4.44 11.61
CA LEU A 122 -0.01 3.22 11.49
C LEU A 122 -0.52 2.17 12.47
N ARG A 123 -0.91 0.99 11.95
CA ARG A 123 -1.54 -0.09 12.69
C ARG A 123 -0.80 -1.41 12.53
N THR A 124 -0.93 -2.27 13.54
CA THR A 124 -0.39 -3.62 13.55
C THR A 124 -1.28 -4.61 12.82
N LEU A 125 -0.71 -5.75 12.40
CA LEU A 125 -1.47 -6.88 11.91
C LEU A 125 -2.34 -7.48 13.02
N GLU A 126 -1.88 -7.45 14.27
CA GLU A 126 -2.59 -7.97 15.42
C GLU A 126 -3.92 -7.28 15.67
N GLU A 127 -3.99 -5.94 15.64
CA GLU A 127 -5.20 -5.20 15.88
C GLU A 127 -6.16 -5.19 14.70
N LEU A 128 -5.66 -5.53 13.50
CA LEU A 128 -6.46 -5.87 12.33
C LEU A 128 -6.90 -7.33 12.32
N GLY A 129 -6.46 -8.15 13.27
CA GLY A 129 -6.78 -9.56 13.38
C GLY A 129 -6.13 -10.44 12.33
N ILE A 130 -5.09 -9.98 11.63
CA ILE A 130 -4.47 -10.65 10.52
C ILE A 130 -3.47 -11.68 11.03
N GLN A 131 -3.60 -12.93 10.56
CA GLN A 131 -2.76 -14.05 10.91
C GLN A 131 -1.69 -14.34 9.87
N SER A 132 -2.00 -14.17 8.57
CA SER A 132 -1.04 -14.33 7.50
C SER A 132 -1.44 -13.58 6.23
N LEU A 133 -0.46 -13.37 5.33
CA LEU A 133 -0.65 -12.91 3.97
C LEU A 133 -0.28 -14.00 2.99
N ASP A 134 -1.04 -14.18 1.91
CA ASP A 134 -0.65 -15.04 0.81
C ASP A 134 0.44 -14.43 -0.05
N LEU A 135 1.23 -15.30 -0.70
CA LEU A 135 2.14 -14.94 -1.77
C LEU A 135 1.67 -15.35 -3.16
N ALA A 136 0.58 -16.12 -3.26
CA ALA A 136 -0.09 -16.39 -4.51
C ALA A 136 -1.02 -15.25 -4.91
N TYR A 137 -0.96 -14.84 -6.18
CA TYR A 137 -1.73 -13.76 -6.76
C TYR A 137 -2.00 -13.99 -8.24
N LYS A 138 -2.98 -13.29 -8.81
CA LYS A 138 -3.41 -13.42 -10.19
C LYS A 138 -3.67 -12.07 -10.83
N ASP A 139 -3.43 -11.96 -12.14
CA ASP A 139 -3.79 -10.82 -12.96
C ASP A 139 -5.30 -10.61 -13.00
N VAL A 140 -5.73 -9.36 -12.79
CA VAL A 140 -7.11 -8.95 -12.79
C VAL A 140 -7.37 -7.62 -13.51
N ASN A 141 -6.37 -6.75 -13.61
CA ASN A 141 -6.36 -5.54 -14.41
C ASN A 141 -7.60 -4.67 -14.30
N LYS A 142 -8.10 -4.48 -13.07
CA LYS A 142 -9.34 -3.80 -12.74
C LYS A 142 -9.17 -2.29 -12.67
N ASN A 143 -10.08 -1.54 -13.30
CA ASN A 143 -10.21 -0.11 -13.12
C ASN A 143 -10.88 0.22 -11.79
N LEU A 144 -10.33 1.15 -11.02
CA LEU A 144 -10.85 1.61 -9.75
C LEU A 144 -11.47 3.00 -9.82
N GLY A 145 -11.44 3.65 -10.98
CA GLY A 145 -11.90 5.00 -11.24
C GLY A 145 -10.87 6.08 -10.97
N ASN A 146 -11.12 7.28 -11.51
CA ASN A 146 -10.32 8.48 -11.34
C ASN A 146 -8.86 8.36 -11.75
N GLY A 147 -8.49 7.35 -12.54
CA GLY A 147 -7.14 7.05 -12.97
C GLY A 147 -6.43 5.95 -12.18
N ASN A 148 -7.11 5.29 -11.23
CA ASN A 148 -6.54 4.25 -10.39
C ASN A 148 -6.79 2.86 -10.97
N THR A 149 -5.85 1.94 -10.77
CA THR A 149 -5.87 0.60 -11.33
C THR A 149 -5.37 -0.42 -10.32
N LEU A 150 -6.01 -1.60 -10.27
CA LEU A 150 -5.56 -2.79 -9.59
C LEU A 150 -5.09 -3.82 -10.61
N ALA A 151 -3.78 -4.09 -10.65
CA ALA A 151 -3.20 -4.98 -11.65
C ALA A 151 -3.36 -6.45 -11.31
N GLN A 152 -2.91 -6.84 -10.11
CA GLN A 152 -2.81 -8.21 -9.66
C GLN A 152 -3.31 -8.34 -8.22
N GLN A 153 -4.04 -9.40 -7.90
CA GLN A 153 -4.74 -9.58 -6.64
C GLN A 153 -4.47 -10.95 -6.03
N GLY A 154 -4.26 -10.97 -4.72
CA GLY A 154 -4.20 -12.12 -3.83
C GLY A 154 -5.07 -11.93 -2.60
N SER A 155 -4.68 -12.51 -1.46
CA SER A 155 -5.49 -12.59 -0.27
C SER A 155 -4.68 -12.53 1.02
N TYR A 156 -5.35 -12.23 2.14
CA TYR A 156 -4.86 -12.41 3.49
C TYR A 156 -5.86 -13.15 4.36
N THR A 157 -5.39 -13.75 5.46
CA THR A 157 -6.15 -14.58 6.36
C THR A 157 -6.14 -14.02 7.78
N LYS A 158 -7.29 -14.04 8.45
CA LYS A 158 -7.49 -13.57 9.81
C LYS A 158 -7.58 -14.68 10.85
N THR A 159 -7.40 -14.33 12.12
CA THR A 159 -7.46 -15.21 13.27
C THR A 159 -8.81 -15.90 13.44
N ASN A 160 -9.91 -15.23 13.10
CA ASN A 160 -11.25 -15.80 13.13
C ASN A 160 -11.57 -16.71 11.96
N GLY A 161 -10.63 -16.95 11.05
CA GLY A 161 -10.77 -17.81 9.88
C GLY A 161 -11.25 -17.11 8.61
N THR A 162 -11.61 -15.83 8.66
CA THR A 162 -12.02 -15.08 7.49
C THR A 162 -10.86 -14.67 6.61
N THR A 163 -11.15 -14.47 5.31
CA THR A 163 -10.22 -14.04 4.29
C THR A 163 -10.75 -12.83 3.52
N ALA A 164 -9.85 -11.99 3.00
CA ALA A 164 -10.18 -10.85 2.17
C ALA A 164 -9.05 -10.52 1.21
N LYS A 165 -9.37 -9.77 0.15
CA LYS A 165 -8.46 -9.50 -0.95
C LYS A 165 -7.39 -8.48 -0.60
N MET A 166 -6.24 -8.59 -1.27
CA MET A 166 -5.18 -7.60 -1.31
C MET A 166 -4.53 -7.57 -2.68
N GLY A 167 -3.90 -6.47 -3.10
CA GLY A 167 -3.41 -6.36 -4.45
C GLY A 167 -2.56 -5.15 -4.82
N ASP A 168 -1.91 -5.27 -5.98
CA ASP A 168 -1.01 -4.30 -6.58
C ASP A 168 -1.78 -3.15 -7.20
N LEU A 169 -1.62 -1.95 -6.64
CA LEU A 169 -2.29 -0.74 -7.06
C LEU A 169 -1.33 0.23 -7.75
N LEU A 170 -1.75 0.69 -8.93
CA LEU A 170 -1.16 1.79 -9.65
C LEU A 170 -2.04 3.02 -9.43
N LEU A 171 -1.52 4.01 -8.69
CA LEU A 171 -2.28 5.17 -8.27
C LEU A 171 -2.42 6.19 -9.40
N ALA A 172 -3.51 6.94 -9.38
CA ALA A 172 -3.73 8.05 -10.30
C ALA A 172 -2.63 9.10 -10.15
N ALA A 173 -2.07 9.51 -11.29
CA ALA A 173 -1.00 10.49 -11.43
C ALA A 173 -1.35 11.53 -12.47
N ASP A 174 -0.79 12.75 -12.35
CA ASP A 174 -1.19 13.88 -13.17
C ASP A 174 -0.75 13.76 -14.62
N ASN A 175 -1.52 14.37 -15.52
CA ASN A 175 -1.37 14.31 -16.96
C ASN A 175 -1.33 12.91 -17.54
N LEU A 176 -2.08 11.97 -16.94
CA LEU A 176 -2.05 10.55 -17.25
C LEU A 176 -3.43 9.96 -17.48
N HIS A 177 -4.46 10.38 -16.74
CA HIS A 177 -5.84 10.05 -17.00
C HIS A 177 -6.49 11.02 -17.99
N SER A 178 -5.95 12.22 -18.13
CA SER A 178 -6.25 13.15 -19.19
C SER A 178 -5.96 12.59 -20.58
N ARG A 179 -5.09 11.58 -20.68
CA ARG A 179 -4.77 10.88 -21.91
C ARG A 179 -5.90 10.04 -22.46
N PHE A 180 -6.99 9.85 -21.71
CA PHE A 180 -8.16 9.07 -22.05
C PHE A 180 -9.43 9.91 -21.98
N LEU A 181 -9.40 11.13 -22.51
CA LEU A 181 -10.43 12.14 -22.35
C LEU A 181 -11.11 12.57 -23.64
N GLU A 182 -10.43 12.49 -24.79
CA GLU A 182 -10.94 12.85 -26.09
C GLU A 182 -10.94 11.71 -27.10
CA CA B . -13.02 -1.91 1.05
CA CA C . 11.13 6.66 7.72
CA CA D . 6.31 -18.52 6.08
CA CA E . -1.34 11.81 7.17
CA CA F . 3.29 -2.62 -9.16
N GLY A 1 2.78 10.03 -9.30
CA GLY A 1 2.06 8.75 -9.15
C GLY A 1 3.00 7.65 -8.67
N SER A 2 2.45 6.57 -8.12
CA SER A 2 3.22 5.47 -7.54
C SER A 2 2.48 4.14 -7.61
N ASP A 3 3.24 3.04 -7.64
CA ASP A 3 2.76 1.67 -7.60
C ASP A 3 2.87 1.11 -6.20
N ALA A 4 1.85 0.39 -5.72
CA ALA A 4 1.69 0.02 -4.33
C ALA A 4 1.03 -1.35 -4.11
N LEU A 5 1.11 -1.87 -2.89
CA LEU A 5 0.27 -2.93 -2.38
C LEU A 5 -0.67 -2.42 -1.29
N ALA A 6 -1.94 -2.80 -1.40
CA ALA A 6 -3.02 -2.37 -0.52
C ALA A 6 -3.78 -3.54 0.08
N LEU A 7 -4.28 -3.39 1.30
CA LEU A 7 -5.13 -4.33 2.01
C LEU A 7 -6.48 -3.71 2.30
N ASP A 8 -7.54 -4.49 2.16
CA ASP A 8 -8.87 -4.13 2.61
C ASP A 8 -9.13 -4.77 3.97
N LEU A 9 -9.29 -3.96 5.02
CA LEU A 9 -9.39 -4.41 6.38
C LEU A 9 -10.67 -5.16 6.70
N ASP A 10 -11.71 -5.04 5.85
CA ASP A 10 -12.96 -5.76 5.92
C ASP A 10 -13.20 -6.74 4.78
N GLY A 11 -12.28 -6.82 3.82
CA GLY A 11 -12.34 -7.64 2.64
C GLY A 11 -13.34 -7.24 1.56
N ASP A 12 -13.93 -6.04 1.61
CA ASP A 12 -15.06 -5.72 0.75
C ASP A 12 -14.68 -5.42 -0.69
N GLY A 13 -13.51 -4.84 -0.93
CA GLY A 13 -13.01 -4.41 -2.23
C GLY A 13 -12.21 -3.12 -2.09
N ILE A 14 -11.00 -3.07 -2.68
CA ILE A 14 -10.08 -1.96 -2.50
C ILE A 14 -10.61 -0.72 -3.19
N GLU A 15 -10.61 0.41 -2.49
CA GLU A 15 -11.13 1.69 -2.91
C GLU A 15 -10.08 2.80 -2.96
N THR A 16 -10.28 3.76 -3.86
CA THR A 16 -9.39 4.90 -4.07
C THR A 16 -10.12 6.21 -4.30
N VAL A 17 -9.40 7.32 -4.09
CA VAL A 17 -9.84 8.69 -4.18
C VAL A 17 -8.79 9.58 -4.83
N ALA A 18 -9.15 10.82 -5.16
CA ALA A 18 -8.20 11.90 -5.29
C ALA A 18 -7.77 12.42 -3.92
N THR A 19 -6.69 13.18 -3.80
CA THR A 19 -6.20 13.64 -2.52
C THR A 19 -6.91 14.88 -2.00
N LYS A 20 -7.16 14.90 -0.70
CA LYS A 20 -7.88 15.88 0.08
C LYS A 20 -9.31 16.14 -0.37
N GLY A 21 -10.10 16.85 0.45
CA GLY A 21 -11.42 17.35 0.08
C GLY A 21 -12.55 16.34 0.00
N PHE A 22 -12.41 15.15 0.57
CA PHE A 22 -13.44 14.14 0.61
C PHE A 22 -13.73 13.61 2.01
N SER A 23 -12.75 13.60 2.92
CA SER A 23 -12.90 13.37 4.33
C SER A 23 -12.49 14.57 5.19
N GLY A 24 -12.00 15.65 4.57
CA GLY A 24 -11.65 16.89 5.21
C GLY A 24 -10.80 17.79 4.32
N SER A 25 -10.81 19.09 4.59
CA SER A 25 -10.09 20.10 3.81
C SER A 25 -8.96 20.77 4.57
N LEU A 26 -8.51 20.21 5.69
CA LEU A 26 -7.30 20.61 6.39
C LEU A 26 -6.12 20.63 5.43
N PHE A 27 -5.39 21.75 5.37
CA PHE A 27 -4.31 21.97 4.43
C PHE A 27 -4.64 21.75 2.97
N ASP A 28 -5.92 21.84 2.57
CA ASP A 28 -6.35 21.84 1.19
C ASP A 28 -6.34 23.26 0.65
N HIS A 29 -5.69 23.47 -0.50
CA HIS A 29 -5.55 24.74 -1.17
C HIS A 29 -6.57 25.00 -2.27
N ASN A 30 -7.34 23.99 -2.68
CA ASN A 30 -8.35 24.04 -3.71
C ASN A 30 -7.91 24.67 -5.01
N ARG A 31 -6.64 24.51 -5.40
CA ARG A 31 -6.09 25.06 -6.63
C ARG A 31 -6.53 24.32 -7.87
N ASP A 32 -7.10 23.12 -7.73
CA ASP A 32 -7.61 22.27 -8.78
C ASP A 32 -8.97 21.67 -8.42
N GLY A 33 -9.94 21.75 -9.33
CA GLY A 33 -11.22 21.09 -9.25
C GLY A 33 -11.24 19.67 -9.82
N ILE A 34 -10.28 19.29 -10.66
CA ILE A 34 -10.26 18.04 -11.39
C ILE A 34 -9.58 16.93 -10.61
N ARG A 35 -8.39 17.20 -10.07
CA ARG A 35 -7.59 16.37 -9.18
C ARG A 35 -7.12 15.02 -9.70
N THR A 36 -7.33 14.71 -10.98
CA THR A 36 -6.86 13.50 -11.62
C THR A 36 -5.35 13.41 -11.79
N ALA A 37 -4.59 14.43 -11.39
CA ALA A 37 -3.16 14.42 -11.19
C ALA A 37 -2.71 13.83 -9.86
N THR A 38 -3.64 13.44 -8.98
CA THR A 38 -3.40 12.96 -7.64
C THR A 38 -4.25 11.73 -7.33
N GLY A 39 -3.81 10.89 -6.39
CA GLY A 39 -4.54 9.72 -5.98
C GLY A 39 -4.09 9.12 -4.66
N TRP A 40 -5.01 8.49 -3.91
CA TRP A 40 -4.76 7.70 -2.72
C TRP A 40 -5.79 6.64 -2.51
N VAL A 41 -5.59 5.74 -1.54
CA VAL A 41 -6.60 4.79 -1.08
C VAL A 41 -7.60 5.44 -0.15
N SER A 42 -8.86 4.99 -0.17
CA SER A 42 -9.90 5.50 0.69
C SER A 42 -9.64 5.18 2.16
N ALA A 43 -10.25 5.96 3.06
CA ALA A 43 -10.07 5.87 4.50
C ALA A 43 -10.33 4.48 5.07
N ASP A 44 -11.27 3.74 4.47
CA ASP A 44 -11.66 2.39 4.79
C ASP A 44 -10.59 1.33 4.60
N ASP A 45 -9.61 1.56 3.73
CA ASP A 45 -8.56 0.64 3.33
C ASP A 45 -7.18 1.20 3.63
N GLY A 46 -6.09 0.44 3.37
CA GLY A 46 -4.75 0.89 3.69
C GLY A 46 -3.62 0.23 2.89
N LEU A 47 -2.41 0.76 3.03
CA LEU A 47 -1.23 0.33 2.31
C LEU A 47 -0.25 -0.45 3.19
N LEU A 48 0.51 -1.37 2.60
CA LEU A 48 1.45 -2.24 3.29
C LEU A 48 2.85 -1.62 3.39
N VAL A 49 3.32 -1.38 4.61
CA VAL A 49 4.47 -0.57 4.92
C VAL A 49 5.34 -1.16 6.01
N ARG A 50 6.66 -0.89 5.98
CA ARG A 50 7.58 -1.19 7.05
C ARG A 50 8.77 -0.22 7.05
N ASP A 51 9.24 0.16 8.25
CA ASP A 51 10.29 1.15 8.39
C ASP A 51 11.66 0.54 8.12
N LEU A 52 12.31 1.00 7.03
CA LEU A 52 13.62 0.54 6.63
C LEU A 52 14.72 1.15 7.48
N ASN A 53 14.40 1.97 8.48
CA ASN A 53 15.29 2.45 9.51
C ASN A 53 15.03 1.82 10.89
N GLY A 54 14.00 1.02 11.06
CA GLY A 54 13.78 0.22 12.25
C GLY A 54 13.26 0.91 13.50
N ASN A 55 12.59 2.06 13.39
CA ASN A 55 11.88 2.72 14.47
C ASN A 55 10.37 2.66 14.30
N GLY A 56 9.86 2.02 13.25
CA GLY A 56 8.44 1.92 12.93
C GLY A 56 7.84 3.14 12.25
N ILE A 57 8.66 4.13 11.87
CA ILE A 57 8.23 5.40 11.32
C ILE A 57 8.36 5.40 9.80
N ILE A 58 7.23 5.64 9.11
CA ILE A 58 7.13 5.63 7.67
C ILE A 58 7.16 7.05 7.15
N ASP A 59 8.07 7.36 6.23
CA ASP A 59 8.24 8.70 5.68
C ASP A 59 8.85 8.73 4.29
N ASN A 60 9.56 7.67 3.88
CA ASN A 60 10.22 7.57 2.59
C ASN A 60 9.46 6.66 1.63
N GLY A 61 9.46 6.97 0.34
CA GLY A 61 8.68 6.29 -0.66
C GLY A 61 9.00 4.80 -0.81
N ALA A 62 10.26 4.40 -0.60
CA ALA A 62 10.68 3.02 -0.71
C ALA A 62 10.26 2.13 0.45
N GLU A 63 9.71 2.68 1.52
CA GLU A 63 9.27 1.96 2.70
C GLU A 63 7.92 1.28 2.49
N LEU A 64 7.15 1.76 1.50
CA LEU A 64 5.94 1.16 0.97
C LEU A 64 6.28 0.03 0.01
N PHE A 65 5.58 -1.11 0.12
CA PHE A 65 5.68 -2.17 -0.86
C PHE A 65 5.00 -1.80 -2.17
N GLY A 66 5.68 -2.05 -3.29
CA GLY A 66 5.29 -1.69 -4.64
C GLY A 66 6.46 -1.85 -5.59
N ASP A 67 6.26 -1.64 -6.91
CA ASP A 67 7.30 -1.92 -7.90
C ASP A 67 8.51 -0.99 -7.84
N ASN A 68 8.49 0.06 -7.01
CA ASN A 68 9.62 0.90 -6.71
C ASN A 68 9.98 0.89 -5.22
N THR A 69 9.64 -0.18 -4.51
CA THR A 69 10.09 -0.42 -3.17
C THR A 69 11.57 -0.81 -3.14
N LYS A 70 12.22 -0.69 -1.99
CA LYS A 70 13.54 -1.22 -1.74
C LYS A 70 13.48 -2.57 -1.04
N LEU A 71 14.48 -3.41 -1.31
CA LEU A 71 14.77 -4.66 -0.63
C LEU A 71 15.57 -4.42 0.64
N ALA A 72 15.77 -5.46 1.46
CA ALA A 72 16.52 -5.35 2.70
C ALA A 72 17.91 -4.78 2.55
N ASP A 73 18.60 -5.00 1.43
CA ASP A 73 19.93 -4.50 1.20
C ASP A 73 19.99 -3.06 0.69
N GLY A 74 18.85 -2.47 0.32
CA GLY A 74 18.75 -1.14 -0.23
C GLY A 74 18.64 -1.05 -1.75
N SER A 75 18.72 -2.15 -2.50
CA SER A 75 18.42 -2.16 -3.92
C SER A 75 16.93 -2.00 -4.18
N PHE A 76 16.54 -1.29 -5.24
CA PHE A 76 15.17 -1.22 -5.69
C PHE A 76 14.72 -2.52 -6.35
N ALA A 77 13.45 -2.88 -6.17
CA ALA A 77 12.87 -4.13 -6.64
C ALA A 77 12.25 -4.05 -8.02
N LYS A 78 11.91 -5.22 -8.57
CA LYS A 78 11.24 -5.40 -9.84
C LYS A 78 9.72 -5.31 -9.73
N HIS A 79 9.16 -5.93 -8.70
CA HIS A 79 7.74 -5.96 -8.38
C HIS A 79 7.50 -5.86 -6.88
N GLY A 80 6.42 -5.25 -6.45
CA GLY A 80 6.05 -5.14 -5.05
C GLY A 80 5.87 -6.48 -4.36
N TYR A 81 5.18 -7.42 -5.01
CA TYR A 81 5.02 -8.76 -4.47
C TYR A 81 6.31 -9.57 -4.46
N ALA A 82 7.23 -9.35 -5.39
CA ALA A 82 8.51 -10.02 -5.43
C ALA A 82 9.45 -9.55 -4.33
N ALA A 83 9.30 -8.32 -3.86
CA ALA A 83 9.95 -7.82 -2.65
C ALA A 83 9.31 -8.38 -1.39
N LEU A 84 7.99 -8.54 -1.35
CA LEU A 84 7.27 -9.12 -0.24
C LEU A 84 7.59 -10.60 -0.03
N ALA A 85 7.84 -11.34 -1.13
CA ALA A 85 8.24 -12.74 -1.10
C ALA A 85 9.56 -13.00 -0.42
N GLU A 86 10.41 -12.00 -0.21
CA GLU A 86 11.70 -12.15 0.45
C GLU A 86 11.58 -12.50 1.93
N LEU A 87 10.46 -12.20 2.57
CA LEU A 87 10.27 -12.30 4.00
C LEU A 87 10.05 -13.74 4.49
N ASP A 88 9.79 -14.69 3.61
CA ASP A 88 9.44 -16.06 3.99
C ASP A 88 10.64 -16.83 4.54
N SER A 89 10.50 -17.36 5.76
CA SER A 89 11.54 -18.04 6.48
C SER A 89 11.62 -19.55 6.27
N ASN A 90 10.47 -20.20 6.11
CA ASN A 90 10.32 -21.65 6.05
C ASN A 90 9.91 -22.18 4.67
N GLY A 91 9.58 -21.30 3.71
CA GLY A 91 9.26 -21.69 2.35
C GLY A 91 7.84 -22.19 2.16
N ASP A 92 6.89 -21.80 3.02
CA ASP A 92 5.50 -22.18 2.92
C ASP A 92 4.73 -21.33 1.92
N ASN A 93 5.35 -20.32 1.32
CA ASN A 93 4.78 -19.37 0.38
C ASN A 93 3.73 -18.45 0.98
N ILE A 94 3.75 -18.23 2.30
CA ILE A 94 2.96 -17.23 2.99
C ILE A 94 3.82 -16.41 3.94
N ILE A 95 3.52 -15.11 4.04
CA ILE A 95 4.18 -14.21 4.98
C ILE A 95 3.28 -14.12 6.21
N ASN A 96 3.71 -14.74 7.31
CA ASN A 96 2.89 -14.97 8.49
C ASN A 96 3.64 -14.74 9.79
N ALA A 97 2.92 -14.76 10.92
CA ALA A 97 3.42 -14.36 12.21
C ALA A 97 4.69 -15.06 12.71
N ALA A 98 5.03 -16.25 12.17
CA ALA A 98 6.24 -16.97 12.48
C ALA A 98 7.46 -16.56 11.67
N ASP A 99 7.32 -15.81 10.59
CA ASP A 99 8.41 -15.13 9.91
C ASP A 99 8.85 -13.90 10.70
N ALA A 100 10.16 -13.69 10.90
CA ALA A 100 10.66 -12.68 11.80
C ALA A 100 10.27 -11.26 11.42
N ALA A 101 10.15 -10.98 10.12
CA ALA A 101 9.74 -9.69 9.60
C ALA A 101 8.30 -9.32 9.90
N PHE A 102 7.43 -10.26 10.27
CA PHE A 102 6.02 -9.99 10.47
C PHE A 102 5.75 -9.05 11.64
N GLN A 103 6.59 -9.06 12.67
CA GLN A 103 6.42 -8.23 13.86
C GLN A 103 6.75 -6.76 13.64
N SER A 104 7.42 -6.39 12.55
CA SER A 104 7.67 -5.02 12.16
C SER A 104 6.84 -4.56 10.98
N LEU A 105 6.01 -5.43 10.41
CA LEU A 105 5.18 -5.16 9.24
C LEU A 105 3.88 -4.49 9.65
N ARG A 106 3.54 -3.38 8.99
CA ARG A 106 2.47 -2.47 9.35
C ARG A 106 1.58 -2.11 8.17
N VAL A 107 0.40 -1.56 8.46
CA VAL A 107 -0.56 -1.05 7.51
C VAL A 107 -0.86 0.42 7.83
N TRP A 108 -0.93 1.25 6.80
CA TRP A 108 -1.20 2.68 6.86
C TRP A 108 -2.59 2.99 6.35
N GLN A 109 -3.46 3.52 7.23
CA GLN A 109 -4.76 4.06 6.90
C GLN A 109 -4.77 5.56 7.17
N ASP A 110 -4.63 6.37 6.11
CA ASP A 110 -4.58 7.81 6.19
C ASP A 110 -5.92 8.38 6.64
N LEU A 111 -5.91 9.38 7.54
CA LEU A 111 -7.12 9.98 8.06
C LEU A 111 -7.73 11.03 7.14
N ASN A 112 -6.92 11.72 6.33
CA ASN A 112 -7.35 12.74 5.41
C ASN A 112 -7.22 12.35 3.94
N GLN A 113 -6.51 11.27 3.66
CA GLN A 113 -6.17 10.80 2.32
C GLN A 113 -5.42 11.86 1.53
N ASP A 114 -4.34 12.39 2.12
CA ASP A 114 -3.37 13.22 1.45
C ASP A 114 -2.14 12.47 1.00
N GLY A 115 -1.88 11.27 1.53
CA GLY A 115 -0.74 10.46 1.15
C GLY A 115 0.57 10.97 1.73
N ILE A 116 0.50 11.74 2.82
CA ILE A 116 1.63 12.16 3.63
C ILE A 116 1.50 11.41 4.96
N SER A 117 2.53 10.66 5.35
CA SER A 117 2.47 9.70 6.44
C SER A 117 2.81 10.28 7.80
N GLN A 118 2.07 9.81 8.82
CA GLN A 118 2.32 10.07 10.22
C GLN A 118 2.13 8.79 11.04
N ALA A 119 2.91 8.61 12.10
CA ALA A 119 2.92 7.40 12.90
C ALA A 119 1.56 7.03 13.49
N ASN A 120 0.72 8.02 13.81
CA ASN A 120 -0.63 7.82 14.29
C ASN A 120 -1.56 7.15 13.27
N GLU A 121 -1.21 7.11 12.00
CA GLU A 121 -1.97 6.50 10.93
C GLU A 121 -1.60 5.04 10.68
N LEU A 122 -0.64 4.50 11.43
CA LEU A 122 -0.10 3.17 11.30
C LEU A 122 -0.76 2.18 12.28
N ARG A 123 -0.77 0.90 11.94
CA ARG A 123 -1.09 -0.20 12.82
C ARG A 123 -0.38 -1.48 12.41
N THR A 124 -0.10 -2.40 13.35
CA THR A 124 0.53 -3.66 13.09
C THR A 124 -0.45 -4.73 12.63
N LEU A 125 0.01 -5.72 11.86
CA LEU A 125 -0.80 -6.82 11.40
C LEU A 125 -1.35 -7.65 12.56
N GLU A 126 -0.56 -7.88 13.61
CA GLU A 126 -0.97 -8.66 14.76
C GLU A 126 -2.02 -7.96 15.60
N GLU A 127 -1.97 -6.63 15.71
CA GLU A 127 -3.00 -5.84 16.36
C GLU A 127 -4.27 -5.74 15.54
N LEU A 128 -4.18 -5.80 14.20
CA LEU A 128 -5.30 -5.89 13.28
C LEU A 128 -5.93 -7.28 13.21
N GLY A 129 -5.33 -8.30 13.84
CA GLY A 129 -5.81 -9.68 13.77
C GLY A 129 -5.51 -10.40 12.48
N ILE A 130 -4.53 -9.93 11.71
CA ILE A 130 -4.08 -10.51 10.46
C ILE A 130 -2.99 -11.53 10.76
N GLN A 131 -3.13 -12.74 10.22
CA GLN A 131 -2.28 -13.87 10.54
C GLN A 131 -1.30 -14.23 9.43
N SER A 132 -1.73 -14.15 8.17
CA SER A 132 -0.89 -14.45 7.02
C SER A 132 -1.32 -13.74 5.74
N LEU A 133 -0.36 -13.43 4.89
CA LEU A 133 -0.51 -12.91 3.55
C LEU A 133 -0.12 -13.97 2.53
N ASP A 134 -0.93 -14.16 1.48
CA ASP A 134 -0.60 -15.03 0.38
C ASP A 134 0.24 -14.32 -0.66
N LEU A 135 1.29 -14.97 -1.18
CA LEU A 135 2.13 -14.45 -2.23
C LEU A 135 1.58 -14.66 -3.63
N ALA A 136 0.60 -15.54 -3.83
CA ALA A 136 -0.01 -15.77 -5.13
C ALA A 136 -1.01 -14.70 -5.52
N TYR A 137 -1.09 -14.38 -6.82
CA TYR A 137 -1.93 -13.34 -7.38
C TYR A 137 -2.62 -13.77 -8.68
N LYS A 138 -3.68 -13.04 -9.03
CA LYS A 138 -4.38 -13.08 -10.30
C LYS A 138 -4.60 -11.67 -10.80
N ASP A 139 -4.56 -11.44 -12.11
CA ASP A 139 -4.84 -10.14 -12.69
C ASP A 139 -6.33 -9.86 -12.81
N VAL A 140 -6.68 -8.58 -12.74
CA VAL A 140 -8.03 -8.07 -12.80
C VAL A 140 -8.17 -6.85 -13.71
N ASN A 141 -7.14 -6.03 -13.84
CA ASN A 141 -7.04 -4.92 -14.75
C ASN A 141 -8.25 -4.01 -14.77
N LYS A 142 -8.55 -3.41 -13.61
CA LYS A 142 -9.74 -2.60 -13.35
C LYS A 142 -9.41 -1.15 -13.08
N ASN A 143 -10.24 -0.25 -13.61
CA ASN A 143 -10.28 1.15 -13.24
C ASN A 143 -11.13 1.36 -11.99
N LEU A 144 -10.69 2.25 -11.11
CA LEU A 144 -11.31 2.56 -9.84
C LEU A 144 -11.95 3.94 -9.80
N GLY A 145 -12.02 4.63 -10.92
CA GLY A 145 -12.28 6.06 -11.02
C GLY A 145 -11.05 6.92 -10.74
N ASN A 146 -11.10 8.21 -11.11
CA ASN A 146 -10.01 9.15 -10.97
C ASN A 146 -8.72 8.76 -11.69
N GLY A 147 -8.74 7.73 -12.53
CA GLY A 147 -7.58 7.12 -13.15
C GLY A 147 -6.68 6.32 -12.20
N ASN A 148 -7.14 6.00 -11.00
CA ASN A 148 -6.51 5.01 -10.15
C ASN A 148 -6.89 3.61 -10.62
N THR A 149 -5.96 2.65 -10.52
CA THR A 149 -6.04 1.40 -11.24
C THR A 149 -5.60 0.21 -10.40
N LEU A 150 -6.32 -0.91 -10.48
CA LEU A 150 -6.02 -2.18 -9.85
C LEU A 150 -5.56 -3.18 -10.88
N ALA A 151 -4.28 -3.60 -10.80
CA ALA A 151 -3.69 -4.56 -11.71
C ALA A 151 -3.96 -5.99 -11.31
N GLN A 152 -3.65 -6.33 -10.06
CA GLN A 152 -3.72 -7.67 -9.50
C GLN A 152 -4.52 -7.68 -8.21
N GLN A 153 -5.13 -8.83 -7.89
CA GLN A 153 -5.80 -9.07 -6.62
C GLN A 153 -5.36 -10.38 -5.99
N GLY A 154 -5.34 -10.40 -4.66
CA GLY A 154 -4.82 -11.43 -3.80
C GLY A 154 -5.57 -11.52 -2.49
N SER A 155 -5.08 -12.31 -1.53
CA SER A 155 -5.79 -12.68 -0.32
C SER A 155 -4.92 -12.75 0.93
N TYR A 156 -5.48 -12.34 2.06
CA TYR A 156 -4.92 -12.54 3.39
C TYR A 156 -5.88 -13.26 4.31
N THR A 157 -5.37 -13.86 5.38
CA THR A 157 -6.11 -14.64 6.34
C THR A 157 -6.01 -14.04 7.73
N LYS A 158 -7.12 -14.04 8.48
CA LYS A 158 -7.25 -13.51 9.82
C LYS A 158 -7.20 -14.59 10.90
N THR A 159 -6.95 -14.19 12.15
CA THR A 159 -6.91 -15.06 13.30
C THR A 159 -8.22 -15.78 13.61
N ASN A 160 -9.36 -15.22 13.21
CA ASN A 160 -10.65 -15.87 13.30
C ASN A 160 -10.96 -16.85 12.19
N GLY A 161 -9.98 -17.19 11.35
CA GLY A 161 -10.07 -18.17 10.28
C GLY A 161 -10.64 -17.64 8.96
N THR A 162 -11.21 -16.43 8.94
CA THR A 162 -11.76 -15.82 7.75
C THR A 162 -10.69 -15.23 6.85
N THR A 163 -11.03 -14.97 5.59
CA THR A 163 -10.17 -14.38 4.59
C THR A 163 -10.64 -13.00 4.15
N ALA A 164 -9.75 -12.21 3.54
CA ALA A 164 -10.03 -10.90 3.01
C ALA A 164 -9.09 -10.49 1.90
N LYS A 165 -9.48 -9.47 1.13
CA LYS A 165 -8.83 -9.06 -0.10
C LYS A 165 -7.62 -8.15 0.12
N MET A 166 -6.61 -8.33 -0.73
CA MET A 166 -5.52 -7.39 -0.94
C MET A 166 -5.26 -7.23 -2.44
N GLY A 167 -4.52 -6.18 -2.86
CA GLY A 167 -4.35 -5.90 -4.26
C GLY A 167 -3.20 -4.95 -4.60
N ASP A 168 -2.95 -4.85 -5.92
CA ASP A 168 -1.83 -4.16 -6.53
C ASP A 168 -2.32 -2.93 -7.29
N LEU A 169 -1.94 -1.75 -6.81
CA LEU A 169 -2.45 -0.48 -7.26
C LEU A 169 -1.42 0.36 -8.01
N LEU A 170 -1.90 1.15 -8.98
CA LEU A 170 -1.21 2.30 -9.52
C LEU A 170 -2.02 3.55 -9.22
N LEU A 171 -1.45 4.47 -8.42
CA LEU A 171 -2.06 5.72 -8.02
C LEU A 171 -1.71 6.85 -8.97
N ALA A 172 -2.68 7.70 -9.28
CA ALA A 172 -2.57 8.75 -10.28
C ALA A 172 -1.55 9.83 -9.88
N ALA A 173 -0.71 10.37 -10.78
CA ALA A 173 -0.60 10.15 -12.20
C ALA A 173 0.83 10.07 -12.68
N ASP A 174 1.04 9.64 -13.92
CA ASP A 174 2.34 9.37 -14.51
C ASP A 174 3.17 10.61 -14.76
N ASN A 175 4.48 10.51 -14.51
CA ASN A 175 5.47 11.57 -14.47
C ASN A 175 5.18 12.72 -13.52
N LEU A 176 4.09 12.67 -12.74
CA LEU A 176 3.72 13.68 -11.77
C LEU A 176 4.09 13.27 -10.35
N HIS A 177 4.03 14.23 -9.44
CA HIS A 177 4.47 14.15 -8.06
C HIS A 177 3.29 14.08 -7.08
N SER A 178 3.56 13.92 -5.79
CA SER A 178 2.58 14.08 -4.74
C SER A 178 2.17 15.52 -4.49
N ARG A 179 2.96 16.48 -4.97
CA ARG A 179 2.70 17.92 -4.96
C ARG A 179 2.09 18.38 -6.28
N PHE A 180 1.09 19.27 -6.20
CA PHE A 180 0.46 19.90 -7.33
C PHE A 180 0.08 21.33 -6.99
N LEU A 181 0.53 22.29 -7.81
CA LEU A 181 0.33 23.72 -7.68
C LEU A 181 0.79 24.33 -6.36
N GLU A 182 1.58 23.63 -5.55
CA GLU A 182 2.18 24.08 -4.30
C GLU A 182 3.50 23.40 -4.04
CA CA B . -12.98 -1.21 0.98
CA CA C . 11.78 5.75 7.96
CA CA D . 6.19 -18.37 6.27
CA CA E . -2.03 11.79 6.47
CA CA F . 2.68 -3.60 -9.34
N GLY A 1 7.26 6.71 -7.72
CA GLY A 1 6.83 5.31 -7.53
C GLY A 1 5.31 5.23 -7.35
N SER A 2 4.55 5.30 -8.44
CA SER A 2 3.12 5.49 -8.42
C SER A 2 2.29 4.26 -8.10
N ASP A 3 2.90 3.08 -7.94
CA ASP A 3 2.19 1.85 -7.65
C ASP A 3 2.77 1.11 -6.44
N ALA A 4 1.91 0.44 -5.67
CA ALA A 4 2.24 -0.22 -4.42
C ALA A 4 1.24 -1.30 -4.04
N LEU A 5 1.55 -2.11 -3.04
CA LEU A 5 0.67 -3.14 -2.51
C LEU A 5 -0.28 -2.60 -1.46
N ALA A 6 -1.57 -2.98 -1.56
CA ALA A 6 -2.64 -2.60 -0.67
C ALA A 6 -3.41 -3.80 -0.15
N LEU A 7 -4.15 -3.62 0.95
CA LEU A 7 -4.99 -4.60 1.61
C LEU A 7 -6.36 -4.04 1.92
N ASP A 8 -7.39 -4.86 1.81
CA ASP A 8 -8.75 -4.54 2.18
C ASP A 8 -9.00 -4.84 3.67
N LEU A 9 -9.39 -3.83 4.45
CA LEU A 9 -9.63 -3.94 5.87
C LEU A 9 -11.07 -4.33 6.21
N ASP A 10 -12.00 -4.26 5.26
CA ASP A 10 -13.43 -4.43 5.49
C ASP A 10 -13.99 -5.71 4.87
N GLY A 11 -13.28 -6.31 3.93
CA GLY A 11 -13.69 -7.53 3.27
C GLY A 11 -14.82 -7.35 2.26
N ASP A 12 -14.82 -6.23 1.53
CA ASP A 12 -15.79 -5.89 0.49
C ASP A 12 -15.15 -5.60 -0.84
N GLY A 13 -13.83 -5.39 -0.90
CA GLY A 13 -13.05 -4.99 -2.07
C GLY A 13 -12.10 -3.85 -1.77
N ILE A 14 -10.98 -3.79 -2.48
CA ILE A 14 -10.01 -2.73 -2.43
C ILE A 14 -10.59 -1.48 -3.09
N GLU A 15 -10.46 -0.33 -2.44
CA GLU A 15 -11.13 0.92 -2.78
C GLU A 15 -10.23 2.13 -2.66
N THR A 16 -10.46 3.16 -3.47
CA THR A 16 -9.62 4.32 -3.67
C THR A 16 -10.38 5.60 -3.87
N VAL A 17 -9.69 6.73 -3.69
CA VAL A 17 -10.14 8.09 -3.89
C VAL A 17 -9.02 8.96 -4.46
N ALA A 18 -9.27 10.22 -4.79
CA ALA A 18 -8.25 11.23 -4.87
C ALA A 18 -8.02 11.89 -3.52
N THR A 19 -6.81 12.44 -3.31
CA THR A 19 -6.37 13.04 -2.06
C THR A 19 -6.91 14.46 -1.85
N LYS A 20 -6.86 14.93 -0.60
CA LYS A 20 -7.11 16.30 -0.21
C LYS A 20 -5.85 17.14 -0.09
N GLY A 21 -6.00 18.46 -0.19
CA GLY A 21 -4.96 19.46 0.05
C GLY A 21 -5.06 20.68 -0.85
N PHE A 22 -4.20 21.67 -0.59
CA PHE A 22 -3.97 22.84 -1.41
C PHE A 22 -2.63 22.81 -2.11
N SER A 23 -1.72 21.94 -1.68
CA SER A 23 -0.36 21.78 -2.15
C SER A 23 0.05 20.31 -2.15
N GLY A 24 1.18 19.97 -2.78
CA GLY A 24 1.79 18.66 -2.78
C GLY A 24 0.95 17.58 -3.47
N SER A 25 0.08 16.91 -2.70
CA SER A 25 -0.91 15.98 -3.18
C SER A 25 -1.97 16.61 -4.07
N LEU A 26 -2.07 17.95 -4.07
CA LEU A 26 -2.70 18.75 -5.09
C LEU A 26 -1.60 19.28 -6.02
N PHE A 27 -1.73 19.05 -7.33
CA PHE A 27 -0.73 19.47 -8.30
C PHE A 27 -1.27 20.33 -9.43
N ASP A 28 -2.32 19.88 -10.14
CA ASP A 28 -3.04 20.62 -11.15
C ASP A 28 -2.20 21.27 -12.23
N HIS A 29 -1.05 20.69 -12.56
CA HIS A 29 0.01 21.31 -13.35
C HIS A 29 -0.44 21.83 -14.70
N ASN A 30 -1.35 21.12 -15.38
CA ASN A 30 -1.69 21.35 -16.77
C ASN A 30 -2.99 22.14 -16.94
N ARG A 31 -3.58 22.62 -15.85
CA ARG A 31 -4.77 23.44 -15.81
C ARG A 31 -5.97 22.83 -16.53
N ASP A 32 -6.06 21.50 -16.54
CA ASP A 32 -6.96 20.74 -17.39
C ASP A 32 -8.29 20.39 -16.73
N GLY A 33 -8.44 20.60 -15.43
CA GLY A 33 -9.59 20.21 -14.63
C GLY A 33 -9.76 18.70 -14.44
N ILE A 34 -8.77 17.90 -14.81
CA ILE A 34 -8.82 16.45 -14.87
C ILE A 34 -7.70 15.81 -14.06
N ARG A 35 -6.45 16.20 -14.29
CA ARG A 35 -5.27 15.67 -13.66
C ARG A 35 -4.85 16.59 -12.52
N THR A 36 -5.63 16.55 -11.44
CA THR A 36 -5.65 17.56 -10.41
C THR A 36 -4.93 17.13 -9.14
N ALA A 37 -5.22 15.92 -8.66
CA ALA A 37 -4.79 15.41 -7.37
C ALA A 37 -4.29 13.98 -7.44
N THR A 38 -3.44 13.61 -6.49
CA THR A 38 -2.92 12.25 -6.36
C THR A 38 -3.97 11.27 -5.87
N GLY A 39 -3.74 9.97 -6.06
CA GLY A 39 -4.62 8.91 -5.65
C GLY A 39 -4.23 8.27 -4.34
N TRP A 40 -5.21 7.79 -3.56
CA TRP A 40 -4.96 7.03 -2.34
C TRP A 40 -6.05 6.00 -2.08
N VAL A 41 -5.78 5.09 -1.13
CA VAL A 41 -6.75 4.13 -0.64
C VAL A 41 -7.82 4.79 0.21
N SER A 42 -9.02 4.22 0.24
CA SER A 42 -10.09 4.58 1.15
C SER A 42 -9.70 4.31 2.59
N ALA A 43 -10.33 4.94 3.57
CA ALA A 43 -10.15 4.60 4.98
C ALA A 43 -10.66 3.21 5.33
N ASP A 44 -11.37 2.58 4.39
CA ASP A 44 -11.91 1.23 4.38
C ASP A 44 -10.91 0.18 3.95
N ASP A 45 -9.67 0.60 3.69
CA ASP A 45 -8.54 -0.12 3.13
C ASP A 45 -7.22 0.43 3.66
N GLY A 46 -6.08 -0.13 3.27
CA GLY A 46 -4.78 0.31 3.70
C GLY A 46 -3.62 -0.07 2.78
N LEU A 47 -2.48 0.59 2.96
CA LEU A 47 -1.30 0.49 2.13
C LEU A 47 -0.16 -0.18 2.90
N LEU A 48 0.55 -1.12 2.28
CA LEU A 48 1.59 -1.91 2.91
C LEU A 48 2.92 -1.17 2.95
N VAL A 49 3.49 -0.99 4.15
CA VAL A 49 4.62 -0.12 4.42
C VAL A 49 5.55 -0.65 5.49
N ARG A 50 6.74 -0.08 5.61
CA ARG A 50 7.70 -0.28 6.66
C ARG A 50 8.50 0.98 6.94
N ASP A 51 8.74 1.32 8.21
CA ASP A 51 9.59 2.43 8.57
C ASP A 51 11.06 2.01 8.55
N LEU A 52 11.88 2.67 7.74
CA LEU A 52 13.28 2.38 7.51
C LEU A 52 14.23 3.28 8.28
N ASN A 53 13.76 4.23 9.08
CA ASN A 53 14.62 5.06 9.89
C ASN A 53 14.12 5.37 11.30
N GLY A 54 13.05 4.73 11.78
CA GLY A 54 12.62 4.75 13.15
C GLY A 54 11.89 6.00 13.63
N ASN A 55 11.55 6.92 12.72
CA ASN A 55 10.83 8.15 13.03
C ASN A 55 9.32 7.98 13.18
N GLY A 56 8.80 6.75 13.01
CA GLY A 56 7.43 6.39 13.24
C GLY A 56 6.46 6.71 12.10
N ILE A 57 6.95 7.28 11.00
CA ILE A 57 6.18 7.75 9.86
C ILE A 57 6.76 7.28 8.53
N ILE A 58 5.94 7.33 7.49
CA ILE A 58 6.25 6.97 6.13
C ILE A 58 6.52 8.24 5.33
N ASP A 59 7.78 8.47 4.94
CA ASP A 59 8.24 9.74 4.41
C ASP A 59 9.15 9.63 3.20
N ASN A 60 9.54 8.42 2.78
CA ASN A 60 10.35 8.20 1.61
C ASN A 60 9.82 7.06 0.75
N GLY A 61 9.97 7.15 -0.58
CA GLY A 61 9.44 6.19 -1.52
C GLY A 61 9.93 4.76 -1.36
N ALA A 62 11.05 4.54 -0.68
CA ALA A 62 11.56 3.21 -0.33
C ALA A 62 10.76 2.52 0.76
N GLU A 63 9.91 3.23 1.51
CA GLU A 63 9.19 2.74 2.67
C GLU A 63 7.87 2.04 2.34
N LEU A 64 7.44 2.09 1.07
CA LEU A 64 6.29 1.37 0.56
C LEU A 64 6.71 0.01 0.01
N PHE A 65 5.83 -0.98 0.04
CA PHE A 65 6.01 -2.22 -0.68
C PHE A 65 5.46 -2.15 -2.10
N GLY A 66 6.29 -2.52 -3.08
CA GLY A 66 5.93 -2.53 -4.49
C GLY A 66 7.10 -2.95 -5.38
N ASP A 67 7.08 -2.49 -6.64
CA ASP A 67 8.12 -2.78 -7.61
C ASP A 67 9.40 -2.03 -7.30
N ASN A 68 9.34 -0.88 -6.64
CA ASN A 68 10.50 -0.09 -6.27
C ASN A 68 11.21 -0.60 -5.03
N THR A 69 10.83 -1.77 -4.50
CA THR A 69 11.49 -2.41 -3.37
C THR A 69 12.83 -2.99 -3.80
N LYS A 70 13.90 -2.69 -3.06
CA LYS A 70 15.24 -3.22 -3.31
C LYS A 70 15.43 -4.55 -2.59
N LEU A 71 16.00 -5.54 -3.28
CA LEU A 71 16.13 -6.92 -2.86
C LEU A 71 17.49 -7.27 -2.28
N ALA A 72 17.64 -8.48 -1.74
CA ALA A 72 18.86 -8.99 -1.13
C ALA A 72 20.05 -9.11 -2.06
N ASP A 73 19.87 -9.09 -3.38
CA ASP A 73 20.93 -9.03 -4.36
C ASP A 73 21.20 -7.62 -4.88
N GLY A 74 20.55 -6.60 -4.31
CA GLY A 74 20.65 -5.21 -4.68
C GLY A 74 19.76 -4.78 -5.84
N SER A 75 19.05 -5.70 -6.51
CA SER A 75 18.15 -5.36 -7.59
C SER A 75 16.85 -4.75 -7.13
N PHE A 76 16.20 -3.95 -7.98
CA PHE A 76 14.83 -3.51 -7.77
C PHE A 76 13.85 -4.58 -8.23
N ALA A 77 12.74 -4.76 -7.48
CA ALA A 77 11.84 -5.88 -7.65
C ALA A 77 11.01 -5.82 -8.91
N LYS A 78 10.58 -6.99 -9.40
CA LYS A 78 9.52 -7.14 -10.37
C LYS A 78 8.21 -6.58 -9.83
N HIS A 79 7.95 -6.83 -8.55
CA HIS A 79 6.78 -6.47 -7.78
C HIS A 79 7.01 -6.76 -6.30
N GLY A 80 6.13 -6.26 -5.43
CA GLY A 80 6.25 -6.47 -4.00
C GLY A 80 6.16 -7.93 -3.58
N TYR A 81 5.54 -8.81 -4.36
CA TYR A 81 5.45 -10.22 -4.06
C TYR A 81 6.79 -10.93 -4.18
N ALA A 82 7.72 -10.45 -5.01
CA ALA A 82 9.08 -10.92 -5.11
C ALA A 82 9.95 -10.46 -3.95
N ALA A 83 9.63 -9.31 -3.35
CA ALA A 83 10.30 -8.80 -2.18
C ALA A 83 9.87 -9.51 -0.90
N LEU A 84 8.56 -9.74 -0.73
CA LEU A 84 8.01 -10.43 0.42
C LEU A 84 8.42 -11.88 0.49
N ALA A 85 8.57 -12.57 -0.65
CA ALA A 85 8.93 -13.98 -0.69
C ALA A 85 10.29 -14.28 -0.08
N GLU A 86 11.27 -13.39 -0.25
CA GLU A 86 12.59 -13.53 0.33
C GLU A 86 12.69 -13.10 1.78
N LEU A 87 11.70 -12.35 2.29
CA LEU A 87 11.65 -11.94 3.70
C LEU A 87 11.12 -13.05 4.59
N ASP A 88 10.37 -14.03 4.06
CA ASP A 88 9.89 -15.19 4.79
C ASP A 88 11.06 -16.02 5.34
N SER A 89 11.11 -16.18 6.66
CA SER A 89 12.14 -16.93 7.35
C SER A 89 12.03 -18.44 7.18
N ASN A 90 10.84 -18.93 6.80
CA ASN A 90 10.53 -20.33 6.64
C ASN A 90 10.46 -20.76 5.16
N GLY A 91 10.35 -19.83 4.22
CA GLY A 91 10.51 -20.07 2.80
C GLY A 91 9.35 -20.80 2.13
N ASP A 92 8.11 -20.46 2.46
CA ASP A 92 6.91 -21.13 2.00
C ASP A 92 6.00 -20.26 1.14
N ASN A 93 6.51 -19.12 0.67
CA ASN A 93 5.85 -18.12 -0.15
C ASN A 93 4.59 -17.52 0.45
N ILE A 94 4.47 -17.54 1.78
CA ILE A 94 3.43 -16.85 2.54
C ILE A 94 4.09 -16.12 3.70
N ILE A 95 3.76 -14.84 3.88
CA ILE A 95 4.13 -14.09 5.06
C ILE A 95 3.00 -14.27 6.08
N ASN A 96 3.27 -15.04 7.13
CA ASN A 96 2.32 -15.41 8.16
C ASN A 96 2.88 -15.16 9.56
N ALA A 97 2.01 -15.22 10.57
CA ALA A 97 2.26 -14.79 11.93
C ALA A 97 3.52 -15.35 12.57
N ALA A 98 3.96 -16.54 12.17
CA ALA A 98 5.20 -17.18 12.61
C ALA A 98 6.49 -16.54 12.14
N ASP A 99 6.47 -15.78 11.04
CA ASP A 99 7.65 -15.23 10.41
C ASP A 99 8.11 -13.94 11.05
N ALA A 100 9.43 -13.72 11.14
CA ALA A 100 10.00 -12.55 11.82
C ALA A 100 9.62 -11.23 11.18
N ALA A 101 9.56 -11.15 9.85
CA ALA A 101 9.20 -9.97 9.11
C ALA A 101 7.76 -9.52 9.33
N PHE A 102 6.87 -10.44 9.72
CA PHE A 102 5.49 -10.13 10.06
C PHE A 102 5.39 -9.11 11.18
N GLN A 103 6.37 -9.07 12.07
CA GLN A 103 6.47 -8.11 13.15
C GLN A 103 6.90 -6.73 12.70
N SER A 104 7.71 -6.63 11.65
CA SER A 104 8.26 -5.40 11.13
C SER A 104 7.31 -4.64 10.20
N LEU A 105 6.45 -5.37 9.47
CA LEU A 105 5.48 -4.80 8.57
C LEU A 105 4.46 -3.89 9.27
N ARG A 106 3.97 -2.87 8.56
CA ARG A 106 2.89 -2.01 8.97
C ARG A 106 1.91 -1.81 7.82
N VAL A 107 0.67 -1.47 8.14
CA VAL A 107 -0.35 -1.05 7.19
C VAL A 107 -0.78 0.37 7.52
N TRP A 108 -0.76 1.27 6.54
CA TRP A 108 -1.18 2.65 6.69
C TRP A 108 -2.67 2.75 6.34
N GLN A 109 -3.48 3.12 7.32
CA GLN A 109 -4.90 3.41 7.19
C GLN A 109 -5.13 4.89 7.44
N ASP A 110 -5.43 5.68 6.41
CA ASP A 110 -5.51 7.12 6.49
C ASP A 110 -6.95 7.61 6.45
N LEU A 111 -7.41 8.24 7.54
CA LEU A 111 -8.75 8.76 7.67
C LEU A 111 -8.96 10.07 6.93
N ASN A 112 -7.91 10.74 6.48
CA ASN A 112 -7.99 12.01 5.78
C ASN A 112 -7.57 11.96 4.32
N GLN A 113 -6.86 10.91 3.88
CA GLN A 113 -6.37 10.71 2.53
C GLN A 113 -5.69 11.95 1.95
N ASP A 114 -4.57 12.34 2.55
CA ASP A 114 -3.87 13.58 2.26
C ASP A 114 -2.48 13.38 1.67
N GLY A 115 -1.96 12.16 1.63
CA GLY A 115 -0.60 11.84 1.22
C GLY A 115 0.46 12.16 2.25
N ILE A 116 0.10 12.50 3.50
CA ILE A 116 1.00 12.86 4.56
C ILE A 116 0.84 11.86 5.69
N SER A 117 1.95 11.23 6.13
CA SER A 117 1.95 10.20 7.14
C SER A 117 1.91 10.79 8.56
N GLN A 118 1.11 10.18 9.42
CA GLN A 118 1.14 10.38 10.85
C GLN A 118 1.17 9.03 11.56
N ALA A 119 1.84 8.94 12.71
CA ALA A 119 2.12 7.69 13.38
C ALA A 119 0.87 6.93 13.83
N ASN A 120 -0.18 7.63 14.24
CA ASN A 120 -1.45 7.03 14.63
C ASN A 120 -2.15 6.27 13.51
N GLU A 121 -1.78 6.52 12.25
CA GLU A 121 -2.38 5.95 11.07
C GLU A 121 -1.75 4.61 10.70
N LEU A 122 -0.67 4.20 11.37
CA LEU A 122 -0.01 2.94 11.15
C LEU A 122 -0.58 1.86 12.07
N ARG A 123 -0.98 0.73 11.46
CA ARG A 123 -1.50 -0.45 12.10
C ARG A 123 -0.46 -1.55 12.06
N THR A 124 -0.32 -2.33 13.14
CA THR A 124 0.32 -3.63 13.11
C THR A 124 -0.57 -4.65 12.42
N LEU A 125 0.00 -5.76 11.93
CA LEU A 125 -0.80 -6.85 11.42
C LEU A 125 -1.58 -7.55 12.52
N GLU A 126 -1.02 -7.63 13.74
CA GLU A 126 -1.67 -8.27 14.87
C GLU A 126 -2.82 -7.48 15.47
N GLU A 127 -2.80 -6.14 15.52
CA GLU A 127 -3.95 -5.38 15.95
C GLU A 127 -5.13 -5.44 14.99
N LEU A 128 -4.87 -5.79 13.73
CA LEU A 128 -5.86 -6.09 12.72
C LEU A 128 -6.30 -7.55 12.73
N GLY A 129 -5.73 -8.40 13.58
CA GLY A 129 -6.06 -9.80 13.68
C GLY A 129 -5.64 -10.63 12.47
N ILE A 130 -4.63 -10.20 11.72
CA ILE A 130 -4.19 -10.85 10.51
C ILE A 130 -3.36 -12.08 10.85
N GLN A 131 -3.52 -13.15 10.06
CA GLN A 131 -2.86 -14.42 10.23
C GLN A 131 -1.84 -14.69 9.14
N SER A 132 -2.20 -14.50 7.87
CA SER A 132 -1.36 -14.84 6.73
C SER A 132 -1.68 -14.03 5.48
N LEU A 133 -0.64 -13.70 4.72
CA LEU A 133 -0.63 -12.99 3.46
C LEU A 133 -0.06 -13.90 2.38
N ASP A 134 -0.92 -14.51 1.56
CA ASP A 134 -0.52 -15.42 0.51
C ASP A 134 -0.05 -14.66 -0.72
N LEU A 135 1.20 -14.85 -1.12
CA LEU A 135 1.89 -14.04 -2.12
C LEU A 135 1.56 -14.40 -3.56
N ALA A 136 0.66 -15.34 -3.82
CA ALA A 136 0.12 -15.60 -5.14
C ALA A 136 -0.86 -14.53 -5.58
N TYR A 137 -0.96 -14.25 -6.87
CA TYR A 137 -1.84 -13.24 -7.42
C TYR A 137 -2.40 -13.58 -8.79
N LYS A 138 -3.58 -13.04 -9.07
CA LYS A 138 -4.36 -13.17 -10.30
C LYS A 138 -4.50 -11.81 -10.98
N ASP A 139 -4.47 -11.78 -12.31
CA ASP A 139 -4.78 -10.60 -13.11
C ASP A 139 -6.26 -10.26 -13.01
N VAL A 140 -6.57 -9.00 -12.73
CA VAL A 140 -7.94 -8.52 -12.61
C VAL A 140 -8.23 -7.22 -13.35
N ASN A 141 -7.22 -6.35 -13.51
CA ASN A 141 -7.21 -5.19 -14.38
C ASN A 141 -8.42 -4.28 -14.30
N LYS A 142 -8.81 -3.85 -13.10
CA LYS A 142 -9.96 -3.02 -12.83
C LYS A 142 -9.59 -1.54 -12.72
N ASN A 143 -10.45 -0.67 -13.26
CA ASN A 143 -10.46 0.74 -12.96
C ASN A 143 -11.23 0.96 -11.65
N LEU A 144 -10.64 1.67 -10.70
CA LEU A 144 -11.21 1.97 -9.40
C LEU A 144 -11.62 3.42 -9.22
N GLY A 145 -11.59 4.21 -10.30
CA GLY A 145 -11.97 5.61 -10.30
C GLY A 145 -10.86 6.55 -9.83
N ASN A 146 -11.03 7.84 -10.12
CA ASN A 146 -10.11 8.93 -9.78
C ASN A 146 -8.68 8.71 -10.22
N GLY A 147 -8.47 7.97 -11.32
CA GLY A 147 -7.18 7.66 -11.92
C GLY A 147 -6.52 6.40 -11.38
N ASN A 148 -7.16 5.67 -10.47
CA ASN A 148 -6.60 4.51 -9.80
C ASN A 148 -6.98 3.21 -10.48
N THR A 149 -6.07 2.23 -10.47
CA THR A 149 -6.23 0.94 -11.10
C THR A 149 -5.72 -0.19 -10.20
N LEU A 150 -6.46 -1.30 -10.15
CA LEU A 150 -6.04 -2.55 -9.55
C LEU A 150 -5.73 -3.57 -10.65
N ALA A 151 -4.45 -3.82 -10.90
CA ALA A 151 -4.02 -4.73 -11.95
C ALA A 151 -4.05 -6.19 -11.50
N GLN A 152 -3.49 -6.47 -10.32
CA GLN A 152 -3.19 -7.80 -9.84
C GLN A 152 -3.67 -7.97 -8.39
N GLN A 153 -4.33 -9.07 -8.08
CA GLN A 153 -5.01 -9.30 -6.82
C GLN A 153 -4.78 -10.69 -6.25
N GLY A 154 -4.52 -10.77 -4.94
CA GLY A 154 -4.54 -11.95 -4.11
C GLY A 154 -5.53 -11.84 -2.96
N SER A 155 -5.45 -12.75 -2.00
CA SER A 155 -6.32 -12.82 -0.84
C SER A 155 -5.55 -13.18 0.42
N TYR A 156 -6.00 -12.69 1.59
CA TYR A 156 -5.38 -12.90 2.88
C TYR A 156 -6.37 -13.37 3.93
N THR A 157 -5.86 -13.85 5.07
CA THR A 157 -6.66 -14.51 6.10
C THR A 157 -6.41 -13.92 7.47
N LYS A 158 -7.48 -13.81 8.27
CA LYS A 158 -7.49 -13.39 9.66
C LYS A 158 -7.61 -14.54 10.64
N THR A 159 -7.22 -14.31 11.90
CA THR A 159 -7.29 -15.29 12.96
C THR A 159 -8.71 -15.71 13.30
N ASN A 160 -9.72 -14.85 13.09
CA ASN A 160 -11.12 -15.18 13.26
C ASN A 160 -11.74 -15.99 12.13
N GLY A 161 -10.98 -16.30 11.07
CA GLY A 161 -11.41 -17.10 9.93
C GLY A 161 -11.93 -16.31 8.74
N THR A 162 -12.10 -14.98 8.88
CA THR A 162 -12.51 -14.13 7.78
C THR A 162 -11.36 -13.88 6.79
N THR A 163 -11.70 -13.55 5.55
CA THR A 163 -10.76 -13.31 4.46
C THR A 163 -11.12 -12.07 3.67
N ALA A 164 -10.12 -11.43 3.08
CA ALA A 164 -10.25 -10.21 2.29
C ALA A 164 -9.14 -10.10 1.25
N LYS A 165 -9.32 -9.24 0.25
CA LYS A 165 -8.38 -9.08 -0.85
C LYS A 165 -7.15 -8.26 -0.49
N MET A 166 -6.08 -8.47 -1.25
CA MET A 166 -4.87 -7.68 -1.30
C MET A 166 -4.40 -7.55 -2.75
N GLY A 167 -3.59 -6.55 -3.12
CA GLY A 167 -3.17 -6.41 -4.49
C GLY A 167 -2.32 -5.21 -4.85
N ASP A 168 -1.85 -5.18 -6.10
CA ASP A 168 -1.03 -4.13 -6.68
C ASP A 168 -1.92 -3.02 -7.23
N LEU A 169 -1.91 -1.86 -6.56
CA LEU A 169 -2.59 -0.65 -6.99
C LEU A 169 -1.63 0.28 -7.72
N LEU A 170 -2.01 0.71 -8.91
CA LEU A 170 -1.49 1.90 -9.56
C LEU A 170 -2.36 3.07 -9.14
N LEU A 171 -1.80 3.98 -8.34
CA LEU A 171 -2.49 5.16 -7.83
C LEU A 171 -2.24 6.35 -8.74
N ALA A 172 -3.21 7.27 -8.82
CA ALA A 172 -3.05 8.51 -9.55
C ALA A 172 -1.89 9.34 -9.03
N ALA A 173 -1.19 10.03 -9.93
CA ALA A 173 0.06 10.74 -9.66
C ALA A 173 0.12 12.05 -10.43
N ASP A 174 1.17 12.82 -10.20
CA ASP A 174 1.47 14.03 -10.98
C ASP A 174 1.79 13.68 -12.43
N ASN A 175 1.08 14.32 -13.36
CA ASN A 175 1.23 14.18 -14.79
C ASN A 175 1.66 15.50 -15.42
N LEU A 176 2.47 15.44 -16.48
CA LEU A 176 2.86 16.56 -17.32
C LEU A 176 2.42 16.33 -18.75
N HIS A 177 1.68 17.27 -19.34
CA HIS A 177 1.28 17.23 -20.72
C HIS A 177 1.14 18.57 -21.43
N SER A 178 0.98 19.71 -20.72
CA SER A 178 0.96 21.01 -21.35
C SER A 178 1.33 22.15 -20.41
N ARG A 179 1.77 23.27 -21.02
CA ARG A 179 1.95 24.57 -20.43
C ARG A 179 0.97 25.60 -20.98
N PHE A 180 -0.02 25.17 -21.75
CA PHE A 180 -0.92 25.99 -22.55
C PHE A 180 -2.37 25.57 -22.43
N LEU A 181 -3.28 26.50 -22.73
CA LEU A 181 -4.71 26.47 -22.47
C LEU A 181 -5.08 26.41 -20.99
N GLU A 182 -6.14 27.13 -20.63
CA GLU A 182 -6.61 27.37 -19.28
C GLU A 182 -8.10 27.60 -19.22
CA CA B . -12.50 -1.99 1.50
CA CA C . 10.50 6.83 7.97
CA CA D . 6.10 -18.39 6.15
CA CA E . -2.76 11.51 7.00
CA CA F . 3.25 -3.03 -10.18
N GLY A 1 7.67 4.54 -9.80
CA GLY A 1 6.58 3.69 -9.29
C GLY A 1 5.41 4.55 -8.84
N SER A 2 4.19 4.27 -9.33
CA SER A 2 2.98 4.96 -8.99
C SER A 2 1.96 4.11 -8.27
N ASP A 3 2.29 2.84 -7.96
CA ASP A 3 1.43 1.91 -7.28
C ASP A 3 2.02 1.41 -5.98
N ALA A 4 1.19 0.78 -5.14
CA ALA A 4 1.62 0.05 -3.95
C ALA A 4 0.70 -1.13 -3.72
N LEU A 5 1.12 -2.10 -2.88
CA LEU A 5 0.24 -3.13 -2.39
C LEU A 5 -0.79 -2.54 -1.45
N ALA A 6 -2.06 -2.63 -1.83
CA ALA A 6 -3.20 -2.14 -1.08
C ALA A 6 -4.08 -3.29 -0.59
N LEU A 7 -4.69 -3.14 0.59
CA LEU A 7 -5.48 -4.16 1.26
C LEU A 7 -6.90 -3.65 1.49
N ASP A 8 -7.90 -4.47 1.16
CA ASP A 8 -9.26 -4.30 1.66
C ASP A 8 -9.34 -4.77 3.10
N LEU A 9 -9.80 -3.91 4.02
CA LEU A 9 -9.90 -4.26 5.42
C LEU A 9 -11.15 -5.05 5.78
N ASP A 10 -12.21 -5.04 4.95
CA ASP A 10 -13.51 -5.53 5.35
C ASP A 10 -13.98 -6.81 4.67
N GLY A 11 -13.43 -7.14 3.49
CA GLY A 11 -14.02 -8.12 2.60
C GLY A 11 -15.21 -7.56 1.83
N ASP A 12 -15.11 -6.34 1.31
CA ASP A 12 -16.07 -5.68 0.46
C ASP A 12 -15.48 -4.91 -0.70
N GLY A 13 -14.17 -5.01 -0.92
CA GLY A 13 -13.45 -4.37 -2.00
C GLY A 13 -12.62 -3.17 -1.57
N ILE A 14 -11.62 -2.81 -2.38
CA ILE A 14 -10.68 -1.74 -2.12
C ILE A 14 -11.29 -0.41 -2.58
N GLU A 15 -11.41 0.56 -1.66
CA GLU A 15 -12.05 1.83 -1.87
C GLU A 15 -11.05 2.98 -2.04
N THR A 16 -11.38 3.94 -2.90
CA THR A 16 -10.52 5.07 -3.23
C THR A 16 -11.30 6.37 -3.33
N VAL A 17 -10.64 7.49 -3.00
CA VAL A 17 -11.21 8.83 -2.92
C VAL A 17 -10.22 9.89 -3.34
N ALA A 18 -10.70 11.10 -3.61
CA ALA A 18 -9.91 12.30 -3.82
C ALA A 18 -10.45 13.44 -2.95
N THR A 19 -9.66 13.88 -1.96
CA THR A 19 -10.10 14.74 -0.90
C THR A 19 -10.08 16.24 -1.18
N LYS A 20 -9.55 16.69 -2.32
CA LYS A 20 -9.61 18.07 -2.77
C LYS A 20 -9.12 19.06 -1.73
N GLY A 21 -7.94 18.80 -1.16
CA GLY A 21 -7.30 19.62 -0.15
C GLY A 21 -7.77 19.34 1.27
N PHE A 22 -9.09 19.48 1.54
CA PHE A 22 -9.65 19.29 2.86
C PHE A 22 -11.12 18.90 2.88
N SER A 23 -11.68 18.44 1.75
CA SER A 23 -13.07 18.10 1.53
C SER A 23 -13.37 16.63 1.80
N GLY A 24 -12.91 16.08 2.92
CA GLY A 24 -13.21 14.73 3.33
C GLY A 24 -14.70 14.46 3.48
N SER A 25 -15.19 13.37 2.90
CA SER A 25 -16.58 13.01 2.75
C SER A 25 -17.46 14.12 2.19
N LEU A 26 -16.92 14.94 1.29
CA LEU A 26 -17.62 15.98 0.56
C LEU A 26 -17.24 15.95 -0.91
N PHE A 27 -15.94 15.92 -1.21
CA PHE A 27 -15.28 15.65 -2.48
C PHE A 27 -15.60 16.53 -3.69
N ASP A 28 -16.62 17.39 -3.64
CA ASP A 28 -17.18 18.05 -4.80
C ASP A 28 -16.40 19.27 -5.25
N HIS A 29 -15.88 20.08 -4.32
CA HIS A 29 -15.01 21.21 -4.56
C HIS A 29 -13.81 21.22 -3.63
N ASN A 30 -12.79 22.01 -3.98
CA ASN A 30 -11.56 22.14 -3.23
C ASN A 30 -11.73 22.98 -1.96
N ARG A 31 -10.99 22.68 -0.90
CA ARG A 31 -11.09 23.33 0.39
C ARG A 31 -9.74 23.57 1.03
N ASP A 32 -9.54 24.79 1.53
CA ASP A 32 -8.35 25.31 2.19
C ASP A 32 -7.06 25.23 1.39
N GLY A 33 -5.97 25.77 1.92
CA GLY A 33 -4.68 25.90 1.25
C GLY A 33 -3.83 24.63 1.19
N ILE A 34 -4.40 23.45 1.44
CA ILE A 34 -3.71 22.18 1.50
C ILE A 34 -3.81 21.47 0.15
N ARG A 35 -2.74 20.83 -0.32
CA ARG A 35 -2.76 19.95 -1.46
C ARG A 35 -2.83 18.49 -1.00
N THR A 36 -3.68 17.68 -1.63
CA THR A 36 -3.80 16.26 -1.39
C THR A 36 -3.67 15.44 -2.67
N ALA A 37 -3.61 14.12 -2.56
CA ALA A 37 -3.46 13.22 -3.69
C ALA A 37 -4.67 13.27 -4.63
N THR A 38 -4.46 13.04 -5.93
CA THR A 38 -5.45 13.13 -6.97
C THR A 38 -6.42 11.94 -6.97
N GLY A 39 -6.03 10.82 -6.35
CA GLY A 39 -6.86 9.68 -6.05
C GLY A 39 -6.10 8.63 -5.25
N TRP A 40 -6.49 8.37 -4.00
CA TRP A 40 -5.78 7.53 -3.06
C TRP A 40 -6.72 6.58 -2.35
N VAL A 41 -6.19 5.56 -1.67
CA VAL A 41 -6.94 4.58 -0.89
C VAL A 41 -7.67 5.25 0.26
N SER A 42 -8.98 5.00 0.35
CA SER A 42 -9.90 5.53 1.34
C SER A 42 -9.45 5.29 2.76
N ALA A 43 -9.92 6.11 3.70
CA ALA A 43 -9.78 5.88 5.13
C ALA A 43 -10.42 4.58 5.61
N ASP A 44 -11.18 3.90 4.73
CA ASP A 44 -11.74 2.59 4.94
C ASP A 44 -10.76 1.44 4.74
N ASP A 45 -9.65 1.65 4.02
CA ASP A 45 -8.70 0.66 3.58
C ASP A 45 -7.26 1.15 3.71
N GLY A 46 -6.24 0.40 3.32
CA GLY A 46 -4.86 0.78 3.54
C GLY A 46 -3.80 0.17 2.62
N LEU A 47 -2.54 0.57 2.83
CA LEU A 47 -1.39 0.16 2.07
C LEU A 47 -0.37 -0.62 2.89
N LEU A 48 0.34 -1.58 2.30
CA LEU A 48 1.39 -2.34 2.95
C LEU A 48 2.70 -1.58 2.97
N VAL A 49 3.27 -1.38 4.16
CA VAL A 49 4.41 -0.52 4.40
C VAL A 49 5.39 -1.08 5.43
N ARG A 50 6.62 -0.59 5.41
CA ARG A 50 7.69 -0.91 6.32
C ARG A 50 8.71 0.21 6.35
N ASP A 51 8.87 0.85 7.51
CA ASP A 51 9.85 1.90 7.75
C ASP A 51 11.25 1.31 7.77
N LEU A 52 12.12 1.76 6.87
CA LEU A 52 13.48 1.29 6.75
C LEU A 52 14.44 1.94 7.75
N ASN A 53 13.92 2.83 8.60
CA ASN A 53 14.61 3.38 9.76
C ASN A 53 14.12 2.81 11.08
N GLY A 54 13.06 2.00 11.08
CA GLY A 54 12.56 1.30 12.27
C GLY A 54 11.94 2.20 13.34
N ASN A 55 11.44 3.39 12.98
CA ASN A 55 10.81 4.34 13.88
C ASN A 55 9.30 4.39 13.74
N GLY A 56 8.73 3.84 12.65
CA GLY A 56 7.31 3.85 12.37
C GLY A 56 6.83 5.02 11.54
N ILE A 57 7.68 5.61 10.69
CA ILE A 57 7.31 6.71 9.81
C ILE A 57 7.69 6.38 8.37
N ILE A 58 6.71 6.48 7.47
CA ILE A 58 6.81 6.19 6.06
C ILE A 58 6.95 7.49 5.27
N ASP A 59 8.15 7.76 4.73
CA ASP A 59 8.47 9.03 4.10
C ASP A 59 9.38 8.95 2.89
N ASN A 60 9.92 7.76 2.58
CA ASN A 60 10.74 7.47 1.44
C ASN A 60 10.09 6.40 0.57
N GLY A 61 10.28 6.41 -0.75
CA GLY A 61 9.53 5.60 -1.68
C GLY A 61 9.72 4.10 -1.54
N ALA A 62 10.88 3.66 -1.05
CA ALA A 62 11.19 2.28 -0.73
C ALA A 62 10.46 1.73 0.48
N GLU A 63 9.76 2.56 1.25
CA GLU A 63 9.08 2.21 2.48
C GLU A 63 7.64 1.75 2.27
N LEU A 64 7.14 1.87 1.04
CA LEU A 64 5.93 1.20 0.56
C LEU A 64 6.32 -0.04 -0.21
N PHE A 65 5.54 -1.12 -0.10
CA PHE A 65 5.69 -2.25 -1.02
C PHE A 65 5.13 -1.87 -2.38
N GLY A 66 6.02 -1.64 -3.34
CA GLY A 66 5.77 -1.15 -4.68
C GLY A 66 6.99 -1.24 -5.58
N ASP A 67 6.99 -0.49 -6.69
CA ASP A 67 8.03 -0.52 -7.69
C ASP A 67 9.31 0.22 -7.29
N ASN A 68 9.43 0.67 -6.05
CA ASN A 68 10.62 1.32 -5.51
C ASN A 68 11.22 0.61 -4.31
N THR A 69 10.66 -0.52 -3.88
CA THR A 69 10.99 -1.20 -2.64
C THR A 69 12.45 -1.60 -2.53
N LYS A 70 13.01 -1.51 -1.33
CA LYS A 70 14.35 -1.99 -0.98
C LYS A 70 14.28 -3.21 -0.06
N LEU A 71 15.16 -4.19 -0.30
CA LEU A 71 15.17 -5.50 0.30
C LEU A 71 16.08 -5.57 1.52
N ALA A 72 15.87 -6.58 2.37
CA ALA A 72 16.64 -6.80 3.58
C ALA A 72 18.13 -7.06 3.32
N ASP A 73 18.47 -7.62 2.16
CA ASP A 73 19.84 -7.82 1.71
C ASP A 73 20.52 -6.53 1.26
N GLY A 74 19.78 -5.43 1.14
CA GLY A 74 20.25 -4.12 0.76
C GLY A 74 20.04 -3.72 -0.71
N SER A 75 19.56 -4.61 -1.56
CA SER A 75 19.29 -4.32 -2.96
C SER A 75 17.88 -3.80 -3.21
N PHE A 76 17.63 -3.21 -4.37
CA PHE A 76 16.30 -2.78 -4.78
C PHE A 76 15.56 -3.84 -5.57
N ALA A 77 14.21 -3.80 -5.51
CA ALA A 77 13.31 -4.70 -6.17
C ALA A 77 12.51 -4.02 -7.28
N LYS A 78 11.97 -4.81 -8.21
CA LYS A 78 11.21 -4.33 -9.34
C LYS A 78 9.76 -4.04 -9.01
N HIS A 79 9.18 -4.76 -8.05
CA HIS A 79 7.80 -4.62 -7.60
C HIS A 79 7.58 -5.14 -6.17
N GLY A 80 6.48 -4.74 -5.57
CA GLY A 80 6.14 -5.04 -4.18
C GLY A 80 5.95 -6.53 -3.91
N TYR A 81 5.34 -7.29 -4.82
CA TYR A 81 5.16 -8.71 -4.69
C TYR A 81 6.48 -9.48 -4.64
N ALA A 82 7.45 -9.16 -5.49
CA ALA A 82 8.77 -9.75 -5.42
C ALA A 82 9.51 -9.37 -4.14
N ALA A 83 9.30 -8.15 -3.64
CA ALA A 83 9.83 -7.72 -2.36
C ALA A 83 9.20 -8.39 -1.16
N LEU A 84 7.93 -8.85 -1.28
CA LEU A 84 7.22 -9.60 -0.27
C LEU A 84 7.57 -11.08 -0.31
N ALA A 85 7.71 -11.68 -1.49
CA ALA A 85 8.08 -13.08 -1.68
C ALA A 85 9.48 -13.40 -1.19
N GLU A 86 10.37 -12.39 -1.12
CA GLU A 86 11.69 -12.47 -0.54
C GLU A 86 11.68 -12.79 0.96
N LEU A 87 10.57 -12.54 1.65
CA LEU A 87 10.48 -12.52 3.10
C LEU A 87 9.97 -13.83 3.69
N ASP A 88 9.50 -14.80 2.90
CA ASP A 88 9.19 -16.12 3.40
C ASP A 88 10.45 -16.86 3.77
N SER A 89 10.63 -17.11 5.08
CA SER A 89 11.77 -17.80 5.64
C SER A 89 11.63 -19.33 5.67
N ASN A 90 10.42 -19.85 5.46
CA ASN A 90 10.08 -21.22 5.78
C ASN A 90 9.84 -22.12 4.58
N GLY A 91 9.51 -21.57 3.41
CA GLY A 91 8.99 -22.33 2.30
C GLY A 91 7.56 -22.80 2.48
N ASP A 92 6.73 -22.03 3.20
CA ASP A 92 5.31 -22.27 3.39
C ASP A 92 4.46 -21.45 2.44
N ASN A 93 5.08 -20.54 1.68
CA ASN A 93 4.50 -19.63 0.72
C ASN A 93 3.46 -18.68 1.31
N ILE A 94 3.61 -18.32 2.58
CA ILE A 94 2.87 -17.27 3.27
C ILE A 94 3.82 -16.37 4.07
N ILE A 95 3.38 -15.14 4.34
CA ILE A 95 4.04 -14.25 5.29
C ILE A 95 3.26 -14.29 6.59
N ASN A 96 3.90 -14.78 7.67
CA ASN A 96 3.29 -15.07 8.94
C ASN A 96 4.29 -14.88 10.08
N ALA A 97 3.87 -15.07 11.34
CA ALA A 97 4.70 -14.80 12.51
C ALA A 97 6.02 -15.55 12.59
N ALA A 98 6.20 -16.63 11.82
CA ALA A 98 7.48 -17.29 11.66
C ALA A 98 8.54 -16.46 10.95
N ASP A 99 8.15 -15.49 10.12
CA ASP A 99 9.04 -14.63 9.35
C ASP A 99 9.41 -13.35 10.09
N ALA A 100 10.65 -12.90 9.94
CA ALA A 100 11.17 -11.68 10.54
C ALA A 100 10.36 -10.44 10.18
N ALA A 101 9.87 -10.37 8.94
CA ALA A 101 9.07 -9.26 8.44
C ALA A 101 7.78 -9.04 9.23
N PHE A 102 7.24 -10.03 9.93
CA PHE A 102 6.05 -9.88 10.73
C PHE A 102 6.22 -8.87 11.86
N GLN A 103 7.44 -8.57 12.27
CA GLN A 103 7.76 -7.56 13.27
C GLN A 103 7.88 -6.15 12.69
N SER A 104 8.26 -5.99 11.43
CA SER A 104 8.53 -4.71 10.81
C SER A 104 7.46 -4.22 9.85
N LEU A 105 6.61 -5.10 9.32
CA LEU A 105 5.44 -4.76 8.53
C LEU A 105 4.43 -3.96 9.33
N ARG A 106 3.82 -2.96 8.68
CA ARG A 106 2.69 -2.18 9.12
C ARG A 106 1.74 -1.95 7.94
N VAL A 107 0.53 -1.43 8.23
CA VAL A 107 -0.42 -0.99 7.25
C VAL A 107 -0.69 0.50 7.42
N TRP A 108 -0.57 1.28 6.35
CA TRP A 108 -0.83 2.71 6.32
C TRP A 108 -2.28 2.96 5.92
N GLN A 109 -3.09 3.40 6.89
CA GLN A 109 -4.47 3.79 6.73
C GLN A 109 -4.54 5.30 6.92
N ASP A 110 -4.60 6.06 5.82
CA ASP A 110 -4.45 7.50 5.87
C ASP A 110 -5.71 8.19 6.37
N LEU A 111 -5.56 9.32 7.06
CA LEU A 111 -6.67 10.08 7.61
C LEU A 111 -7.26 11.05 6.59
N ASN A 112 -6.41 11.74 5.82
CA ASN A 112 -6.75 12.84 4.95
C ASN A 112 -6.48 12.66 3.48
N GLN A 113 -5.81 11.58 3.07
CA GLN A 113 -5.51 11.18 1.70
C GLN A 113 -4.66 12.18 0.94
N ASP A 114 -3.65 12.73 1.62
CA ASP A 114 -2.60 13.57 1.06
C ASP A 114 -1.55 12.81 0.28
N GLY A 115 -1.36 11.53 0.59
CA GLY A 115 -0.21 10.74 0.17
C GLY A 115 1.04 10.97 0.99
N ILE A 116 0.90 11.52 2.21
CA ILE A 116 1.98 11.86 3.11
C ILE A 116 1.68 11.24 4.47
N SER A 117 2.45 10.24 4.90
CA SER A 117 2.20 9.51 6.11
C SER A 117 2.76 10.20 7.35
N GLN A 118 2.08 10.12 8.48
CA GLN A 118 2.62 10.46 9.80
C GLN A 118 2.46 9.32 10.79
N ALA A 119 3.14 9.40 11.94
CA ALA A 119 3.33 8.27 12.84
C ALA A 119 2.07 7.59 13.34
N ASN A 120 0.94 8.32 13.38
CA ASN A 120 -0.33 7.85 13.89
C ASN A 120 -1.21 7.23 12.81
N GLU A 121 -0.80 7.22 11.55
CA GLU A 121 -1.55 6.68 10.43
C GLU A 121 -1.21 5.23 10.11
N LEU A 122 -0.43 4.56 10.96
CA LEU A 122 -0.06 3.18 10.82
C LEU A 122 -0.86 2.27 11.75
N ARG A 123 -1.11 1.04 11.29
CA ARG A 123 -1.73 -0.05 12.01
C ARG A 123 -0.79 -1.25 12.01
N THR A 124 -0.82 -2.06 13.08
CA THR A 124 -0.14 -3.33 13.16
C THR A 124 -0.92 -4.42 12.45
N LEU A 125 -0.24 -5.50 12.04
CA LEU A 125 -0.87 -6.71 11.55
C LEU A 125 -1.75 -7.35 12.61
N GLU A 126 -1.35 -7.24 13.87
CA GLU A 126 -2.06 -7.81 15.01
C GLU A 126 -3.38 -7.13 15.32
N GLU A 127 -3.45 -5.80 15.34
CA GLU A 127 -4.68 -5.09 15.64
C GLU A 127 -5.70 -5.22 14.53
N LEU A 128 -5.25 -5.40 13.29
CA LEU A 128 -6.04 -5.75 12.13
C LEU A 128 -6.42 -7.22 12.07
N GLY A 129 -6.06 -8.03 13.06
CA GLY A 129 -6.49 -9.41 13.18
C GLY A 129 -5.94 -10.32 12.08
N ILE A 130 -4.75 -10.06 11.57
CA ILE A 130 -4.16 -10.80 10.47
C ILE A 130 -3.47 -12.07 10.98
N GLN A 131 -3.71 -13.19 10.31
CA GLN A 131 -3.07 -14.47 10.52
C GLN A 131 -1.89 -14.66 9.60
N SER A 132 -2.04 -14.41 8.30
CA SER A 132 -0.98 -14.42 7.32
C SER A 132 -1.34 -13.68 6.03
N LEU A 133 -0.35 -13.43 5.19
CA LEU A 133 -0.51 -12.97 3.81
C LEU A 133 -0.21 -14.10 2.83
N ASP A 134 -1.04 -14.28 1.81
CA ASP A 134 -0.89 -15.32 0.81
C ASP A 134 -0.03 -14.85 -0.37
N LEU A 135 0.97 -15.63 -0.77
CA LEU A 135 1.87 -15.30 -1.86
C LEU A 135 1.43 -15.81 -3.22
N ALA A 136 0.19 -16.28 -3.41
CA ALA A 136 -0.34 -16.69 -4.69
C ALA A 136 -1.14 -15.60 -5.37
N TYR A 137 -0.49 -14.80 -6.24
CA TYR A 137 -1.05 -13.63 -6.89
C TYR A 137 -1.49 -13.90 -8.31
N LYS A 138 -2.57 -13.26 -8.76
CA LYS A 138 -3.11 -13.35 -10.11
C LYS A 138 -3.39 -11.97 -10.70
N ASP A 139 -3.16 -11.76 -11.99
CA ASP A 139 -3.48 -10.54 -12.69
C ASP A 139 -4.98 -10.39 -12.89
N VAL A 140 -5.48 -9.17 -12.67
CA VAL A 140 -6.89 -8.80 -12.72
C VAL A 140 -7.15 -7.51 -13.47
N ASN A 141 -6.18 -6.59 -13.55
CA ASN A 141 -6.19 -5.39 -14.33
C ASN A 141 -7.50 -4.60 -14.33
N LYS A 142 -8.10 -4.40 -13.15
CA LYS A 142 -9.43 -3.87 -12.97
C LYS A 142 -9.39 -2.43 -12.48
N ASN A 143 -10.05 -1.50 -13.19
CA ASN A 143 -10.24 -0.15 -12.72
C ASN A 143 -11.26 -0.11 -11.60
N LEU A 144 -10.94 0.57 -10.50
CA LEU A 144 -11.76 0.65 -9.30
C LEU A 144 -12.25 2.07 -9.01
N GLY A 145 -11.57 3.10 -9.50
CA GLY A 145 -11.94 4.49 -9.33
C GLY A 145 -11.24 5.40 -10.32
N ASN A 146 -11.52 6.71 -10.27
CA ASN A 146 -11.05 7.70 -11.21
C ASN A 146 -9.55 7.92 -11.07
N GLY A 147 -8.76 7.24 -11.91
CA GLY A 147 -7.32 7.17 -11.81
C GLY A 147 -6.77 6.08 -10.90
N ASN A 148 -7.60 5.14 -10.42
CA ASN A 148 -7.19 4.07 -9.52
C ASN A 148 -7.55 2.69 -10.07
N THR A 149 -6.54 1.83 -10.22
CA THR A 149 -6.63 0.57 -10.95
C THR A 149 -5.76 -0.49 -10.31
N LEU A 150 -6.29 -1.72 -10.19
CA LEU A 150 -5.65 -2.86 -9.56
C LEU A 150 -5.08 -3.81 -10.61
N ALA A 151 -3.77 -3.99 -10.65
CA ALA A 151 -3.09 -4.78 -11.67
C ALA A 151 -3.11 -6.28 -11.37
N GLN A 152 -2.60 -6.68 -10.20
CA GLN A 152 -2.50 -8.05 -9.77
C GLN A 152 -2.79 -8.19 -8.28
N GLN A 153 -3.40 -9.30 -7.88
CA GLN A 153 -4.08 -9.46 -6.61
C GLN A 153 -3.82 -10.83 -5.99
N GLY A 154 -3.49 -10.82 -4.69
CA GLY A 154 -3.54 -11.96 -3.80
C GLY A 154 -4.53 -11.73 -2.67
N SER A 155 -4.35 -12.45 -1.55
CA SER A 155 -5.20 -12.37 -0.38
C SER A 155 -4.40 -12.29 0.91
N TYR A 156 -5.10 -12.01 2.01
CA TYR A 156 -4.64 -12.29 3.36
C TYR A 156 -5.72 -13.00 4.17
N THR A 157 -5.30 -13.80 5.16
CA THR A 157 -6.18 -14.52 6.06
C THR A 157 -6.21 -13.84 7.43
N LYS A 158 -7.40 -13.77 8.02
CA LYS A 158 -7.69 -13.19 9.33
C LYS A 158 -7.80 -14.28 10.37
N THR A 159 -7.58 -13.96 11.65
CA THR A 159 -7.57 -14.90 12.74
C THR A 159 -8.89 -15.64 12.92
N ASN A 160 -10.02 -15.06 12.50
CA ASN A 160 -11.32 -15.68 12.46
C ASN A 160 -11.52 -16.72 11.37
N GLY A 161 -10.51 -16.97 10.53
CA GLY A 161 -10.48 -17.94 9.46
C GLY A 161 -10.98 -17.44 8.10
N THR A 162 -11.33 -16.16 7.96
CA THR A 162 -11.81 -15.56 6.73
C THR A 162 -10.72 -14.80 5.99
N THR A 163 -10.97 -14.35 4.77
CA THR A 163 -10.02 -13.63 3.95
C THR A 163 -10.53 -12.30 3.40
N ALA A 164 -9.61 -11.45 2.96
CA ALA A 164 -9.86 -10.33 2.07
C ALA A 164 -8.76 -10.18 1.04
N LYS A 165 -9.01 -9.41 -0.03
CA LYS A 165 -8.11 -9.25 -1.15
C LYS A 165 -7.11 -8.12 -0.93
N MET A 166 -5.95 -8.25 -1.58
CA MET A 166 -4.91 -7.23 -1.62
C MET A 166 -4.10 -7.30 -2.91
N GLY A 167 -3.56 -6.18 -3.40
CA GLY A 167 -2.87 -6.16 -4.67
C GLY A 167 -2.23 -4.84 -5.10
N ASP A 168 -1.56 -4.84 -6.24
CA ASP A 168 -0.81 -3.73 -6.80
C ASP A 168 -1.79 -2.70 -7.35
N LEU A 169 -1.93 -1.58 -6.65
CA LEU A 169 -2.98 -0.60 -6.81
C LEU A 169 -2.38 0.75 -7.18
N LEU A 170 -2.77 1.27 -8.34
CA LEU A 170 -2.33 2.53 -8.89
C LEU A 170 -2.92 3.70 -8.12
N LEU A 171 -2.04 4.58 -7.63
CA LEU A 171 -2.34 5.78 -6.89
C LEU A 171 -2.13 6.99 -7.81
N ALA A 172 -3.08 7.95 -7.81
CA ALA A 172 -3.00 9.16 -8.57
C ALA A 172 -2.52 10.31 -7.69
N ALA A 173 -1.40 10.95 -8.06
CA ALA A 173 -0.75 11.98 -7.29
C ALA A 173 0.05 12.94 -8.18
N ASP A 174 0.49 14.07 -7.63
CA ASP A 174 1.35 15.00 -8.33
C ASP A 174 2.81 14.58 -8.33
N ASN A 175 3.54 14.90 -9.40
CA ASN A 175 5.00 14.89 -9.42
C ASN A 175 5.55 16.02 -8.58
N LEU A 176 6.83 15.94 -8.18
CA LEU A 176 7.44 16.81 -7.19
C LEU A 176 7.64 18.26 -7.62
N HIS A 177 7.50 18.58 -8.90
CA HIS A 177 7.53 19.95 -9.41
C HIS A 177 6.45 20.83 -8.84
N SER A 178 6.62 22.16 -8.89
CA SER A 178 5.76 23.15 -8.27
C SER A 178 4.40 23.33 -8.92
N ARG A 179 4.12 22.69 -10.06
CA ARG A 179 2.91 22.84 -10.84
C ARG A 179 1.61 22.34 -10.23
N PHE A 180 1.62 21.85 -8.98
CA PHE A 180 0.45 21.48 -8.23
C PHE A 180 -0.48 22.66 -7.93
N LEU A 181 -0.03 23.91 -8.11
CA LEU A 181 -0.86 25.07 -8.33
C LEU A 181 -0.55 25.68 -9.68
N GLU A 182 -1.48 26.31 -10.38
CA GLU A 182 -2.86 26.57 -10.03
C GLU A 182 -3.84 25.58 -10.64
CA CA B . -13.16 -1.78 2.01
CA CA C . 11.42 6.47 7.30
CA CA D . 6.52 -18.02 6.18
CA CA E . -1.79 11.77 5.90
CA CA F . 3.63 -2.11 -10.39
N GLY A 1 6.59 6.21 -5.76
CA GLY A 1 5.61 6.87 -6.64
C GLY A 1 4.21 6.37 -6.41
N SER A 2 3.32 6.53 -7.39
CA SER A 2 1.90 6.24 -7.35
C SER A 2 1.60 4.76 -7.56
N ASP A 3 2.14 3.91 -6.68
CA ASP A 3 2.05 2.47 -6.75
C ASP A 3 2.18 1.88 -5.35
N ALA A 4 1.28 0.96 -4.97
CA ALA A 4 1.17 0.49 -3.60
C ALA A 4 0.56 -0.90 -3.50
N LEU A 5 1.06 -1.74 -2.58
CA LEU A 5 0.46 -3.00 -2.20
C LEU A 5 -0.55 -2.80 -1.09
N ALA A 6 -1.84 -3.04 -1.36
CA ALA A 6 -2.95 -2.71 -0.48
C ALA A 6 -3.79 -3.91 -0.07
N LEU A 7 -4.58 -3.78 0.99
CA LEU A 7 -5.41 -4.81 1.58
C LEU A 7 -6.81 -4.30 1.87
N ASP A 8 -7.83 -5.15 1.63
CA ASP A 8 -9.23 -4.82 1.86
C ASP A 8 -9.64 -5.07 3.30
N LEU A 9 -9.83 -4.02 4.08
CA LEU A 9 -9.94 -4.08 5.53
C LEU A 9 -11.33 -4.40 6.07
N ASP A 10 -12.40 -4.25 5.30
CA ASP A 10 -13.74 -4.65 5.67
C ASP A 10 -14.33 -5.79 4.82
N GLY A 11 -13.75 -6.09 3.65
CA GLY A 11 -14.27 -7.07 2.74
C GLY A 11 -15.24 -6.52 1.70
N ASP A 12 -15.17 -5.24 1.33
CA ASP A 12 -15.98 -4.62 0.29
C ASP A 12 -15.24 -4.29 -0.99
N GLY A 13 -13.99 -4.77 -1.14
CA GLY A 13 -13.04 -4.45 -2.19
C GLY A 13 -12.02 -3.42 -1.75
N ILE A 14 -10.90 -3.34 -2.46
CA ILE A 14 -9.85 -2.38 -2.21
C ILE A 14 -10.29 -1.04 -2.81
N GLU A 15 -10.45 -0.01 -1.98
CA GLU A 15 -11.06 1.24 -2.37
C GLU A 15 -10.04 2.35 -2.62
N THR A 16 -10.34 3.23 -3.57
CA THR A 16 -9.59 4.41 -3.93
C THR A 16 -10.42 5.67 -3.90
N VAL A 17 -9.78 6.84 -3.85
CA VAL A 17 -10.42 8.14 -3.71
C VAL A 17 -9.72 9.19 -4.55
N ALA A 18 -10.45 10.19 -5.03
CA ALA A 18 -9.90 11.33 -5.73
C ALA A 18 -9.25 12.33 -4.77
N THR A 19 -8.09 12.87 -5.17
CA THR A 19 -7.25 13.70 -4.31
C THR A 19 -7.00 15.10 -4.85
N LYS A 20 -7.21 15.37 -6.13
CA LYS A 20 -7.09 16.67 -6.76
C LYS A 20 -7.94 16.75 -8.01
N GLY A 21 -8.45 17.93 -8.33
CA GLY A 21 -9.36 18.20 -9.43
C GLY A 21 -8.77 18.17 -10.83
N PHE A 22 -9.32 18.99 -11.71
CA PHE A 22 -9.13 18.92 -13.16
C PHE A 22 -8.77 20.24 -13.84
N SER A 23 -8.55 21.34 -13.11
CA SER A 23 -8.37 22.65 -13.68
C SER A 23 -7.05 22.83 -14.45
N GLY A 24 -6.05 21.99 -14.20
CA GLY A 24 -4.83 21.88 -14.98
C GLY A 24 -4.89 20.86 -16.11
N SER A 25 -6.04 20.21 -16.32
CA SER A 25 -6.27 19.11 -17.24
C SER A 25 -7.15 19.48 -18.43
N LEU A 26 -7.59 20.75 -18.54
CA LEU A 26 -8.66 21.19 -19.39
C LEU A 26 -8.45 20.99 -20.87
N PHE A 27 -7.20 21.03 -21.37
CA PHE A 27 -6.90 20.78 -22.76
C PHE A 27 -7.01 19.30 -23.13
N ASP A 28 -6.77 18.38 -22.20
CA ASP A 28 -7.06 16.98 -22.38
C ASP A 28 -8.56 16.70 -22.33
N HIS A 29 -9.32 17.43 -21.51
CA HIS A 29 -10.77 17.42 -21.51
C HIS A 29 -11.39 18.01 -22.78
N ASN A 30 -10.68 18.83 -23.54
CA ASN A 30 -11.07 19.27 -24.86
C ASN A 30 -10.78 18.23 -25.93
N ARG A 31 -9.98 17.21 -25.65
CA ARG A 31 -9.66 16.12 -26.56
C ARG A 31 -10.56 14.92 -26.35
N ASP A 32 -10.64 14.42 -25.11
CA ASP A 32 -11.58 13.39 -24.69
C ASP A 32 -11.97 13.50 -23.21
N GLY A 33 -10.98 13.66 -22.33
CA GLY A 33 -11.14 13.78 -20.89
C GLY A 33 -11.36 12.50 -20.13
N ILE A 34 -11.20 11.33 -20.76
CA ILE A 34 -11.59 10.04 -20.24
C ILE A 34 -10.48 9.25 -19.56
N ARG A 35 -9.23 9.70 -19.61
CA ARG A 35 -8.07 9.06 -19.00
C ARG A 35 -7.14 10.06 -18.32
N THR A 36 -7.70 11.09 -17.68
CA THR A 36 -6.97 12.02 -16.85
C THR A 36 -7.71 12.26 -15.54
N ALA A 37 -7.10 11.88 -14.42
CA ALA A 37 -7.59 12.02 -13.06
C ALA A 37 -6.48 11.82 -12.05
N THR A 38 -6.61 12.37 -10.84
CA THR A 38 -5.69 12.20 -9.74
C THR A 38 -6.36 11.51 -8.56
N GLY A 39 -5.68 10.54 -7.94
CA GLY A 39 -6.24 9.72 -6.88
C GLY A 39 -5.25 8.85 -6.12
N TRP A 40 -5.74 8.22 -5.05
CA TRP A 40 -4.97 7.46 -4.08
C TRP A 40 -5.79 6.39 -3.39
N VAL A 41 -5.15 5.55 -2.57
CA VAL A 41 -5.81 4.57 -1.72
C VAL A 41 -6.72 5.26 -0.72
N SER A 42 -7.98 4.82 -0.61
CA SER A 42 -8.98 5.42 0.23
C SER A 42 -8.68 5.31 1.71
N ALA A 43 -9.27 6.20 2.51
CA ALA A 43 -9.35 6.09 3.96
C ALA A 43 -10.03 4.81 4.44
N ASP A 44 -10.75 4.10 3.58
CA ASP A 44 -11.43 2.85 3.88
C ASP A 44 -10.47 1.69 4.11
N ASP A 45 -9.32 1.68 3.42
CA ASP A 45 -8.37 0.60 3.34
C ASP A 45 -6.95 1.02 3.73
N GLY A 46 -5.98 0.11 3.63
CA GLY A 46 -4.60 0.37 4.01
C GLY A 46 -3.59 -0.28 3.08
N LEU A 47 -2.36 0.24 3.09
CA LEU A 47 -1.25 -0.20 2.27
C LEU A 47 -0.01 -0.56 3.08
N LEU A 48 0.77 -1.51 2.57
CA LEU A 48 1.87 -2.14 3.29
C LEU A 48 3.12 -1.28 3.32
N VAL A 49 3.73 -1.15 4.49
CA VAL A 49 4.85 -0.28 4.79
C VAL A 49 5.86 -0.96 5.71
N ARG A 50 7.13 -0.51 5.66
CA ARG A 50 8.21 -0.97 6.51
C ARG A 50 9.23 0.14 6.69
N ASP A 51 9.57 0.44 7.94
CA ASP A 51 10.57 1.46 8.26
C ASP A 51 11.96 0.95 7.92
N LEU A 52 12.64 1.60 6.96
CA LEU A 52 13.97 1.23 6.52
C LEU A 52 15.05 1.65 7.51
N ASN A 53 14.67 2.35 8.60
CA ASN A 53 15.49 2.68 9.73
C ASN A 53 15.28 1.81 10.96
N GLY A 54 14.32 0.89 10.95
CA GLY A 54 14.07 -0.03 12.04
C GLY A 54 13.61 0.57 13.36
N ASN A 55 13.08 1.80 13.38
CA ASN A 55 12.49 2.45 14.53
C ASN A 55 10.98 2.31 14.57
N GLY A 56 10.36 1.89 13.45
CA GLY A 56 8.94 1.66 13.30
C GLY A 56 8.12 2.84 12.80
N ILE A 57 8.76 3.84 12.19
CA ILE A 57 8.14 5.06 11.73
C ILE A 57 8.37 5.29 10.25
N ILE A 58 7.32 5.63 9.52
CA ILE A 58 7.27 5.78 8.09
C ILE A 58 7.27 7.26 7.72
N ASP A 59 8.28 7.71 6.97
CA ASP A 59 8.55 9.09 6.69
C ASP A 59 8.87 9.41 5.24
N ASN A 60 9.08 8.40 4.39
CA ASN A 60 9.41 8.57 2.98
C ASN A 60 8.63 7.65 2.06
N GLY A 61 8.58 8.01 0.78
CA GLY A 61 8.04 7.19 -0.29
C GLY A 61 8.81 5.89 -0.50
N ALA A 62 10.07 5.82 -0.06
CA ALA A 62 10.89 4.63 -0.02
C ALA A 62 10.34 3.51 0.83
N GLU A 63 9.55 3.84 1.86
CA GLU A 63 9.21 2.97 2.96
C GLU A 63 7.90 2.22 2.74
N LEU A 64 7.44 2.17 1.49
CA LEU A 64 6.25 1.51 0.99
C LEU A 64 6.62 0.30 0.14
N PHE A 65 5.72 -0.69 0.10
CA PHE A 65 5.73 -1.72 -0.93
C PHE A 65 4.97 -1.24 -2.15
N GLY A 66 5.66 -1.04 -3.27
CA GLY A 66 5.19 -0.34 -4.45
C GLY A 66 6.22 -0.34 -5.57
N ASP A 67 6.35 0.77 -6.30
CA ASP A 67 7.21 0.92 -7.46
C ASP A 67 8.69 1.14 -7.14
N ASN A 68 9.03 1.48 -5.89
CA ASN A 68 10.36 1.79 -5.44
C ASN A 68 10.83 0.96 -4.25
N THR A 69 10.30 -0.25 -4.09
CA THR A 69 10.47 -1.09 -2.93
C THR A 69 11.92 -1.46 -2.67
N LYS A 70 12.32 -1.67 -1.42
CA LYS A 70 13.65 -2.11 -1.04
C LYS A 70 13.64 -3.47 -0.38
N LEU A 71 14.46 -4.41 -0.85
CA LEU A 71 14.63 -5.71 -0.28
C LEU A 71 15.40 -5.68 1.03
N ALA A 72 15.33 -6.73 1.85
CA ALA A 72 16.04 -6.81 3.11
C ALA A 72 17.55 -6.79 2.94
N ASP A 73 18.08 -7.32 1.83
CA ASP A 73 19.47 -7.26 1.45
C ASP A 73 19.89 -5.86 0.99
N GLY A 74 18.95 -4.94 0.79
CA GLY A 74 19.17 -3.56 0.38
C GLY A 74 19.00 -3.29 -1.11
N SER A 75 18.69 -4.28 -1.94
CA SER A 75 18.48 -4.10 -3.36
C SER A 75 17.18 -3.38 -3.68
N PHE A 76 17.13 -2.69 -4.82
CA PHE A 76 15.93 -2.08 -5.36
C PHE A 76 15.03 -3.13 -6.00
N ALA A 77 13.70 -2.96 -5.86
CA ALA A 77 12.69 -3.85 -6.41
C ALA A 77 11.54 -3.06 -7.01
N LYS A 78 11.29 -3.28 -8.31
CA LYS A 78 10.23 -2.67 -9.07
C LYS A 78 8.85 -3.19 -8.71
N HIS A 79 8.75 -4.41 -8.14
CA HIS A 79 7.51 -5.05 -7.79
C HIS A 79 7.41 -5.35 -6.29
N GLY A 80 6.45 -4.72 -5.61
CA GLY A 80 6.26 -4.80 -4.18
C GLY A 80 5.71 -6.13 -3.69
N TYR A 81 4.91 -6.85 -4.50
CA TYR A 81 4.42 -8.16 -4.15
C TYR A 81 5.51 -9.19 -4.29
N ALA A 82 6.37 -9.07 -5.31
CA ALA A 82 7.57 -9.88 -5.42
C ALA A 82 8.57 -9.60 -4.31
N ALA A 83 8.73 -8.34 -3.88
CA ALA A 83 9.57 -7.98 -2.76
C ALA A 83 9.06 -8.54 -1.43
N LEU A 84 7.74 -8.53 -1.20
CA LEU A 84 7.11 -9.17 -0.07
C LEU A 84 7.38 -10.67 -0.05
N ALA A 85 7.40 -11.33 -1.21
CA ALA A 85 7.64 -12.76 -1.29
C ALA A 85 9.03 -13.17 -0.83
N GLU A 86 10.03 -12.29 -0.91
CA GLU A 86 11.36 -12.56 -0.36
C GLU A 86 11.40 -12.60 1.16
N LEU A 87 10.32 -12.23 1.86
CA LEU A 87 10.24 -12.23 3.30
C LEU A 87 9.79 -13.55 3.90
N ASP A 88 9.53 -14.61 3.10
CA ASP A 88 9.26 -15.93 3.62
C ASP A 88 10.54 -16.59 4.13
N SER A 89 10.59 -16.92 5.41
CA SER A 89 11.65 -17.66 6.05
C SER A 89 11.45 -19.16 6.05
N ASN A 90 10.24 -19.64 5.80
CA ASN A 90 9.83 -21.02 6.06
C ASN A 90 9.60 -21.86 4.80
N GLY A 91 9.50 -21.24 3.64
CA GLY A 91 9.20 -21.88 2.37
C GLY A 91 7.79 -22.44 2.25
N ASP A 92 6.82 -21.77 2.86
CA ASP A 92 5.41 -22.14 2.91
C ASP A 92 4.55 -21.32 1.95
N ASN A 93 5.16 -20.34 1.27
CA ASN A 93 4.55 -19.41 0.36
C ASN A 93 3.48 -18.52 0.98
N ILE A 94 3.58 -18.25 2.29
CA ILE A 94 2.79 -17.28 3.01
C ILE A 94 3.65 -16.39 3.90
N ILE A 95 3.15 -15.23 4.29
CA ILE A 95 3.75 -14.36 5.29
C ILE A 95 2.95 -14.43 6.57
N ASN A 96 3.57 -14.93 7.64
CA ASN A 96 2.94 -15.33 8.90
C ASN A 96 3.92 -15.27 10.06
N ALA A 97 3.46 -15.53 11.28
CA ALA A 97 4.23 -15.36 12.51
C ALA A 97 5.54 -16.14 12.61
N ALA A 98 5.75 -17.17 11.78
CA ALA A 98 6.99 -17.92 11.69
C ALA A 98 8.08 -17.22 10.89
N ASP A 99 7.79 -16.16 10.16
CA ASP A 99 8.76 -15.36 9.43
C ASP A 99 9.52 -14.36 10.30
N ALA A 100 10.83 -14.26 10.07
CA ALA A 100 11.70 -13.35 10.80
C ALA A 100 11.33 -11.89 10.65
N ALA A 101 10.73 -11.50 9.53
CA ALA A 101 10.25 -10.16 9.23
C ALA A 101 8.87 -9.81 9.76
N PHE A 102 8.07 -10.76 10.22
CA PHE A 102 6.66 -10.59 10.42
C PHE A 102 6.25 -9.47 11.36
N GLN A 103 6.99 -9.21 12.44
CA GLN A 103 6.73 -8.11 13.36
C GLN A 103 7.20 -6.76 12.86
N SER A 104 8.05 -6.73 11.82
CA SER A 104 8.55 -5.53 11.18
C SER A 104 7.59 -4.97 10.14
N LEU A 105 6.67 -5.78 9.62
CA LEU A 105 5.69 -5.37 8.64
C LEU A 105 4.57 -4.59 9.31
N ARG A 106 4.16 -3.47 8.69
CA ARG A 106 3.15 -2.54 9.17
C ARG A 106 2.24 -2.10 8.02
N VAL A 107 1.11 -1.49 8.35
CA VAL A 107 0.12 -0.99 7.41
C VAL A 107 -0.15 0.49 7.69
N TRP A 108 -0.21 1.30 6.64
CA TRP A 108 -0.57 2.72 6.70
C TRP A 108 -2.00 2.91 6.22
N GLN A 109 -2.84 3.54 7.03
CA GLN A 109 -4.20 3.93 6.71
C GLN A 109 -4.38 5.42 6.94
N ASP A 110 -4.69 6.19 5.88
CA ASP A 110 -4.74 7.63 5.93
C ASP A 110 -6.15 8.15 5.80
N LEU A 111 -6.72 8.61 6.93
CA LEU A 111 -8.04 9.20 7.00
C LEU A 111 -8.09 10.64 6.48
N ASN A 112 -6.93 11.26 6.24
CA ASN A 112 -6.81 12.67 5.97
C ASN A 112 -6.33 13.00 4.56
N GLN A 113 -5.75 12.03 3.85
CA GLN A 113 -5.42 12.08 2.44
C GLN A 113 -4.53 13.23 1.99
N ASP A 114 -3.61 13.68 2.84
CA ASP A 114 -2.59 14.66 2.47
C ASP A 114 -1.42 14.05 1.72
N GLY A 115 -1.41 12.75 1.45
CA GLY A 115 -0.34 12.04 0.78
C GLY A 115 0.93 11.88 1.58
N ILE A 116 0.93 12.28 2.87
CA ILE A 116 2.04 12.21 3.80
C ILE A 116 1.73 11.19 4.87
N SER A 117 2.69 10.33 5.21
CA SER A 117 2.59 9.40 6.31
C SER A 117 3.06 10.02 7.61
N GLN A 118 2.23 9.95 8.66
CA GLN A 118 2.54 10.34 10.01
C GLN A 118 2.41 9.15 10.95
N ALA A 119 3.17 9.15 12.06
CA ALA A 119 3.32 8.00 12.93
C ALA A 119 2.04 7.45 13.51
N ASN A 120 1.05 8.30 13.78
CA ASN A 120 -0.28 7.92 14.25
C ASN A 120 -1.08 7.08 13.27
N GLU A 121 -0.78 7.16 11.97
CA GLU A 121 -1.50 6.51 10.90
C GLU A 121 -1.07 5.06 10.65
N LEU A 122 -0.19 4.55 11.50
CA LEU A 122 0.50 3.29 11.33
C LEU A 122 -0.07 2.20 12.24
N ARG A 123 -0.45 1.07 11.64
CA ARG A 123 -0.95 -0.13 12.29
C ARG A 123 0.08 -1.26 12.20
N THR A 124 0.17 -2.07 13.24
CA THR A 124 0.74 -3.40 13.18
C THR A 124 -0.22 -4.36 12.49
N LEU A 125 0.26 -5.52 12.06
CA LEU A 125 -0.58 -6.61 11.58
C LEU A 125 -1.45 -7.17 12.70
N GLU A 126 -0.95 -7.17 13.95
CA GLU A 126 -1.62 -7.79 15.06
C GLU A 126 -2.80 -6.98 15.60
N GLU A 127 -2.69 -5.65 15.62
CA GLU A 127 -3.79 -4.78 16.01
C GLU A 127 -4.88 -4.70 14.96
N LEU A 128 -4.59 -5.10 13.72
CA LEU A 128 -5.57 -5.34 12.67
C LEU A 128 -6.16 -6.74 12.71
N GLY A 129 -5.60 -7.65 13.51
CA GLY A 129 -6.00 -9.05 13.59
C GLY A 129 -5.68 -9.85 12.33
N ILE A 130 -4.59 -9.52 11.64
CA ILE A 130 -4.11 -10.24 10.48
C ILE A 130 -3.33 -11.48 10.94
N GLN A 131 -3.55 -12.60 10.26
CA GLN A 131 -3.03 -13.91 10.60
C GLN A 131 -2.04 -14.42 9.56
N SER A 132 -2.34 -14.27 8.26
CA SER A 132 -1.46 -14.64 7.18
C SER A 132 -1.71 -13.84 5.91
N LEU A 133 -0.69 -13.64 5.07
CA LEU A 133 -0.80 -13.12 3.72
C LEU A 133 -0.38 -14.18 2.70
N ASP A 134 -1.07 -14.28 1.57
CA ASP A 134 -0.76 -15.21 0.51
C ASP A 134 0.16 -14.58 -0.54
N LEU A 135 1.20 -15.31 -0.96
CA LEU A 135 2.15 -14.91 -1.96
C LEU A 135 1.80 -15.35 -3.37
N ALA A 136 0.75 -16.14 -3.56
CA ALA A 136 0.21 -16.55 -4.83
C ALA A 136 -0.80 -15.53 -5.35
N TYR A 137 -0.47 -14.85 -6.45
CA TYR A 137 -1.30 -13.85 -7.08
C TYR A 137 -1.47 -14.06 -8.59
N LYS A 138 -2.41 -13.33 -9.20
CA LYS A 138 -2.78 -13.38 -10.60
C LYS A 138 -3.09 -11.99 -11.14
N ASP A 139 -2.89 -11.74 -12.44
CA ASP A 139 -3.20 -10.48 -13.07
C ASP A 139 -4.68 -10.33 -13.39
N VAL A 140 -5.25 -9.18 -13.05
CA VAL A 140 -6.67 -8.90 -13.14
C VAL A 140 -6.99 -7.57 -13.80
N ASN A 141 -6.09 -6.59 -13.79
CA ASN A 141 -6.24 -5.28 -14.41
C ASN A 141 -7.56 -4.59 -14.17
N LYS A 142 -8.09 -4.64 -12.95
CA LYS A 142 -9.40 -4.20 -12.55
C LYS A 142 -9.43 -2.70 -12.27
N ASN A 143 -10.27 -1.93 -12.97
CA ASN A 143 -10.50 -0.53 -12.67
C ASN A 143 -11.21 -0.35 -11.32
N LEU A 144 -10.77 0.62 -10.54
CA LEU A 144 -11.30 0.96 -9.23
C LEU A 144 -12.04 2.30 -9.18
N GLY A 145 -11.97 3.10 -10.24
CA GLY A 145 -12.49 4.45 -10.30
C GLY A 145 -11.43 5.52 -10.05
N ASN A 146 -11.77 6.77 -10.41
CA ASN A 146 -10.93 7.93 -10.30
C ASN A 146 -9.56 7.77 -10.97
N GLY A 147 -9.47 6.97 -12.02
CA GLY A 147 -8.25 6.65 -12.73
C GLY A 147 -7.38 5.57 -12.12
N ASN A 148 -7.79 4.91 -11.04
CA ASN A 148 -6.99 3.92 -10.32
C ASN A 148 -7.29 2.51 -10.79
N THR A 149 -6.30 1.62 -10.69
CA THR A 149 -6.36 0.26 -11.21
C THR A 149 -5.67 -0.73 -10.27
N LEU A 150 -6.29 -1.89 -10.05
CA LEU A 150 -5.70 -3.05 -9.40
C LEU A 150 -5.07 -3.96 -10.46
N ALA A 151 -3.75 -4.10 -10.45
CA ALA A 151 -3.04 -4.86 -11.44
C ALA A 151 -3.08 -6.37 -11.17
N GLN A 152 -2.60 -6.79 -10.00
CA GLN A 152 -2.50 -8.16 -9.58
C GLN A 152 -3.08 -8.37 -8.19
N GLN A 153 -3.86 -9.43 -8.00
CA GLN A 153 -4.63 -9.70 -6.80
C GLN A 153 -4.27 -11.04 -6.17
N GLY A 154 -4.30 -11.10 -4.83
CA GLY A 154 -4.25 -12.27 -3.99
C GLY A 154 -5.16 -12.12 -2.78
N SER A 155 -4.99 -12.93 -1.73
CA SER A 155 -5.81 -12.92 -0.53
C SER A 155 -5.02 -12.92 0.76
N TYR A 156 -5.60 -12.34 1.81
CA TYR A 156 -5.09 -12.39 3.17
C TYR A 156 -6.12 -12.96 4.14
N THR A 157 -5.65 -13.44 5.29
CA THR A 157 -6.42 -14.12 6.31
C THR A 157 -6.40 -13.36 7.62
N LYS A 158 -7.55 -13.21 8.27
CA LYS A 158 -7.71 -12.64 9.60
C LYS A 158 -7.78 -13.72 10.68
N THR A 159 -7.49 -13.36 11.93
CA THR A 159 -7.45 -14.29 13.05
C THR A 159 -8.78 -14.93 13.40
N ASN A 160 -9.91 -14.33 12.97
CA ASN A 160 -11.22 -14.95 13.02
C ASN A 160 -11.49 -15.98 11.94
N GLY A 161 -10.53 -16.31 11.08
CA GLY A 161 -10.62 -17.30 10.04
C GLY A 161 -11.20 -16.83 8.73
N THR A 162 -11.57 -15.55 8.59
CA THR A 162 -12.06 -14.98 7.35
C THR A 162 -10.96 -14.62 6.39
N THR A 163 -11.30 -14.50 5.10
CA THR A 163 -10.41 -14.08 4.04
C THR A 163 -10.99 -12.95 3.23
N ALA A 164 -10.10 -12.07 2.73
CA ALA A 164 -10.41 -10.91 1.91
C ALA A 164 -9.22 -10.60 1.00
N LYS A 165 -9.41 -9.73 0.01
CA LYS A 165 -8.42 -9.51 -1.03
C LYS A 165 -7.30 -8.54 -0.65
N MET A 166 -6.16 -8.71 -1.31
CA MET A 166 -5.02 -7.82 -1.30
C MET A 166 -4.44 -7.71 -2.70
N GLY A 167 -3.72 -6.64 -3.05
CA GLY A 167 -3.19 -6.51 -4.39
C GLY A 167 -2.39 -5.26 -4.72
N ASP A 168 -1.76 -5.30 -5.89
CA ASP A 168 -0.80 -4.34 -6.40
C ASP A 168 -1.48 -3.24 -7.20
N LEU A 169 -1.55 -2.02 -6.64
CA LEU A 169 -2.30 -0.90 -7.18
C LEU A 169 -1.47 0.05 -8.04
N LEU A 170 -2.15 0.64 -9.03
CA LEU A 170 -1.71 1.73 -9.86
C LEU A 170 -2.61 2.94 -9.53
N LEU A 171 -2.00 4.04 -9.08
CA LEU A 171 -2.72 5.18 -8.56
C LEU A 171 -2.61 6.39 -9.49
N ALA A 172 -3.66 7.22 -9.53
CA ALA A 172 -3.87 8.14 -10.64
C ALA A 172 -3.12 9.44 -10.52
N ALA A 173 -2.62 9.95 -11.64
CA ALA A 173 -1.54 10.92 -11.72
C ALA A 173 -1.92 12.40 -11.75
N ASP A 174 -0.91 13.26 -11.62
CA ASP A 174 -1.01 14.70 -11.76
C ASP A 174 -1.12 15.15 -13.22
N ASN A 175 -1.80 16.28 -13.43
CA ASN A 175 -1.89 16.98 -14.70
C ASN A 175 -2.03 18.47 -14.44
N LEU A 176 -1.07 19.26 -14.93
CA LEU A 176 -0.90 20.68 -14.66
C LEU A 176 -0.52 21.49 -15.88
N HIS A 177 -0.07 20.84 -16.96
CA HIS A 177 0.37 21.46 -18.19
C HIS A 177 -0.78 21.92 -19.08
N SER A 178 -1.88 21.18 -19.06
CA SER A 178 -3.04 21.32 -19.93
C SER A 178 -4.02 22.41 -19.49
N ARG A 179 -3.52 23.58 -19.12
CA ARG A 179 -4.27 24.65 -18.51
C ARG A 179 -5.39 25.22 -19.36
N PHE A 180 -5.32 25.10 -20.69
CA PHE A 180 -6.25 25.51 -21.71
C PHE A 180 -6.57 26.99 -21.82
N LEU A 181 -6.69 27.71 -20.70
CA LEU A 181 -7.22 29.07 -20.59
C LEU A 181 -6.19 30.07 -20.09
N GLU A 182 -5.03 29.63 -19.62
CA GLU A 182 -4.09 30.37 -18.80
C GLU A 182 -2.64 30.18 -19.22
CA CA B . -12.59 -1.92 1.74
CA CA C . 11.83 6.03 8.55
CA CA D . 6.21 -18.06 6.04
CA CA E . -1.84 11.75 6.42
CA CA F . 3.23 -2.31 -9.12
N GLY A 1 2.22 7.44 -12.68
CA GLY A 1 1.72 7.01 -11.35
C GLY A 1 2.81 6.29 -10.57
N SER A 2 2.52 5.99 -9.31
CA SER A 2 3.35 5.16 -8.44
C SER A 2 2.51 4.12 -7.72
N ASP A 3 3.03 2.92 -7.51
CA ASP A 3 2.26 1.79 -7.03
C ASP A 3 2.52 1.42 -5.57
N ALA A 4 1.58 0.68 -5.00
CA ALA A 4 1.59 0.15 -3.65
C ALA A 4 0.80 -1.14 -3.55
N LEU A 5 0.96 -1.90 -2.47
CA LEU A 5 0.14 -3.04 -2.13
C LEU A 5 -0.91 -2.60 -1.10
N ALA A 6 -2.18 -2.77 -1.45
CA ALA A 6 -3.32 -2.38 -0.66
C ALA A 6 -4.14 -3.57 -0.20
N LEU A 7 -4.75 -3.47 1.00
CA LEU A 7 -5.62 -4.44 1.60
C LEU A 7 -7.03 -3.90 1.71
N ASP A 8 -8.03 -4.72 1.38
CA ASP A 8 -9.43 -4.49 1.68
C ASP A 8 -9.69 -4.81 3.14
N LEU A 9 -9.83 -3.80 4.00
CA LEU A 9 -9.88 -4.02 5.44
C LEU A 9 -11.29 -4.24 5.97
N ASP A 10 -12.32 -3.58 5.41
CA ASP A 10 -13.68 -3.79 5.82
C ASP A 10 -14.36 -4.98 5.14
N GLY A 11 -13.85 -5.46 4.00
CA GLY A 11 -14.32 -6.64 3.32
C GLY A 11 -15.49 -6.38 2.38
N ASP A 12 -15.31 -5.47 1.41
CA ASP A 12 -16.25 -5.24 0.34
C ASP A 12 -15.60 -4.98 -1.01
N GLY A 13 -14.30 -5.21 -1.17
CA GLY A 13 -13.50 -4.87 -2.33
C GLY A 13 -12.53 -3.74 -2.09
N ILE A 14 -11.36 -3.76 -2.74
CA ILE A 14 -10.35 -2.73 -2.66
C ILE A 14 -10.87 -1.46 -3.34
N GLU A 15 -10.76 -0.31 -2.68
CA GLU A 15 -11.32 0.94 -3.12
C GLU A 15 -10.33 2.10 -3.16
N THR A 16 -10.50 2.99 -4.12
CA THR A 16 -9.71 4.21 -4.27
C THR A 16 -10.57 5.46 -4.21
N VAL A 17 -9.94 6.59 -3.89
CA VAL A 17 -10.55 7.90 -3.77
C VAL A 17 -9.68 8.98 -4.42
N ALA A 18 -10.33 10.05 -4.90
CA ALA A 18 -9.64 11.24 -5.36
C ALA A 18 -9.12 12.04 -4.17
N THR A 19 -7.89 12.54 -4.25
CA THR A 19 -7.15 13.10 -3.13
C THR A 19 -7.76 14.37 -2.52
N LYS A 20 -7.41 14.62 -1.26
CA LYS A 20 -7.67 15.82 -0.49
C LYS A 20 -9.12 16.24 -0.27
N GLY A 21 -10.10 15.53 -0.83
CA GLY A 21 -11.48 15.97 -0.86
C GLY A 21 -11.74 17.12 -1.82
N PHE A 22 -10.81 17.44 -2.72
CA PHE A 22 -10.89 18.52 -3.67
C PHE A 22 -9.92 18.28 -4.83
N SER A 23 -10.39 18.48 -6.07
CA SER A 23 -9.60 18.25 -7.27
C SER A 23 -8.74 19.42 -7.71
N GLY A 24 -8.80 20.57 -7.01
CA GLY A 24 -8.20 21.81 -7.46
C GLY A 24 -9.08 22.57 -8.45
N SER A 25 -8.65 23.79 -8.79
CA SER A 25 -9.28 24.63 -9.77
C SER A 25 -8.28 25.53 -10.50
N LEU A 26 -7.38 26.19 -9.76
CA LEU A 26 -6.30 27.01 -10.26
C LEU A 26 -5.14 27.09 -9.27
N PHE A 27 -3.89 27.12 -9.76
CA PHE A 27 -2.72 27.36 -8.94
C PHE A 27 -1.55 27.92 -9.74
N ASP A 28 -0.69 28.69 -9.07
CA ASP A 28 0.50 29.32 -9.61
C ASP A 28 1.48 28.34 -10.26
N HIS A 29 2.30 28.81 -11.21
CA HIS A 29 3.16 28.00 -12.05
C HIS A 29 4.64 28.03 -11.72
N ASN A 30 5.11 28.88 -10.80
CA ASN A 30 6.52 29.22 -10.68
C ASN A 30 7.37 28.25 -9.88
N ARG A 31 6.78 27.30 -9.16
CA ARG A 31 7.47 26.35 -8.31
C ARG A 31 7.19 24.90 -8.68
N ASP A 32 8.23 24.07 -8.57
CA ASP A 32 8.23 22.65 -8.88
C ASP A 32 7.60 21.80 -7.78
N GLY A 33 6.92 20.73 -8.17
CA GLY A 33 6.54 19.61 -7.32
C GLY A 33 5.60 19.96 -6.16
N ILE A 34 4.92 21.11 -6.23
CA ILE A 34 4.12 21.69 -5.18
C ILE A 34 2.77 21.03 -5.01
N ARG A 35 2.30 20.31 -6.04
CA ARG A 35 1.16 19.42 -6.00
C ARG A 35 1.48 18.09 -6.69
N THR A 36 1.12 16.98 -6.06
CA THR A 36 1.48 15.64 -6.47
C THR A 36 0.36 14.65 -6.25
N ALA A 37 0.24 13.65 -7.13
CA ALA A 37 -0.82 12.68 -7.23
C ALA A 37 -2.23 13.22 -7.44
N THR A 38 -3.16 12.33 -7.80
CA THR A 38 -4.58 12.58 -7.86
C THR A 38 -5.41 11.52 -7.15
N GLY A 39 -4.84 10.34 -6.88
CA GLY A 39 -5.56 9.21 -6.30
C GLY A 39 -4.89 8.59 -5.09
N TRP A 40 -5.68 8.03 -4.18
CA TRP A 40 -5.29 7.38 -2.94
C TRP A 40 -6.23 6.25 -2.59
N VAL A 41 -5.93 5.46 -1.57
CA VAL A 41 -6.74 4.35 -1.11
C VAL A 41 -7.83 4.80 -0.15
N SER A 42 -9.05 4.30 -0.34
CA SER A 42 -10.22 4.64 0.44
C SER A 42 -10.01 4.46 1.94
N ALA A 43 -10.61 5.32 2.78
CA ALA A 43 -10.29 5.37 4.19
C ALA A 43 -10.68 4.12 4.99
N ASP A 44 -11.54 3.26 4.44
CA ASP A 44 -11.88 1.95 4.97
C ASP A 44 -10.85 0.88 4.65
N ASP A 45 -9.89 1.13 3.77
CA ASP A 45 -8.81 0.28 3.34
C ASP A 45 -7.45 0.85 3.72
N GLY A 46 -6.35 0.17 3.43
CA GLY A 46 -5.03 0.61 3.79
C GLY A 46 -3.87 -0.04 3.04
N LEU A 47 -2.67 0.53 3.18
CA LEU A 47 -1.45 0.12 2.51
C LEU A 47 -0.55 -0.67 3.44
N LEU A 48 0.05 -1.76 2.98
CA LEU A 48 1.07 -2.49 3.69
C LEU A 48 2.41 -1.75 3.58
N VAL A 49 3.17 -1.61 4.66
CA VAL A 49 4.44 -0.90 4.68
C VAL A 49 5.49 -1.57 5.55
N ARG A 50 6.77 -1.35 5.20
CA ARG A 50 7.93 -1.60 6.04
C ARG A 50 8.91 -0.43 5.92
N ASP A 51 9.79 -0.26 6.90
CA ASP A 51 10.65 0.89 6.97
C ASP A 51 12.06 0.64 6.43
N LEU A 52 12.38 1.30 5.32
CA LEU A 52 13.64 1.18 4.60
C LEU A 52 14.82 1.85 5.27
N ASN A 53 14.60 2.81 6.18
CA ASN A 53 15.64 3.48 6.95
C ASN A 53 15.55 3.23 8.46
N GLY A 54 14.47 2.63 8.94
CA GLY A 54 14.27 2.22 10.31
C GLY A 54 13.84 3.30 11.29
N ASN A 55 13.46 4.51 10.84
CA ASN A 55 13.02 5.57 11.71
C ASN A 55 11.59 5.46 12.19
N GLY A 56 10.77 4.56 11.62
CA GLY A 56 9.43 4.25 12.06
C GLY A 56 8.33 5.17 11.54
N ILE A 57 8.64 6.06 10.59
CA ILE A 57 7.74 7.00 9.98
C ILE A 57 7.96 7.02 8.48
N ILE A 58 6.93 7.26 7.65
CA ILE A 58 7.09 7.35 6.21
C ILE A 58 7.88 8.60 5.82
N ASP A 59 8.92 8.42 5.02
CA ASP A 59 9.69 9.46 4.39
C ASP A 59 9.65 9.42 2.88
N ASN A 60 9.35 8.27 2.28
CA ASN A 60 9.27 8.06 0.84
C ASN A 60 8.25 7.01 0.47
N GLY A 61 7.65 7.12 -0.71
CA GLY A 61 6.75 6.16 -1.29
C GLY A 61 7.34 4.77 -1.50
N ALA A 62 8.68 4.67 -1.53
CA ALA A 62 9.40 3.41 -1.53
C ALA A 62 9.15 2.51 -0.33
N GLU A 63 8.61 3.03 0.78
CA GLU A 63 8.24 2.25 1.94
C GLU A 63 6.97 1.42 1.75
N LEU A 64 6.20 1.71 0.70
CA LEU A 64 5.05 0.95 0.26
C LEU A 64 5.50 -0.12 -0.75
N PHE A 65 4.86 -1.28 -0.75
CA PHE A 65 5.29 -2.38 -1.60
C PHE A 65 4.87 -2.13 -3.05
N GLY A 66 5.84 -1.71 -3.87
CA GLY A 66 5.65 -1.29 -5.23
C GLY A 66 6.97 -1.22 -5.98
N ASP A 67 6.96 -0.95 -7.28
CA ASP A 67 8.11 -1.18 -8.14
C ASP A 67 9.26 -0.19 -7.94
N ASN A 68 9.05 0.89 -7.20
CA ASN A 68 10.07 1.81 -6.76
C ASN A 68 10.66 1.48 -5.40
N THR A 69 10.28 0.34 -4.80
CA THR A 69 10.80 -0.12 -3.52
C THR A 69 12.18 -0.76 -3.61
N LYS A 70 12.84 -0.90 -2.46
CA LYS A 70 14.06 -1.65 -2.26
C LYS A 70 13.81 -2.96 -1.56
N LEU A 71 14.75 -3.92 -1.74
CA LEU A 71 14.90 -5.12 -0.96
C LEU A 71 15.62 -4.81 0.35
N ALA A 72 15.60 -5.75 1.30
CA ALA A 72 16.21 -5.59 2.61
C ALA A 72 17.73 -5.44 2.57
N ASP A 73 18.39 -5.87 1.48
CA ASP A 73 19.80 -5.67 1.25
C ASP A 73 20.13 -4.35 0.55
N GLY A 74 19.14 -3.48 0.35
CA GLY A 74 19.28 -2.19 -0.29
C GLY A 74 19.14 -2.19 -1.81
N SER A 75 19.00 -3.36 -2.47
CA SER A 75 18.86 -3.44 -3.91
C SER A 75 17.53 -2.87 -4.38
N PHE A 76 17.49 -2.23 -5.55
CA PHE A 76 16.25 -1.83 -6.16
C PHE A 76 15.50 -3.03 -6.71
N ALA A 77 14.23 -3.19 -6.34
CA ALA A 77 13.45 -4.37 -6.65
C ALA A 77 12.91 -4.37 -8.08
N LYS A 78 12.84 -5.53 -8.71
CA LYS A 78 12.32 -5.70 -10.06
C LYS A 78 10.83 -5.54 -10.16
N HIS A 79 10.11 -5.79 -9.07
CA HIS A 79 8.72 -5.46 -8.82
C HIS A 79 8.48 -5.40 -7.31
N GLY A 80 7.41 -4.76 -6.87
CA GLY A 80 7.07 -4.64 -5.46
C GLY A 80 6.82 -5.97 -4.76
N TYR A 81 6.43 -7.01 -5.51
CA TYR A 81 6.21 -8.36 -5.02
C TYR A 81 7.49 -9.04 -4.57
N ALA A 82 8.64 -8.74 -5.18
CA ALA A 82 9.92 -9.27 -4.75
C ALA A 82 10.32 -8.86 -3.34
N ALA A 83 9.89 -7.66 -2.91
CA ALA A 83 10.08 -7.16 -1.57
C ALA A 83 9.12 -7.77 -0.55
N LEU A 84 7.95 -8.25 -0.99
CA LEU A 84 7.02 -9.00 -0.16
C LEU A 84 7.47 -10.44 0.01
N ALA A 85 7.93 -11.09 -1.06
CA ALA A 85 8.30 -12.50 -1.04
C ALA A 85 9.51 -12.80 -0.16
N GLU A 86 10.46 -11.86 -0.05
CA GLU A 86 11.64 -12.05 0.78
C GLU A 86 11.39 -12.03 2.28
N LEU A 87 10.16 -11.74 2.72
CA LEU A 87 9.79 -11.69 4.11
C LEU A 87 9.60 -13.07 4.74
N ASP A 88 9.40 -14.10 3.92
CA ASP A 88 9.18 -15.45 4.37
C ASP A 88 10.44 -16.04 5.00
N SER A 89 10.34 -16.51 6.24
CA SER A 89 11.47 -16.94 7.05
C SER A 89 11.81 -18.41 6.92
N ASN A 90 10.81 -19.27 6.75
CA ASN A 90 10.90 -20.72 6.71
C ASN A 90 10.65 -21.34 5.35
N GLY A 91 10.21 -20.57 4.35
CA GLY A 91 10.04 -21.02 2.98
C GLY A 91 8.82 -21.88 2.76
N ASP A 92 7.65 -21.49 3.30
CA ASP A 92 6.38 -22.13 3.12
C ASP A 92 5.49 -21.41 2.12
N ASN A 93 5.98 -20.34 1.51
CA ASN A 93 5.35 -19.50 0.52
C ASN A 93 4.16 -18.67 1.01
N ILE A 94 4.07 -18.42 2.32
CA ILE A 94 3.16 -17.47 2.93
C ILE A 94 3.86 -16.61 3.96
N ILE A 95 3.40 -15.35 4.12
CA ILE A 95 3.91 -14.42 5.10
C ILE A 95 2.94 -14.41 6.28
N ASN A 96 3.30 -15.08 7.39
CA ASN A 96 2.39 -15.40 8.46
C ASN A 96 2.97 -15.13 9.85
N ALA A 97 2.15 -15.26 10.89
CA ALA A 97 2.44 -14.85 12.23
C ALA A 97 3.70 -15.44 12.87
N ALA A 98 4.26 -16.53 12.32
CA ALA A 98 5.51 -17.10 12.77
C ALA A 98 6.74 -16.43 12.18
N ASP A 99 6.68 -15.81 11.00
CA ASP A 99 7.76 -15.06 10.41
C ASP A 99 8.07 -13.78 11.17
N ALA A 100 9.35 -13.47 11.37
CA ALA A 100 9.76 -12.28 12.11
C ALA A 100 9.27 -10.98 11.48
N ALA A 101 9.13 -10.93 10.15
CA ALA A 101 8.59 -9.80 9.43
C ALA A 101 7.16 -9.44 9.83
N PHE A 102 6.38 -10.38 10.36
CA PHE A 102 5.04 -10.11 10.83
C PHE A 102 5.00 -9.14 11.99
N GLN A 103 6.06 -9.04 12.77
CA GLN A 103 6.20 -8.08 13.84
C GLN A 103 6.62 -6.70 13.36
N SER A 104 7.37 -6.59 12.26
CA SER A 104 7.93 -5.36 11.76
C SER A 104 7.06 -4.65 10.73
N LEU A 105 6.24 -5.39 9.96
CA LEU A 105 5.24 -4.85 9.07
C LEU A 105 4.22 -3.96 9.81
N ARG A 106 3.71 -2.96 9.10
CA ARG A 106 2.59 -2.14 9.50
C ARG A 106 1.59 -1.96 8.37
N VAL A 107 0.39 -1.50 8.69
CA VAL A 107 -0.61 -1.03 7.74
C VAL A 107 -0.83 0.45 7.98
N TRP A 108 -0.80 1.26 6.91
CA TRP A 108 -0.95 2.69 6.92
C TRP A 108 -2.18 3.16 6.15
N GLN A 109 -2.93 4.09 6.72
CA GLN A 109 -3.95 4.89 6.07
C GLN A 109 -3.83 6.32 6.61
N ASP A 110 -4.13 7.33 5.81
CA ASP A 110 -3.85 8.72 6.12
C ASP A 110 -5.01 9.62 5.71
N LEU A 111 -5.69 10.24 6.67
CA LEU A 111 -6.84 11.09 6.40
C LEU A 111 -6.45 12.43 5.80
N ASN A 112 -5.20 12.87 6.01
CA ASN A 112 -4.66 14.11 5.49
C ASN A 112 -3.84 13.92 4.23
N GLN A 113 -3.50 12.67 3.89
CA GLN A 113 -2.88 12.29 2.63
C GLN A 113 -1.64 13.09 2.29
N ASP A 114 -0.77 13.34 3.28
CA ASP A 114 0.35 14.27 3.20
C ASP A 114 1.71 13.59 3.18
N GLY A 115 1.77 12.28 2.87
CA GLY A 115 3.01 11.58 2.60
C GLY A 115 3.88 11.24 3.80
N ILE A 116 3.42 11.49 5.02
CA ILE A 116 4.08 11.20 6.27
C ILE A 116 3.08 10.55 7.21
N SER A 117 3.52 9.59 8.03
CA SER A 117 2.70 8.83 8.96
C SER A 117 2.73 9.35 10.39
N GLN A 118 1.81 8.84 11.20
CA GLN A 118 1.64 9.09 12.62
C GLN A 118 1.23 7.81 13.33
N ALA A 119 1.34 7.72 14.65
CA ALA A 119 1.00 6.53 15.39
C ALA A 119 -0.45 6.07 15.22
N ASN A 120 -1.40 7.02 15.22
CA ASN A 120 -2.81 6.73 14.97
C ASN A 120 -3.09 6.28 13.56
N GLU A 121 -2.24 6.63 12.59
CA GLU A 121 -2.34 6.23 11.20
C GLU A 121 -1.77 4.84 10.95
N LEU A 122 -1.07 4.24 11.91
CA LEU A 122 -0.36 2.99 11.80
C LEU A 122 -0.96 1.92 12.69
N ARG A 123 -1.07 0.70 12.14
CA ARG A 123 -1.60 -0.48 12.81
C ARG A 123 -0.72 -1.70 12.52
N THR A 124 -0.64 -2.65 13.46
CA THR A 124 -0.03 -3.95 13.24
C THR A 124 -1.02 -4.94 12.63
N LEU A 125 -0.50 -5.95 11.93
CA LEU A 125 -1.26 -7.07 11.45
C LEU A 125 -1.89 -7.84 12.60
N GLU A 126 -1.21 -7.87 13.75
CA GLU A 126 -1.68 -8.48 14.98
C GLU A 126 -2.94 -7.81 15.52
N GLU A 127 -2.97 -6.48 15.64
CA GLU A 127 -4.13 -5.76 16.10
C GLU A 127 -5.29 -5.79 15.11
N LEU A 128 -5.00 -5.99 13.82
CA LEU A 128 -6.00 -6.27 12.80
C LEU A 128 -6.50 -7.71 12.80
N GLY A 129 -5.98 -8.59 13.68
CA GLY A 129 -6.41 -9.98 13.80
C GLY A 129 -6.01 -10.85 12.63
N ILE A 130 -4.98 -10.46 11.87
CA ILE A 130 -4.50 -11.16 10.70
C ILE A 130 -3.56 -12.29 11.13
N GLN A 131 -3.56 -13.38 10.39
CA GLN A 131 -2.70 -14.53 10.59
C GLN A 131 -1.71 -14.74 9.44
N SER A 132 -2.15 -14.57 8.19
CA SER A 132 -1.37 -14.87 7.02
C SER A 132 -1.67 -13.95 5.84
N LEU A 133 -0.65 -13.66 5.01
CA LEU A 133 -0.73 -13.12 3.68
C LEU A 133 -0.29 -14.20 2.71
N ASP A 134 -1.14 -14.59 1.75
CA ASP A 134 -0.82 -15.60 0.77
C ASP A 134 -0.24 -14.99 -0.50
N LEU A 135 0.94 -15.43 -0.92
CA LEU A 135 1.66 -14.91 -2.07
C LEU A 135 1.07 -15.29 -3.41
N ALA A 136 0.09 -16.19 -3.47
CA ALA A 136 -0.54 -16.60 -4.71
C ALA A 136 -1.44 -15.53 -5.30
N TYR A 137 -1.12 -15.02 -6.49
CA TYR A 137 -1.86 -13.98 -7.18
C TYR A 137 -2.61 -14.45 -8.40
N LYS A 138 -3.72 -13.77 -8.70
CA LYS A 138 -4.46 -13.75 -9.93
C LYS A 138 -4.32 -12.39 -10.60
N ASP A 139 -4.26 -12.34 -11.93
CA ASP A 139 -4.27 -11.11 -12.70
C ASP A 139 -5.69 -10.59 -12.92
N VAL A 140 -5.88 -9.27 -12.75
CA VAL A 140 -7.17 -8.63 -12.79
C VAL A 140 -7.21 -7.31 -13.55
N ASN A 141 -6.09 -6.60 -13.66
CA ASN A 141 -5.86 -5.44 -14.52
C ASN A 141 -7.04 -4.49 -14.70
N LYS A 142 -7.57 -3.96 -13.59
CA LYS A 142 -8.80 -3.19 -13.53
C LYS A 142 -8.62 -1.78 -13.02
N ASN A 143 -9.45 -0.84 -13.52
CA ASN A 143 -9.53 0.53 -13.08
C ASN A 143 -10.48 0.65 -11.89
N LEU A 144 -9.98 1.12 -10.75
CA LEU A 144 -10.75 1.34 -9.53
C LEU A 144 -11.37 2.72 -9.45
N GLY A 145 -11.06 3.61 -10.39
CA GLY A 145 -11.60 4.94 -10.54
C GLY A 145 -10.53 5.95 -10.94
N ASN A 146 -10.87 6.92 -11.77
CA ASN A 146 -10.04 8.04 -12.16
C ASN A 146 -8.61 7.70 -12.55
N GLY A 147 -8.40 6.55 -13.17
CA GLY A 147 -7.12 6.08 -13.66
C GLY A 147 -6.21 5.35 -12.67
N ASN A 148 -6.74 4.95 -11.51
CA ASN A 148 -6.03 4.14 -10.53
C ASN A 148 -6.24 2.67 -10.83
N THR A 149 -5.19 1.88 -11.02
CA THR A 149 -5.25 0.57 -11.64
C THR A 149 -4.70 -0.54 -10.76
N LEU A 150 -5.51 -1.55 -10.48
CA LEU A 150 -5.17 -2.77 -9.77
C LEU A 150 -4.76 -3.84 -10.77
N ALA A 151 -3.52 -4.32 -10.72
CA ALA A 151 -2.97 -5.24 -11.70
C ALA A 151 -3.17 -6.71 -11.33
N GLN A 152 -2.76 -7.08 -10.12
CA GLN A 152 -2.91 -8.43 -9.58
C GLN A 152 -3.52 -8.40 -8.18
N GLN A 153 -4.19 -9.49 -7.81
CA GLN A 153 -4.93 -9.63 -6.57
C GLN A 153 -4.67 -10.97 -5.91
N GLY A 154 -4.58 -10.97 -4.58
CA GLY A 154 -4.53 -12.11 -3.69
C GLY A 154 -5.39 -11.90 -2.46
N SER A 155 -5.18 -12.69 -1.41
CA SER A 155 -5.94 -12.63 -0.18
C SER A 155 -5.10 -12.78 1.07
N TYR A 156 -5.62 -12.29 2.20
CA TYR A 156 -5.10 -12.46 3.54
C TYR A 156 -6.13 -13.13 4.43
N THR A 157 -5.66 -13.84 5.44
CA THR A 157 -6.44 -14.69 6.33
C THR A 157 -6.38 -14.18 7.75
N LYS A 158 -7.52 -14.16 8.45
CA LYS A 158 -7.67 -13.75 9.83
C LYS A 158 -7.79 -14.93 10.79
N THR A 159 -7.50 -14.71 12.08
CA THR A 159 -7.50 -15.73 13.10
C THR A 159 -8.87 -16.32 13.41
N ASN A 160 -9.96 -15.66 13.03
CA ASN A 160 -11.32 -16.19 13.08
C ASN A 160 -11.66 -17.15 11.95
N GLY A 161 -10.79 -17.30 10.96
CA GLY A 161 -10.97 -18.16 9.79
C GLY A 161 -11.50 -17.48 8.55
N THR A 162 -11.77 -16.17 8.57
CA THR A 162 -12.20 -15.40 7.43
C THR A 162 -11.05 -14.93 6.56
N THR A 163 -11.33 -14.58 5.30
CA THR A 163 -10.37 -14.08 4.34
C THR A 163 -10.87 -12.82 3.65
N ALA A 164 -9.95 -11.97 3.19
CA ALA A 164 -10.24 -10.75 2.45
C ALA A 164 -9.12 -10.41 1.46
N LYS A 165 -9.43 -9.54 0.49
CA LYS A 165 -8.61 -9.23 -0.65
C LYS A 165 -7.44 -8.29 -0.38
N MET A 166 -6.39 -8.43 -1.18
CA MET A 166 -5.26 -7.53 -1.27
C MET A 166 -4.68 -7.50 -2.68
N GLY A 167 -3.92 -6.48 -3.09
CA GLY A 167 -3.33 -6.46 -4.41
C GLY A 167 -2.47 -5.27 -4.78
N ASP A 168 -1.90 -5.35 -5.99
CA ASP A 168 -0.90 -4.45 -6.54
C ASP A 168 -1.55 -3.30 -7.30
N LEU A 169 -1.50 -2.09 -6.74
CA LEU A 169 -2.34 -0.96 -7.09
C LEU A 169 -1.49 0.25 -7.48
N LEU A 170 -1.61 0.68 -8.73
CA LEU A 170 -0.97 1.85 -9.31
C LEU A 170 -1.86 3.07 -9.09
N LEU A 171 -1.38 4.06 -8.33
CA LEU A 171 -2.08 5.28 -8.05
C LEU A 171 -1.74 6.37 -9.06
N ALA A 172 -2.72 7.23 -9.35
CA ALA A 172 -2.66 8.23 -10.38
C ALA A 172 -1.82 9.44 -10.02
N ALA A 173 -1.04 9.95 -10.98
CA ALA A 173 -0.26 11.17 -10.89
C ALA A 173 -1.13 12.42 -10.93
N ASP A 174 -0.54 13.60 -10.73
CA ASP A 174 -1.19 14.89 -10.80
C ASP A 174 -1.70 15.18 -12.20
N ASN A 175 -2.98 15.55 -12.33
CA ASN A 175 -3.67 15.74 -13.59
C ASN A 175 -3.46 17.15 -14.15
N LEU A 176 -2.20 17.54 -14.31
CA LEU A 176 -1.77 18.83 -14.80
C LEU A 176 -0.99 18.64 -16.09
N HIS A 177 -1.34 19.38 -17.13
CA HIS A 177 -0.92 19.15 -18.50
C HIS A 177 -0.10 20.28 -19.09
N SER A 178 -0.05 21.46 -18.46
CA SER A 178 0.92 22.50 -18.73
C SER A 178 2.17 22.24 -17.91
N ARG A 179 3.03 21.36 -18.41
CA ARG A 179 4.13 20.74 -17.70
C ARG A 179 5.48 21.31 -18.14
N PHE A 180 6.33 21.64 -17.18
CA PHE A 180 7.66 22.19 -17.38
C PHE A 180 8.65 21.78 -16.30
N LEU A 181 8.21 21.63 -15.05
CA LEU A 181 9.05 21.58 -13.87
C LEU A 181 9.21 20.21 -13.26
N GLU A 182 8.11 19.47 -13.07
CA GLU A 182 8.03 18.24 -12.31
C GLU A 182 7.50 17.03 -13.05
CA CA B . -13.02 -1.73 1.09
CA CA C . 11.20 5.65 7.10
CA CA D . 6.19 -18.36 6.50
CA CA E . -0.44 11.92 7.84
CA CA F . 3.68 -3.32 -9.42
N GLY A 1 6.79 1.00 -13.48
CA GLY A 1 5.59 1.59 -12.85
C GLY A 1 5.95 2.40 -11.62
N SER A 2 4.97 2.72 -10.78
CA SER A 2 5.12 3.47 -9.56
C SER A 2 4.12 3.13 -8.47
N ASP A 3 3.51 1.94 -8.53
CA ASP A 3 2.50 1.46 -7.60
C ASP A 3 2.97 1.25 -6.17
N ALA A 4 2.00 1.04 -5.28
CA ALA A 4 2.13 0.64 -3.89
C ALA A 4 1.25 -0.57 -3.57
N LEU A 5 1.44 -1.19 -2.40
CA LEU A 5 0.72 -2.37 -1.98
C LEU A 5 -0.40 -2.03 -1.00
N ALA A 6 -1.63 -2.40 -1.34
CA ALA A 6 -2.85 -2.03 -0.65
C ALA A 6 -3.68 -3.21 -0.17
N LEU A 7 -4.47 -3.03 0.90
CA LEU A 7 -5.29 -4.03 1.55
C LEU A 7 -6.73 -3.56 1.66
N ASP A 8 -7.69 -4.49 1.53
CA ASP A 8 -9.11 -4.30 1.75
C ASP A 8 -9.48 -4.54 3.20
N LEU A 9 -9.54 -3.48 4.02
CA LEU A 9 -9.56 -3.59 5.46
C LEU A 9 -10.93 -3.72 6.09
N ASP A 10 -12.02 -3.43 5.38
CA ASP A 10 -13.37 -3.78 5.82
C ASP A 10 -13.95 -5.00 5.11
N GLY A 11 -13.28 -5.53 4.08
CA GLY A 11 -13.62 -6.82 3.50
C GLY A 11 -14.67 -6.81 2.41
N ASP A 12 -14.85 -5.72 1.65
CA ASP A 12 -15.79 -5.62 0.56
C ASP A 12 -15.16 -5.26 -0.76
N GLY A 13 -13.85 -5.45 -0.93
CA GLY A 13 -13.06 -5.14 -2.09
C GLY A 13 -12.30 -3.82 -1.98
N ILE A 14 -11.15 -3.72 -2.67
CA ILE A 14 -10.28 -2.57 -2.63
C ILE A 14 -10.96 -1.36 -3.26
N GLU A 15 -10.96 -0.21 -2.58
CA GLU A 15 -11.58 1.02 -3.00
C GLU A 15 -10.61 2.20 -3.01
N THR A 16 -10.84 3.15 -3.91
CA THR A 16 -10.05 4.36 -4.07
C THR A 16 -10.92 5.61 -4.06
N VAL A 17 -10.32 6.73 -3.65
CA VAL A 17 -10.93 8.03 -3.47
C VAL A 17 -10.02 9.13 -4.00
N ALA A 18 -10.56 10.35 -4.17
CA ALA A 18 -9.75 11.52 -4.43
C ALA A 18 -8.92 11.91 -3.21
N THR A 19 -7.78 12.53 -3.40
CA THR A 19 -7.07 13.22 -2.33
C THR A 19 -7.86 14.44 -1.88
N LYS A 20 -7.94 14.65 -0.57
CA LYS A 20 -8.80 15.59 0.12
C LYS A 20 -8.10 16.43 1.17
N GLY A 21 -6.92 16.00 1.65
CA GLY A 21 -6.24 16.57 2.79
C GLY A 21 -5.52 17.89 2.57
N PHE A 22 -5.25 18.31 1.33
CA PHE A 22 -4.42 19.44 1.00
C PHE A 22 -4.98 20.33 -0.12
N SER A 23 -4.33 21.45 -0.39
CA SER A 23 -4.83 22.54 -1.20
C SER A 23 -4.72 22.34 -2.71
N GLY A 24 -4.70 21.10 -3.17
CA GLY A 24 -4.68 20.73 -4.58
C GLY A 24 -3.35 20.91 -5.29
N SER A 25 -3.37 20.67 -6.60
CA SER A 25 -2.23 20.61 -7.49
C SER A 25 -2.27 21.76 -8.50
N LEU A 26 -2.34 22.98 -8.00
CA LEU A 26 -2.64 24.17 -8.77
C LEU A 26 -1.39 24.87 -9.32
N PHE A 27 -0.34 25.01 -8.52
CA PHE A 27 0.89 25.69 -8.87
C PHE A 27 2.15 24.92 -8.42
N ASP A 28 3.30 25.27 -8.99
CA ASP A 28 4.55 24.56 -8.80
C ASP A 28 5.01 24.52 -7.35
N HIS A 29 5.24 23.32 -6.83
CA HIS A 29 5.69 23.07 -5.49
C HIS A 29 7.19 22.83 -5.37
N ASN A 30 7.94 22.92 -6.48
CA ASN A 30 9.37 22.65 -6.55
C ASN A 30 9.73 21.25 -6.13
N ARG A 31 8.93 20.25 -6.56
CA ARG A 31 9.05 18.84 -6.24
C ARG A 31 9.07 18.51 -4.76
N ASP A 32 8.31 19.27 -3.96
CA ASP A 32 8.09 19.09 -2.54
C ASP A 32 7.14 17.95 -2.23
N GLY A 33 7.51 16.73 -2.64
CA GLY A 33 6.77 15.51 -2.36
C GLY A 33 5.42 15.39 -3.02
N ILE A 34 4.50 14.66 -2.40
CA ILE A 34 3.32 14.05 -2.98
C ILE A 34 2.19 14.99 -3.38
N ARG A 35 2.42 16.31 -3.48
CA ARG A 35 1.41 17.28 -3.84
C ARG A 35 0.88 17.16 -5.26
N THR A 36 1.47 16.28 -6.09
CA THR A 36 0.96 15.90 -7.39
C THR A 36 -0.21 14.93 -7.32
N ALA A 37 -0.43 14.26 -6.19
CA ALA A 37 -1.38 13.18 -6.05
C ALA A 37 -2.83 13.63 -6.11
N THR A 38 -3.63 12.96 -6.95
CA THR A 38 -5.04 13.18 -7.16
C THR A 38 -5.90 12.07 -6.56
N GLY A 39 -5.36 10.87 -6.40
CA GLY A 39 -6.05 9.71 -5.85
C GLY A 39 -5.33 9.02 -4.71
N TRP A 40 -6.09 8.36 -3.85
CA TRP A 40 -5.65 7.61 -2.69
C TRP A 40 -6.53 6.40 -2.40
N VAL A 41 -6.12 5.56 -1.46
CA VAL A 41 -6.88 4.42 -0.97
C VAL A 41 -8.00 4.90 -0.03
N SER A 42 -9.20 4.35 -0.19
CA SER A 42 -10.39 4.68 0.57
C SER A 42 -10.19 4.54 2.06
N ALA A 43 -10.91 5.32 2.88
CA ALA A 43 -10.72 5.34 4.32
C ALA A 43 -11.14 4.07 5.05
N ASP A 44 -11.82 3.15 4.38
CA ASP A 44 -12.11 1.82 4.88
C ASP A 44 -11.04 0.81 4.53
N ASP A 45 -10.03 1.18 3.74
CA ASP A 45 -8.90 0.41 3.26
C ASP A 45 -7.57 1.03 3.65
N GLY A 46 -6.44 0.43 3.28
CA GLY A 46 -5.13 0.92 3.65
C GLY A 46 -3.96 0.35 2.86
N LEU A 47 -2.74 0.72 3.27
CA LEU A 47 -1.47 0.35 2.65
C LEU A 47 -0.59 -0.47 3.57
N LEU A 48 0.20 -1.39 3.01
CA LEU A 48 1.25 -2.11 3.73
C LEU A 48 2.52 -1.29 3.78
N VAL A 49 3.10 -1.14 4.98
CA VAL A 49 4.23 -0.28 5.28
C VAL A 49 5.22 -0.92 6.23
N ARG A 50 6.45 -0.39 6.27
CA ARG A 50 7.49 -0.78 7.21
C ARG A 50 8.44 0.38 7.50
N ASP A 51 8.67 0.67 8.78
CA ASP A 51 9.68 1.64 9.19
C ASP A 51 11.07 1.03 9.08
N LEU A 52 11.89 1.52 8.16
CA LEU A 52 13.23 1.04 7.91
C LEU A 52 14.23 1.49 8.97
N ASN A 53 13.80 2.29 9.95
CA ASN A 53 14.53 2.63 11.15
C ASN A 53 14.14 1.80 12.37
N GLY A 54 12.98 1.12 12.33
CA GLY A 54 12.55 0.21 13.37
C GLY A 54 11.92 0.81 14.61
N ASN A 55 11.33 2.00 14.56
CA ASN A 55 10.52 2.59 15.62
C ASN A 55 9.03 2.62 15.30
N GLY A 56 8.64 2.28 14.07
CA GLY A 56 7.25 2.19 13.64
C GLY A 56 6.69 3.52 13.13
N ILE A 57 7.51 4.43 12.62
CA ILE A 57 7.09 5.67 12.03
C ILE A 57 7.48 5.74 10.56
N ILE A 58 6.49 6.01 9.71
CA ILE A 58 6.61 6.05 8.26
C ILE A 58 6.76 7.50 7.83
N ASP A 59 7.83 7.82 7.09
CA ASP A 59 8.11 9.16 6.61
C ASP A 59 8.97 9.22 5.36
N ASN A 60 9.79 8.19 5.11
CA ASN A 60 10.58 8.03 3.91
C ASN A 60 9.78 7.35 2.82
N GLY A 61 9.95 7.71 1.55
CA GLY A 61 9.25 7.15 0.42
C GLY A 61 9.47 5.64 0.23
N ALA A 62 10.61 5.13 0.68
CA ALA A 62 10.96 3.72 0.67
C ALA A 62 10.21 2.86 1.69
N GLU A 63 9.46 3.47 2.61
CA GLU A 63 8.85 2.80 3.74
C GLU A 63 7.48 2.21 3.42
N LEU A 64 7.07 2.26 2.15
CA LEU A 64 5.99 1.50 1.56
C LEU A 64 6.54 0.34 0.73
N PHE A 65 5.73 -0.70 0.51
CA PHE A 65 5.96 -1.68 -0.53
C PHE A 65 5.40 -1.17 -1.85
N GLY A 66 6.13 -1.31 -2.95
CA GLY A 66 5.73 -0.79 -4.24
C GLY A 66 6.64 -1.19 -5.42
N ASP A 67 6.39 -0.64 -6.58
CA ASP A 67 7.14 -0.89 -7.80
C ASP A 67 8.59 -0.42 -7.76
N ASN A 68 8.90 0.54 -6.88
CA ASN A 68 10.24 1.06 -6.67
C ASN A 68 11.00 0.33 -5.58
N THR A 69 10.37 -0.61 -4.85
CA THR A 69 11.03 -1.42 -3.86
C THR A 69 12.01 -2.40 -4.52
N LYS A 70 13.18 -2.59 -3.91
CA LYS A 70 14.23 -3.47 -4.38
C LYS A 70 14.46 -4.69 -3.51
N LEU A 71 14.94 -5.75 -4.19
CA LEU A 71 15.39 -7.02 -3.64
C LEU A 71 16.83 -6.91 -3.18
N ALA A 72 17.32 -7.91 -2.43
CA ALA A 72 18.61 -7.89 -1.77
C ALA A 72 19.80 -7.64 -2.67
N ASP A 73 19.78 -8.13 -3.92
CA ASP A 73 20.83 -7.93 -4.90
C ASP A 73 20.55 -6.79 -5.87
N GLY A 74 19.50 -6.00 -5.65
CA GLY A 74 19.27 -4.71 -6.29
C GLY A 74 18.31 -4.69 -7.47
N SER A 75 17.73 -5.83 -7.90
CA SER A 75 16.61 -5.83 -8.81
C SER A 75 15.38 -5.21 -8.17
N PHE A 76 14.49 -4.62 -8.98
CA PHE A 76 13.20 -4.16 -8.52
C PHE A 76 12.22 -5.32 -8.32
N ALA A 77 11.32 -5.17 -7.34
CA ALA A 77 10.25 -6.10 -7.05
C ALA A 77 9.00 -5.72 -7.83
N LYS A 78 9.05 -5.82 -9.16
CA LYS A 78 8.02 -5.38 -10.07
C LYS A 78 6.72 -6.18 -9.99
N HIS A 79 6.78 -7.46 -9.66
CA HIS A 79 5.64 -8.22 -9.19
C HIS A 79 5.35 -7.88 -7.74
N GLY A 80 4.07 -7.68 -7.38
CA GLY A 80 3.66 -7.17 -6.09
C GLY A 80 3.85 -8.11 -4.90
N TYR A 81 4.36 -9.32 -5.13
CA TYR A 81 4.70 -10.33 -4.14
C TYR A 81 6.20 -10.58 -4.00
N ALA A 82 7.03 -10.07 -4.91
CA ALA A 82 8.43 -10.45 -5.02
C ALA A 82 9.28 -10.00 -3.85
N ALA A 83 9.02 -8.82 -3.27
CA ALA A 83 9.71 -8.36 -2.09
C ALA A 83 9.37 -9.20 -0.87
N LEU A 84 8.09 -9.50 -0.64
CA LEU A 84 7.63 -10.38 0.42
C LEU A 84 8.11 -11.81 0.25
N ALA A 85 8.24 -12.31 -0.98
CA ALA A 85 8.80 -13.62 -1.26
C ALA A 85 10.26 -13.77 -0.85
N GLU A 86 11.03 -12.69 -0.80
CA GLU A 86 12.38 -12.68 -0.29
C GLU A 86 12.44 -12.67 1.23
N LEU A 87 11.34 -12.30 1.88
CA LEU A 87 11.19 -12.20 3.33
C LEU A 87 10.57 -13.44 3.97
N ASP A 88 10.00 -14.35 3.18
CA ASP A 88 9.56 -15.65 3.65
C ASP A 88 10.75 -16.50 4.06
N SER A 89 10.76 -16.99 5.30
CA SER A 89 11.92 -17.63 5.91
C SER A 89 12.01 -19.13 5.73
N ASN A 90 10.88 -19.82 5.62
CA ASN A 90 10.78 -21.27 5.49
C ASN A 90 10.32 -21.74 4.12
N GLY A 91 9.94 -20.82 3.23
CA GLY A 91 9.52 -21.14 1.87
C GLY A 91 8.12 -21.70 1.73
N ASP A 92 7.24 -21.50 2.70
CA ASP A 92 5.86 -21.96 2.67
C ASP A 92 4.96 -21.11 1.78
N ASN A 93 5.49 -20.04 1.18
CA ASN A 93 4.79 -19.11 0.32
C ASN A 93 3.74 -18.27 1.02
N ILE A 94 3.87 -18.08 2.34
CA ILE A 94 3.13 -17.10 3.11
C ILE A 94 4.05 -16.29 4.01
N ILE A 95 3.67 -15.03 4.26
CA ILE A 95 4.26 -14.25 5.34
C ILE A 95 3.38 -14.39 6.57
N ASN A 96 3.96 -14.90 7.66
CA ASN A 96 3.27 -15.21 8.91
C ASN A 96 4.20 -14.98 10.10
N ALA A 97 3.67 -15.04 11.32
CA ALA A 97 4.38 -14.68 12.54
C ALA A 97 5.67 -15.44 12.83
N ALA A 98 5.90 -16.59 12.20
CA ALA A 98 7.15 -17.32 12.33
C ALA A 98 8.29 -16.82 11.46
N ASP A 99 8.02 -15.96 10.47
CA ASP A 99 9.03 -15.25 9.72
C ASP A 99 9.57 -14.04 10.47
N ALA A 100 10.88 -13.88 10.61
CA ALA A 100 11.49 -12.78 11.32
C ALA A 100 11.07 -11.42 10.80
N ALA A 101 10.87 -11.28 9.48
CA ALA A 101 10.44 -10.07 8.83
C ALA A 101 9.02 -9.62 9.17
N PHE A 102 8.16 -10.50 9.68
CA PHE A 102 6.78 -10.20 10.00
C PHE A 102 6.63 -9.03 10.96
N GLN A 103 7.56 -8.89 11.91
CA GLN A 103 7.56 -7.83 12.91
C GLN A 103 7.84 -6.45 12.34
N SER A 104 8.45 -6.35 11.15
CA SER A 104 8.72 -5.10 10.47
C SER A 104 7.46 -4.49 9.87
N LEU A 105 6.45 -5.31 9.56
CA LEU A 105 5.24 -4.87 8.90
C LEU A 105 4.32 -4.06 9.81
N ARG A 106 3.69 -3.02 9.25
CA ARG A 106 2.60 -2.25 9.78
C ARG A 106 1.62 -1.92 8.66
N VAL A 107 0.46 -1.34 8.98
CA VAL A 107 -0.54 -0.89 8.06
C VAL A 107 -0.77 0.60 8.23
N TRP A 108 -1.04 1.33 7.14
CA TRP A 108 -1.32 2.76 7.14
C TRP A 108 -2.68 3.06 6.53
N GLN A 109 -3.52 3.77 7.28
CA GLN A 109 -4.79 4.30 6.84
C GLN A 109 -4.77 5.82 6.98
N ASP A 110 -4.55 6.55 5.88
CA ASP A 110 -4.45 8.00 5.90
C ASP A 110 -5.79 8.62 6.29
N LEU A 111 -5.82 9.37 7.39
CA LEU A 111 -7.04 9.81 8.04
C LEU A 111 -7.62 11.09 7.47
N ASN A 112 -6.84 11.87 6.70
CA ASN A 112 -7.31 13.01 5.95
C ASN A 112 -7.19 12.90 4.44
N GLN A 113 -6.51 11.85 3.95
CA GLN A 113 -6.25 11.55 2.55
C GLN A 113 -5.46 12.62 1.82
N ASP A 114 -4.20 12.84 2.23
CA ASP A 114 -3.24 13.63 1.49
C ASP A 114 -2.01 12.85 1.01
N GLY A 115 -1.80 11.62 1.49
CA GLY A 115 -0.67 10.80 1.09
C GLY A 115 0.62 11.10 1.83
N ILE A 116 0.58 11.89 2.91
CA ILE A 116 1.67 12.09 3.84
C ILE A 116 1.31 11.33 5.11
N SER A 117 2.18 10.43 5.58
CA SER A 117 1.90 9.59 6.74
C SER A 117 2.21 10.27 8.06
N GLN A 118 1.41 9.98 9.10
CA GLN A 118 1.67 10.36 10.47
C GLN A 118 1.41 9.17 11.40
N ALA A 119 2.03 9.14 12.58
CA ALA A 119 2.06 7.97 13.44
C ALA A 119 0.70 7.49 13.91
N ASN A 120 -0.27 8.38 14.13
CA ASN A 120 -1.62 7.99 14.50
C ASN A 120 -2.47 7.46 13.36
N GLU A 121 -1.99 7.55 12.11
CA GLU A 121 -2.58 6.93 10.94
C GLU A 121 -2.13 5.48 10.76
N LEU A 122 -1.16 5.03 11.54
CA LEU A 122 -0.60 3.70 11.49
C LEU A 122 -1.33 2.72 12.39
N ARG A 123 -1.31 1.43 12.03
CA ARG A 123 -1.90 0.33 12.76
C ARG A 123 -0.96 -0.87 12.75
N THR A 124 -0.99 -1.66 13.82
CA THR A 124 -0.45 -2.99 13.87
C THR A 124 -1.26 -3.97 13.04
N LEU A 125 -0.70 -5.15 12.77
CA LEU A 125 -1.42 -6.28 12.21
C LEU A 125 -2.44 -6.83 13.20
N GLU A 126 -2.14 -6.74 14.50
CA GLU A 126 -2.95 -7.31 15.57
C GLU A 126 -4.28 -6.59 15.77
N GLU A 127 -4.29 -5.27 15.75
CA GLU A 127 -5.50 -4.48 15.91
C GLU A 127 -6.43 -4.52 14.72
N LEU A 128 -5.93 -5.01 13.58
CA LEU A 128 -6.67 -5.33 12.38
C LEU A 128 -6.96 -6.82 12.24
N GLY A 129 -6.50 -7.65 13.18
CA GLY A 129 -6.71 -9.09 13.18
C GLY A 129 -6.11 -9.82 12.00
N ILE A 130 -4.97 -9.37 11.48
CA ILE A 130 -4.24 -9.95 10.37
C ILE A 130 -3.43 -11.12 10.88
N GLN A 131 -3.54 -12.29 10.24
CA GLN A 131 -2.83 -13.50 10.59
C GLN A 131 -1.64 -13.73 9.66
N SER A 132 -1.89 -13.86 8.35
CA SER A 132 -0.88 -14.12 7.35
C SER A 132 -1.24 -13.56 5.98
N LEU A 133 -0.23 -13.34 5.13
CA LEU A 133 -0.36 -12.82 3.78
C LEU A 133 0.02 -13.91 2.78
N ASP A 134 -0.85 -14.15 1.78
CA ASP A 134 -0.64 -15.14 0.74
C ASP A 134 0.12 -14.56 -0.45
N LEU A 135 1.26 -15.14 -0.78
CA LEU A 135 2.14 -14.65 -1.82
C LEU A 135 1.79 -15.13 -3.23
N ALA A 136 0.79 -16.01 -3.40
CA ALA A 136 0.32 -16.44 -4.69
C ALA A 136 -0.67 -15.43 -5.25
N TYR A 137 -0.23 -14.60 -6.20
CA TYR A 137 -1.02 -13.54 -6.80
C TYR A 137 -1.62 -13.95 -8.13
N LYS A 138 -2.70 -13.25 -8.53
CA LYS A 138 -3.35 -13.31 -9.82
C LYS A 138 -3.40 -11.90 -10.42
N ASP A 139 -3.22 -11.77 -11.74
CA ASP A 139 -3.30 -10.49 -12.40
C ASP A 139 -4.75 -10.08 -12.60
N VAL A 140 -5.02 -8.77 -12.51
CA VAL A 140 -6.33 -8.18 -12.68
C VAL A 140 -6.34 -6.99 -13.64
N ASN A 141 -5.22 -6.27 -13.80
CA ASN A 141 -4.98 -5.19 -14.76
C ASN A 141 -6.20 -4.38 -15.12
N LYS A 142 -6.76 -3.64 -14.15
CA LYS A 142 -7.99 -2.89 -14.29
C LYS A 142 -7.96 -1.52 -13.62
N ASN A 143 -8.68 -0.56 -14.19
CA ASN A 143 -8.99 0.69 -13.54
C ASN A 143 -9.99 0.44 -12.42
N LEU A 144 -9.70 0.91 -11.21
CA LEU A 144 -10.63 0.90 -10.09
C LEU A 144 -11.58 2.10 -10.17
N GLY A 145 -11.03 3.24 -10.54
CA GLY A 145 -11.73 4.47 -10.82
C GLY A 145 -10.81 5.68 -10.78
N ASN A 146 -11.18 6.77 -11.44
CA ASN A 146 -10.50 8.04 -11.46
C ASN A 146 -9.01 7.96 -11.76
N GLY A 147 -8.56 7.01 -12.59
CA GLY A 147 -7.19 6.81 -12.96
C GLY A 147 -6.35 5.99 -11.98
N ASN A 148 -6.93 5.48 -10.90
CA ASN A 148 -6.31 4.52 -10.01
C ASN A 148 -6.49 3.11 -10.56
N THR A 149 -5.42 2.31 -10.58
CA THR A 149 -5.35 1.12 -11.41
C THR A 149 -4.63 -0.03 -10.70
N LEU A 150 -5.30 -1.19 -10.61
CA LEU A 150 -4.83 -2.37 -9.92
C LEU A 150 -4.27 -3.36 -10.94
N ALA A 151 -2.99 -3.76 -10.79
CA ALA A 151 -2.34 -4.69 -11.68
C ALA A 151 -2.50 -6.14 -11.24
N GLN A 152 -2.25 -6.43 -9.95
CA GLN A 152 -2.32 -7.76 -9.37
C GLN A 152 -3.13 -7.76 -8.08
N GLN A 153 -3.75 -8.89 -7.77
CA GLN A 153 -4.53 -9.11 -6.57
C GLN A 153 -4.19 -10.45 -5.93
N GLY A 154 -4.17 -10.45 -4.59
CA GLY A 154 -4.00 -11.57 -3.69
C GLY A 154 -4.87 -11.42 -2.47
N SER A 155 -4.53 -12.08 -1.36
CA SER A 155 -5.27 -11.99 -0.12
C SER A 155 -4.41 -12.12 1.12
N TYR A 156 -5.00 -11.75 2.27
CA TYR A 156 -4.53 -12.05 3.59
C TYR A 156 -5.59 -12.80 4.39
N THR A 157 -5.14 -13.68 5.28
CA THR A 157 -5.96 -14.46 6.18
C THR A 157 -6.04 -13.78 7.54
N LYS A 158 -7.22 -13.76 8.14
CA LYS A 158 -7.58 -13.06 9.35
C LYS A 158 -7.62 -14.00 10.55
N THR A 159 -7.50 -13.48 11.76
CA THR A 159 -7.45 -14.25 13.00
C THR A 159 -8.73 -15.01 13.29
N ASN A 160 -9.87 -14.58 12.77
CA ASN A 160 -11.13 -15.31 12.82
C ASN A 160 -11.27 -16.44 11.81
N GLY A 161 -10.35 -16.56 10.85
CA GLY A 161 -10.34 -17.57 9.81
C GLY A 161 -10.86 -17.15 8.45
N THR A 162 -11.34 -15.92 8.28
CA THR A 162 -11.73 -15.37 6.99
C THR A 162 -10.55 -14.90 6.18
N THR A 163 -10.74 -14.61 4.88
CA THR A 163 -9.77 -13.97 4.03
C THR A 163 -10.29 -12.66 3.47
N ALA A 164 -9.41 -11.72 3.14
CA ALA A 164 -9.72 -10.49 2.44
C ALA A 164 -8.65 -10.10 1.45
N LYS A 165 -8.99 -9.34 0.41
CA LYS A 165 -8.11 -9.01 -0.69
C LYS A 165 -7.01 -8.02 -0.33
N MET A 166 -5.91 -8.11 -1.09
CA MET A 166 -4.84 -7.15 -1.16
C MET A 166 -4.28 -7.09 -2.57
N GLY A 167 -3.47 -6.11 -2.94
CA GLY A 167 -2.96 -6.02 -4.29
C GLY A 167 -1.98 -4.90 -4.60
N ASP A 168 -1.57 -4.87 -5.86
CA ASP A 168 -0.53 -4.03 -6.45
C ASP A 168 -1.20 -2.89 -7.22
N LEU A 169 -1.15 -1.68 -6.66
CA LEU A 169 -2.05 -0.59 -6.97
C LEU A 169 -1.32 0.70 -7.30
N LEU A 170 -1.50 1.16 -8.55
CA LEU A 170 -1.08 2.47 -9.01
C LEU A 170 -2.12 3.53 -8.61
N LEU A 171 -1.71 4.50 -7.82
CA LEU A 171 -2.55 5.60 -7.40
C LEU A 171 -2.42 6.81 -8.33
N ALA A 172 -3.49 7.58 -8.47
CA ALA A 172 -3.58 8.67 -9.43
C ALA A 172 -2.79 9.90 -9.01
N ALA A 173 -2.16 10.55 -9.99
CA ALA A 173 -1.53 11.85 -9.87
C ALA A 173 -1.75 12.67 -11.14
N ASP A 174 -1.82 13.99 -11.01
CA ASP A 174 -2.18 14.89 -12.08
C ASP A 174 -1.20 14.84 -13.25
N ASN A 175 -1.72 14.91 -14.47
CA ASN A 175 -0.96 14.77 -15.70
C ASN A 175 0.00 15.92 -15.96
N LEU A 176 -0.31 17.13 -15.46
CA LEU A 176 0.30 18.38 -15.85
C LEU A 176 1.04 19.08 -14.73
N HIS A 177 0.70 18.83 -13.45
CA HIS A 177 1.33 19.42 -12.30
C HIS A 177 2.77 18.95 -12.12
N SER A 178 3.58 19.69 -11.34
CA SER A 178 4.94 19.39 -11.01
C SER A 178 5.12 18.00 -10.42
N ARG A 179 6.24 17.33 -10.73
CA ARG A 179 6.44 15.92 -10.44
C ARG A 179 7.04 15.69 -9.06
N PHE A 180 7.08 14.43 -8.60
CA PHE A 180 7.80 14.04 -7.42
C PHE A 180 8.47 12.67 -7.46
N LEU A 181 8.12 11.84 -8.46
CA LEU A 181 8.67 10.52 -8.70
C LEU A 181 9.28 10.34 -10.08
N GLU A 182 9.37 11.40 -10.90
CA GLU A 182 9.78 11.34 -12.28
C GLU A 182 11.04 12.14 -12.58
CA CA B . -13.01 -1.84 1.10
CA CA C . 11.17 6.14 9.33
CA CA D . 6.51 -18.30 6.13
CA CA E . -2.21 12.07 6.28
CA CA F . 3.95 -3.51 -9.64
N GLY A 1 4.72 9.41 -9.02
CA GLY A 1 3.36 8.88 -8.85
C GLY A 1 3.31 7.82 -7.75
N SER A 2 2.11 7.41 -7.34
CA SER A 2 1.87 6.50 -6.24
C SER A 2 1.46 5.12 -6.76
N ASP A 3 2.37 4.15 -6.64
CA ASP A 3 2.20 2.77 -7.02
C ASP A 3 2.72 1.87 -5.91
N ALA A 4 1.82 1.20 -5.17
CA ALA A 4 2.10 0.63 -3.87
C ALA A 4 1.25 -0.60 -3.56
N LEU A 5 1.66 -1.38 -2.56
CA LEU A 5 0.94 -2.56 -2.13
C LEU A 5 -0.17 -2.19 -1.15
N ALA A 6 -1.43 -2.47 -1.52
CA ALA A 6 -2.63 -2.10 -0.81
C ALA A 6 -3.46 -3.29 -0.34
N LEU A 7 -4.21 -3.12 0.75
CA LEU A 7 -5.09 -4.09 1.37
C LEU A 7 -6.51 -3.54 1.47
N ASP A 8 -7.51 -4.39 1.22
CA ASP A 8 -8.91 -4.11 1.49
C ASP A 8 -9.23 -4.39 2.94
N LEU A 9 -9.36 -3.36 3.78
CA LEU A 9 -9.41 -3.51 5.22
C LEU A 9 -10.82 -3.62 5.81
N ASP A 10 -11.89 -3.33 5.07
CA ASP A 10 -13.25 -3.65 5.44
C ASP A 10 -13.85 -4.81 4.67
N GLY A 11 -13.26 -5.24 3.55
CA GLY A 11 -13.65 -6.45 2.85
C GLY A 11 -14.74 -6.28 1.80
N ASP A 12 -14.77 -5.17 1.07
CA ASP A 12 -15.72 -4.92 0.00
C ASP A 12 -15.07 -4.51 -1.32
N GLY A 13 -13.78 -4.73 -1.49
CA GLY A 13 -12.98 -4.34 -2.62
C GLY A 13 -12.15 -3.08 -2.37
N ILE A 14 -10.98 -2.99 -3.03
CA ILE A 14 -10.06 -1.88 -2.88
C ILE A 14 -10.61 -0.64 -3.56
N GLU A 15 -10.58 0.51 -2.88
CA GLU A 15 -11.16 1.74 -3.36
C GLU A 15 -10.37 3.00 -2.97
N THR A 16 -10.68 4.14 -3.59
CA THR A 16 -9.86 5.32 -3.59
C THR A 16 -10.64 6.62 -3.41
N VAL A 17 -9.92 7.68 -3.03
CA VAL A 17 -10.41 8.99 -2.65
C VAL A 17 -9.54 10.11 -3.23
N ALA A 18 -10.06 11.34 -3.25
CA ALA A 18 -9.32 12.55 -3.53
C ALA A 18 -9.28 13.47 -2.31
N THR A 19 -8.31 14.40 -2.26
CA THR A 19 -8.21 15.38 -1.21
C THR A 19 -9.15 16.55 -1.47
N LYS A 20 -10.01 16.89 -0.52
CA LYS A 20 -11.05 17.90 -0.62
C LYS A 20 -11.20 18.69 0.67
N GLY A 21 -11.98 19.77 0.67
CA GLY A 21 -12.25 20.54 1.86
C GLY A 21 -12.90 19.73 2.98
N PHE A 22 -13.74 18.77 2.63
CA PHE A 22 -14.22 17.70 3.48
C PHE A 22 -14.05 16.38 2.75
N SER A 23 -12.86 15.80 2.83
CA SER A 23 -12.49 14.58 2.14
C SER A 23 -13.25 13.35 2.65
N GLY A 24 -13.63 12.45 1.74
CA GLY A 24 -14.26 11.20 2.07
C GLY A 24 -13.47 10.30 3.01
N SER A 25 -12.16 10.52 3.13
CA SER A 25 -11.25 9.88 4.06
C SER A 25 -11.49 10.20 5.54
N LEU A 26 -12.22 11.28 5.84
CA LEU A 26 -12.61 11.65 7.19
C LEU A 26 -14.08 11.96 7.32
N PHE A 27 -14.76 12.37 6.24
CA PHE A 27 -16.15 12.77 6.19
C PHE A 27 -16.92 11.82 5.30
N ASP A 28 -17.39 10.70 5.88
CA ASP A 28 -17.77 9.51 5.16
C ASP A 28 -19.03 9.61 4.33
N HIS A 29 -19.82 10.68 4.46
CA HIS A 29 -20.92 10.99 3.56
C HIS A 29 -20.44 11.49 2.19
N ASN A 30 -19.16 11.81 2.03
CA ASN A 30 -18.52 12.12 0.78
C ASN A 30 -17.86 10.91 0.14
N ARG A 31 -18.45 9.72 0.34
CA ARG A 31 -18.14 8.46 -0.31
C ARG A 31 -19.24 7.98 -1.23
N ASP A 32 -20.07 8.92 -1.70
CA ASP A 32 -21.22 8.69 -2.56
C ASP A 32 -20.85 8.56 -4.03
N GLY A 33 -21.70 7.88 -4.80
CA GLY A 33 -21.58 7.73 -6.23
C GLY A 33 -20.61 6.64 -6.67
N ILE A 34 -19.67 6.97 -7.55
CA ILE A 34 -18.53 6.13 -7.91
C ILE A 34 -17.56 6.09 -6.74
N ARG A 35 -17.03 4.90 -6.42
CA ARG A 35 -16.25 4.65 -5.23
C ARG A 35 -14.75 4.98 -5.35
N THR A 36 -14.29 5.40 -6.53
CA THR A 36 -12.89 5.70 -6.81
C THR A 36 -12.70 7.10 -7.38
N ALA A 37 -11.50 7.67 -7.18
CA ALA A 37 -11.15 9.03 -7.51
C ALA A 37 -9.65 9.17 -7.79
N THR A 38 -9.16 10.38 -8.02
CA THR A 38 -7.76 10.70 -8.20
C THR A 38 -7.12 11.24 -6.93
N GLY A 39 -6.32 10.41 -6.26
CA GLY A 39 -5.71 10.76 -4.99
C GLY A 39 -5.04 9.59 -4.28
N TRP A 40 -5.70 9.07 -3.24
CA TRP A 40 -5.16 8.13 -2.29
C TRP A 40 -6.05 6.92 -2.07
N VAL A 41 -5.58 5.89 -1.37
CA VAL A 41 -6.37 4.75 -0.97
C VAL A 41 -7.38 5.14 0.10
N SER A 42 -8.62 4.67 -0.03
CA SER A 42 -9.72 5.00 0.84
C SER A 42 -9.42 4.70 2.30
N ALA A 43 -9.96 5.50 3.22
CA ALA A 43 -9.73 5.36 4.65
C ALA A 43 -10.35 4.11 5.28
N ASP A 44 -11.16 3.34 4.54
CA ASP A 44 -11.56 2.00 4.97
C ASP A 44 -10.57 0.91 4.56
N ASP A 45 -9.54 1.26 3.79
CA ASP A 45 -8.45 0.46 3.29
C ASP A 45 -7.10 0.98 3.73
N GLY A 46 -5.99 0.43 3.25
CA GLY A 46 -4.65 0.91 3.59
C GLY A 46 -3.50 0.32 2.80
N LEU A 47 -2.28 0.82 3.04
CA LEU A 47 -1.06 0.38 2.41
C LEU A 47 -0.18 -0.43 3.34
N LEU A 48 0.49 -1.47 2.83
CA LEU A 48 1.50 -2.22 3.56
C LEU A 48 2.83 -1.47 3.58
N VAL A 49 3.46 -1.33 4.75
CA VAL A 49 4.56 -0.43 4.99
C VAL A 49 5.56 -0.97 6.01
N ARG A 50 6.78 -0.43 6.01
CA ARG A 50 7.82 -0.67 6.98
C ARG A 50 8.60 0.63 7.24
N ASP A 51 8.87 0.98 8.49
CA ASP A 51 9.81 2.03 8.83
C ASP A 51 11.25 1.56 8.62
N LEU A 52 12.02 2.31 7.85
CA LEU A 52 13.39 2.01 7.46
C LEU A 52 14.44 2.83 8.16
N ASN A 53 14.08 3.72 9.09
CA ASN A 53 14.99 4.56 9.83
C ASN A 53 14.77 4.62 11.33
N GLY A 54 13.89 3.80 11.89
CA GLY A 54 13.72 3.64 13.32
C GLY A 54 13.04 4.80 14.05
N ASN A 55 12.24 5.61 13.37
CA ASN A 55 11.45 6.70 13.94
C ASN A 55 10.01 6.33 14.24
N GLY A 56 9.59 5.11 13.93
CA GLY A 56 8.25 4.59 14.15
C GLY A 56 7.18 5.14 13.21
N ILE A 57 7.57 5.85 12.16
CA ILE A 57 6.72 6.61 11.26
C ILE A 57 7.06 6.29 9.82
N ILE A 58 6.07 6.37 8.93
CA ILE A 58 6.24 6.31 7.49
C ILE A 58 6.27 7.71 6.92
N ASP A 59 7.41 8.12 6.36
CA ASP A 59 7.67 9.49 5.94
C ASP A 59 8.58 9.61 4.73
N ASN A 60 9.05 8.51 4.15
CA ASN A 60 9.87 8.45 2.95
C ASN A 60 9.26 7.50 1.93
N GLY A 61 9.45 7.75 0.63
CA GLY A 61 8.77 7.03 -0.43
C GLY A 61 9.09 5.54 -0.53
N ALA A 62 10.29 5.13 -0.15
CA ALA A 62 10.74 3.75 -0.20
C ALA A 62 10.24 2.90 0.96
N GLU A 63 9.60 3.50 1.97
CA GLU A 63 9.06 2.80 3.13
C GLU A 63 7.80 2.02 2.83
N LEU A 64 7.22 2.22 1.64
CA LEU A 64 6.11 1.45 1.08
C LEU A 64 6.62 0.28 0.28
N PHE A 65 5.86 -0.80 0.22
CA PHE A 65 6.07 -1.87 -0.74
C PHE A 65 5.70 -1.40 -2.14
N GLY A 66 6.43 -1.89 -3.15
CA GLY A 66 6.20 -1.54 -4.54
C GLY A 66 7.35 -1.95 -5.44
N ASP A 67 7.30 -1.53 -6.72
CA ASP A 67 8.32 -1.79 -7.71
C ASP A 67 9.70 -1.30 -7.31
N ASN A 68 9.78 -0.18 -6.57
CA ASN A 68 11.03 0.41 -6.13
C ASN A 68 11.59 -0.23 -4.86
N THR A 69 10.95 -1.24 -4.30
CA THR A 69 11.44 -1.93 -3.12
C THR A 69 12.72 -2.70 -3.41
N LYS A 70 13.72 -2.51 -2.55
CA LYS A 70 15.01 -3.17 -2.63
C LYS A 70 15.00 -4.45 -1.79
N LEU A 71 15.60 -5.51 -2.33
CA LEU A 71 15.67 -6.84 -1.74
C LEU A 71 16.89 -6.99 -0.87
N ALA A 72 16.88 -8.00 0.01
CA ALA A 72 17.91 -8.24 0.99
C ALA A 72 19.30 -8.52 0.45
N ASP A 73 19.45 -8.89 -0.82
CA ASP A 73 20.71 -9.10 -1.49
C ASP A 73 21.26 -7.85 -2.17
N GLY A 74 20.43 -6.82 -2.37
CA GLY A 74 20.75 -5.58 -3.04
C GLY A 74 20.10 -5.34 -4.40
N SER A 75 19.48 -6.34 -5.01
CA SER A 75 18.65 -6.18 -6.19
C SER A 75 17.35 -5.44 -5.90
N PHE A 76 16.66 -4.96 -6.93
CA PHE A 76 15.33 -4.37 -6.83
C PHE A 76 14.25 -5.31 -7.35
N ALA A 77 13.03 -5.16 -6.86
CA ALA A 77 11.93 -6.08 -7.09
C ALA A 77 11.32 -6.04 -8.47
N LYS A 78 10.59 -7.12 -8.80
CA LYS A 78 9.78 -7.23 -10.00
C LYS A 78 8.49 -6.42 -9.92
N HIS A 79 7.92 -6.32 -8.71
CA HIS A 79 6.76 -5.55 -8.28
C HIS A 79 6.61 -5.71 -6.78
N GLY A 80 5.67 -5.01 -6.14
CA GLY A 80 5.51 -5.02 -4.71
C GLY A 80 5.12 -6.36 -4.10
N TYR A 81 4.42 -7.22 -4.84
CA TYR A 81 4.04 -8.53 -4.37
C TYR A 81 5.22 -9.51 -4.42
N ALA A 82 6.07 -9.41 -5.43
CA ALA A 82 7.31 -10.17 -5.50
C ALA A 82 8.32 -9.74 -4.46
N ALA A 83 8.36 -8.44 -4.10
CA ALA A 83 9.13 -7.97 -2.97
C ALA A 83 8.68 -8.59 -1.67
N LEU A 84 7.36 -8.63 -1.42
CA LEU A 84 6.78 -9.27 -0.26
C LEU A 84 7.05 -10.76 -0.21
N ALA A 85 7.03 -11.47 -1.34
CA ALA A 85 7.34 -12.87 -1.42
C ALA A 85 8.77 -13.24 -1.04
N GLU A 86 9.71 -12.29 -1.16
CA GLU A 86 11.09 -12.47 -0.76
C GLU A 86 11.29 -12.48 0.76
N LEU A 87 10.27 -12.08 1.52
CA LEU A 87 10.28 -12.05 2.97
C LEU A 87 9.73 -13.32 3.62
N ASP A 88 9.34 -14.33 2.85
CA ASP A 88 9.00 -15.64 3.37
C ASP A 88 10.28 -16.39 3.77
N SER A 89 10.42 -16.71 5.06
CA SER A 89 11.64 -17.26 5.60
C SER A 89 11.82 -18.74 5.23
N ASN A 90 10.73 -19.52 5.22
CA ASN A 90 10.75 -20.95 5.03
C ASN A 90 10.20 -21.43 3.69
N GLY A 91 9.52 -20.58 2.92
CA GLY A 91 8.98 -20.94 1.63
C GLY A 91 7.64 -21.67 1.67
N ASP A 92 6.90 -21.61 2.77
CA ASP A 92 5.57 -22.19 2.88
C ASP A 92 4.51 -21.46 2.05
N ASN A 93 4.89 -20.38 1.38
CA ASN A 93 4.05 -19.56 0.52
C ASN A 93 3.02 -18.70 1.26
N ILE A 94 3.24 -18.43 2.54
CA ILE A 94 2.55 -17.40 3.29
C ILE A 94 3.52 -16.55 4.09
N ILE A 95 3.17 -15.26 4.29
CA ILE A 95 3.84 -14.37 5.22
C ILE A 95 3.09 -14.42 6.55
N ASN A 96 3.77 -14.92 7.59
CA ASN A 96 3.20 -15.20 8.90
C ASN A 96 4.21 -14.97 10.01
N ALA A 97 3.81 -15.03 11.27
CA ALA A 97 4.64 -14.70 12.41
C ALA A 97 5.93 -15.48 12.55
N ALA A 98 6.02 -16.69 11.97
CA ALA A 98 7.23 -17.48 11.94
C ALA A 98 8.30 -16.94 10.97
N ASP A 99 7.95 -16.00 10.08
CA ASP A 99 8.89 -15.27 9.26
C ASP A 99 9.58 -14.11 9.99
N ALA A 100 10.84 -13.89 9.67
CA ALA A 100 11.70 -12.93 10.34
C ALA A 100 11.23 -11.49 10.19
N ALA A 101 10.68 -11.13 9.04
CA ALA A 101 10.19 -9.78 8.76
C ALA A 101 8.89 -9.41 9.44
N PHE A 102 8.09 -10.36 9.95
CA PHE A 102 6.71 -10.13 10.31
C PHE A 102 6.50 -9.07 11.38
N GLN A 103 7.41 -8.94 12.35
CA GLN A 103 7.36 -7.90 13.36
C GLN A 103 7.69 -6.51 12.84
N SER A 104 8.34 -6.38 11.68
CA SER A 104 8.61 -5.10 11.05
C SER A 104 7.43 -4.52 10.30
N LEU A 105 6.43 -5.33 9.95
CA LEU A 105 5.30 -4.92 9.14
C LEU A 105 4.38 -3.95 9.86
N ARG A 106 3.88 -2.95 9.14
CA ARG A 106 2.80 -2.06 9.54
C ARG A 106 1.86 -1.81 8.37
N VAL A 107 0.70 -1.22 8.66
CA VAL A 107 -0.30 -0.84 7.68
C VAL A 107 -0.69 0.62 7.92
N TRP A 108 -0.77 1.42 6.85
CA TRP A 108 -1.04 2.84 6.91
C TRP A 108 -2.43 3.16 6.33
N GLN A 109 -3.26 3.83 7.16
CA GLN A 109 -4.61 4.25 6.84
C GLN A 109 -4.79 5.73 7.13
N ASP A 110 -4.71 6.56 6.09
CA ASP A 110 -4.61 8.00 6.18
C ASP A 110 -5.96 8.71 6.17
N LEU A 111 -6.12 9.68 7.07
CA LEU A 111 -7.33 10.48 7.21
C LEU A 111 -7.37 11.76 6.38
N ASN A 112 -6.23 12.41 6.13
CA ASN A 112 -6.15 13.69 5.47
C ASN A 112 -5.43 13.72 4.14
N GLN A 113 -4.84 12.61 3.69
CA GLN A 113 -4.26 12.41 2.38
C GLN A 113 -3.13 13.37 2.03
N ASP A 114 -2.28 13.71 2.99
CA ASP A 114 -1.20 14.67 2.83
C ASP A 114 0.12 14.06 2.38
N GLY A 115 0.23 12.73 2.30
CA GLY A 115 1.42 12.01 1.86
C GLY A 115 2.41 11.64 2.96
N ILE A 116 2.08 11.88 4.23
CA ILE A 116 2.87 11.57 5.41
C ILE A 116 1.98 10.88 6.44
N SER A 117 2.53 9.94 7.23
CA SER A 117 1.81 9.28 8.28
C SER A 117 1.96 9.94 9.64
N GLN A 118 0.98 9.73 10.51
CA GLN A 118 1.00 10.01 11.93
C GLN A 118 0.74 8.74 12.73
N ALA A 119 1.13 8.70 14.01
CA ALA A 119 1.13 7.50 14.81
C ALA A 119 -0.24 6.85 15.02
N ASN A 120 -1.32 7.61 14.85
CA ASN A 120 -2.70 7.13 14.82
C ASN A 120 -3.05 6.39 13.55
N GLU A 121 -2.47 6.78 12.41
CA GLU A 121 -2.74 6.25 11.09
C GLU A 121 -2.02 4.95 10.79
N LEU A 122 -1.10 4.53 11.67
CA LEU A 122 -0.31 3.32 11.53
C LEU A 122 -0.84 2.23 12.45
N ARG A 123 -1.12 1.05 11.87
CA ARG A 123 -1.74 -0.10 12.51
C ARG A 123 -0.89 -1.35 12.34
N THR A 124 -0.96 -2.26 13.30
CA THR A 124 -0.37 -3.58 13.24
C THR A 124 -1.30 -4.59 12.58
N LEU A 125 -0.75 -5.71 12.12
CA LEU A 125 -1.51 -6.83 11.63
C LEU A 125 -2.44 -7.39 12.71
N GLU A 126 -2.01 -7.44 13.96
CA GLU A 126 -2.83 -7.82 15.08
C GLU A 126 -3.96 -6.85 15.40
N GLU A 127 -3.78 -5.55 15.24
CA GLU A 127 -4.84 -4.57 15.36
C GLU A 127 -5.88 -4.73 14.27
N LEU A 128 -5.51 -5.27 13.12
CA LEU A 128 -6.37 -5.63 12.01
C LEU A 128 -6.83 -7.07 12.05
N GLY A 129 -6.47 -7.87 13.06
CA GLY A 129 -6.82 -9.26 13.20
C GLY A 129 -6.22 -10.21 12.18
N ILE A 130 -5.18 -9.78 11.45
CA ILE A 130 -4.55 -10.50 10.36
C ILE A 130 -3.61 -11.55 10.91
N GLN A 131 -3.76 -12.79 10.42
CA GLN A 131 -2.97 -13.94 10.79
C GLN A 131 -1.89 -14.26 9.77
N SER A 132 -2.16 -14.07 8.47
CA SER A 132 -1.16 -14.26 7.42
C SER A 132 -1.52 -13.56 6.12
N LEU A 133 -0.54 -13.34 5.26
CA LEU A 133 -0.67 -12.84 3.90
C LEU A 133 -0.34 -13.94 2.92
N ASP A 134 -1.14 -14.16 1.88
CA ASP A 134 -0.96 -15.20 0.90
C ASP A 134 -0.07 -14.76 -0.25
N LEU A 135 0.86 -15.63 -0.67
CA LEU A 135 1.78 -15.40 -1.77
C LEU A 135 1.36 -16.05 -3.08
N ALA A 136 0.24 -16.77 -3.13
CA ALA A 136 -0.37 -17.27 -4.35
C ALA A 136 -1.20 -16.18 -5.01
N TYR A 137 -0.53 -15.21 -5.65
CA TYR A 137 -1.15 -14.12 -6.38
C TYR A 137 -1.28 -14.40 -7.87
N LYS A 138 -2.11 -13.59 -8.54
CA LYS A 138 -2.37 -13.61 -9.96
C LYS A 138 -2.25 -12.22 -10.56
N ASP A 139 -1.71 -12.07 -11.76
CA ASP A 139 -1.77 -10.83 -12.49
C ASP A 139 -3.16 -10.65 -13.10
N VAL A 140 -3.76 -9.48 -12.86
CA VAL A 140 -5.15 -9.20 -13.19
C VAL A 140 -5.33 -7.90 -13.97
N ASN A 141 -4.42 -6.94 -13.84
CA ASN A 141 -4.43 -5.67 -14.56
C ASN A 141 -5.81 -5.01 -14.57
N LYS A 142 -6.43 -4.98 -13.40
CA LYS A 142 -7.85 -4.76 -13.18
C LYS A 142 -8.17 -3.28 -13.01
N ASN A 143 -9.17 -2.80 -13.75
CA ASN A 143 -9.69 -1.44 -13.63
C ASN A 143 -10.60 -1.33 -12.43
N LEU A 144 -10.40 -0.29 -11.60
CA LEU A 144 -11.22 0.04 -10.44
C LEU A 144 -12.00 1.33 -10.62
N GLY A 145 -11.94 1.95 -11.82
CA GLY A 145 -12.56 3.23 -12.12
C GLY A 145 -11.63 4.42 -11.91
N ASN A 146 -11.92 5.50 -12.63
CA ASN A 146 -11.25 6.79 -12.55
C ASN A 146 -9.75 6.71 -12.71
N GLY A 147 -9.25 5.78 -13.53
CA GLY A 147 -7.83 5.59 -13.82
C GLY A 147 -7.05 4.79 -12.78
N ASN A 148 -7.70 4.15 -11.81
CA ASN A 148 -7.06 3.34 -10.81
C ASN A 148 -6.95 1.89 -11.30
N THR A 149 -5.79 1.26 -11.10
CA THR A 149 -5.49 -0.05 -11.67
C THR A 149 -4.77 -0.94 -10.66
N LEU A 150 -5.25 -2.17 -10.48
CA LEU A 150 -4.62 -3.20 -9.68
C LEU A 150 -3.88 -4.17 -10.57
N ALA A 151 -2.55 -4.26 -10.49
CA ALA A 151 -1.72 -5.03 -11.38
C ALA A 151 -1.75 -6.52 -11.06
N GLN A 152 -1.32 -6.91 -9.87
CA GLN A 152 -1.38 -8.27 -9.36
C GLN A 152 -2.01 -8.36 -7.97
N GLN A 153 -2.77 -9.42 -7.74
CA GLN A 153 -3.78 -9.55 -6.70
C GLN A 153 -3.68 -10.88 -5.98
N GLY A 154 -3.84 -10.84 -4.65
CA GLY A 154 -3.96 -11.98 -3.75
C GLY A 154 -4.86 -11.65 -2.56
N SER A 155 -4.66 -12.31 -1.41
CA SER A 155 -5.44 -12.14 -0.21
C SER A 155 -4.63 -12.22 1.06
N TYR A 156 -5.25 -11.79 2.18
CA TYR A 156 -4.79 -12.06 3.53
C TYR A 156 -5.89 -12.77 4.33
N THR A 157 -5.49 -13.51 5.37
CA THR A 157 -6.35 -14.27 6.25
C THR A 157 -6.36 -13.66 7.65
N LYS A 158 -7.52 -13.63 8.30
CA LYS A 158 -7.73 -13.20 9.66
C LYS A 158 -7.88 -14.35 10.64
N THR A 159 -7.67 -14.09 11.93
CA THR A 159 -7.78 -15.08 12.98
C THR A 159 -9.16 -15.72 13.10
N ASN A 160 -10.23 -15.02 12.69
CA ASN A 160 -11.58 -15.52 12.60
C ASN A 160 -11.88 -16.38 11.38
N GLY A 161 -10.88 -16.68 10.53
CA GLY A 161 -11.00 -17.53 9.36
C GLY A 161 -11.49 -16.83 8.09
N THR A 162 -11.77 -15.53 8.12
CA THR A 162 -12.09 -14.77 6.92
C THR A 162 -10.86 -14.43 6.09
N THR A 163 -11.07 -14.15 4.80
CA THR A 163 -10.06 -13.55 3.95
C THR A 163 -10.57 -12.27 3.30
N ALA A 164 -9.65 -11.38 2.93
CA ALA A 164 -9.92 -10.21 2.11
C ALA A 164 -8.75 -9.91 1.19
N LYS A 165 -9.02 -9.13 0.14
CA LYS A 165 -8.12 -8.93 -0.98
C LYS A 165 -6.98 -7.95 -0.71
N MET A 166 -5.87 -8.14 -1.40
CA MET A 166 -4.72 -7.26 -1.42
C MET A 166 -4.01 -7.31 -2.77
N GLY A 167 -3.21 -6.29 -3.11
CA GLY A 167 -2.50 -6.29 -4.36
C GLY A 167 -1.69 -5.02 -4.65
N ASP A 168 -0.95 -5.07 -5.76
CA ASP A 168 -0.09 -4.00 -6.24
C ASP A 168 -0.94 -2.99 -7.01
N LEU A 169 -1.15 -1.80 -6.43
CA LEU A 169 -2.13 -0.81 -6.83
C LEU A 169 -1.48 0.48 -7.34
N LEU A 170 -1.92 0.96 -8.50
CA LEU A 170 -1.64 2.28 -9.02
C LEU A 170 -2.79 3.23 -8.67
N LEU A 171 -2.46 4.30 -7.93
CA LEU A 171 -3.37 5.39 -7.67
C LEU A 171 -3.39 6.32 -8.86
N ALA A 172 -4.58 6.74 -9.29
CA ALA A 172 -4.79 7.65 -10.40
C ALA A 172 -4.29 9.04 -10.11
N ALA A 173 -3.54 9.63 -11.05
CA ALA A 173 -2.92 10.92 -10.89
C ALA A 173 -3.93 12.06 -11.05
N ASP A 174 -3.86 13.05 -10.17
CA ASP A 174 -4.80 14.15 -10.05
C ASP A 174 -4.43 15.34 -10.93
N ASN A 175 -5.41 16.12 -11.37
CA ASN A 175 -5.20 17.41 -12.01
C ASN A 175 -4.88 18.50 -11.00
N LEU A 176 -3.78 18.33 -10.25
CA LEU A 176 -3.23 19.22 -9.27
C LEU A 176 -4.23 19.64 -8.20
N HIS A 177 -4.71 18.69 -7.41
CA HIS A 177 -5.60 18.94 -6.28
C HIS A 177 -5.45 18.00 -5.10
N SER A 178 -4.95 16.77 -5.31
CA SER A 178 -4.82 15.76 -4.27
C SER A 178 -3.44 15.71 -3.64
N ARG A 179 -2.37 15.71 -4.44
CA ARG A 179 -1.00 15.67 -3.98
C ARG A 179 -0.31 17.02 -4.16
N PHE A 180 0.46 17.46 -3.16
CA PHE A 180 1.31 18.63 -3.22
C PHE A 180 2.79 18.30 -3.03
N LEU A 181 3.13 17.21 -2.36
CA LEU A 181 4.46 16.64 -2.32
C LEU A 181 4.92 16.16 -3.70
N GLU A 182 6.22 15.91 -3.86
CA GLU A 182 6.75 15.15 -4.97
C GLU A 182 6.32 13.68 -4.86
CA CA B . -12.62 -1.37 0.91
CA CA C . 10.62 6.51 8.67
CA CA D . 6.24 -18.39 6.05
CA CA E . -1.70 11.86 7.26
CA CA F . 3.50 -1.61 -10.05
N GLY A 1 7.50 5.87 -8.25
CA GLY A 1 6.80 5.68 -6.96
C GLY A 1 5.37 5.22 -7.19
N SER A 2 4.47 5.56 -6.27
CA SER A 2 3.03 5.39 -6.33
C SER A 2 2.45 4.01 -6.56
N ASP A 3 3.28 2.96 -6.56
CA ASP A 3 2.91 1.57 -6.77
C ASP A 3 3.01 0.78 -5.49
N ALA A 4 1.93 0.13 -5.05
CA ALA A 4 1.77 -0.35 -3.70
C ALA A 4 0.98 -1.66 -3.61
N LEU A 5 1.02 -2.31 -2.45
CA LEU A 5 0.09 -3.37 -2.06
C LEU A 5 -0.95 -2.80 -1.12
N ALA A 6 -2.23 -3.08 -1.37
CA ALA A 6 -3.35 -2.64 -0.54
C ALA A 6 -4.22 -3.80 -0.08
N LEU A 7 -4.80 -3.69 1.12
CA LEU A 7 -5.62 -4.68 1.79
C LEU A 7 -7.02 -4.14 2.04
N ASP A 8 -8.04 -4.95 1.80
CA ASP A 8 -9.44 -4.71 2.13
C ASP A 8 -9.72 -5.01 3.59
N LEU A 9 -9.83 -4.02 4.46
CA LEU A 9 -9.91 -4.22 5.89
C LEU A 9 -11.31 -4.39 6.46
N ASP A 10 -12.37 -4.07 5.72
CA ASP A 10 -13.75 -4.31 6.12
C ASP A 10 -14.46 -5.37 5.29
N GLY A 11 -13.88 -5.87 4.20
CA GLY A 11 -14.34 -7.07 3.54
C GLY A 11 -15.35 -6.87 2.42
N ASP A 12 -15.38 -5.69 1.79
CA ASP A 12 -16.31 -5.35 0.74
C ASP A 12 -15.65 -5.00 -0.58
N GLY A 13 -14.35 -5.31 -0.74
CA GLY A 13 -13.52 -4.96 -1.88
C GLY A 13 -12.55 -3.84 -1.59
N ILE A 14 -11.40 -3.84 -2.27
CA ILE A 14 -10.36 -2.83 -2.15
C ILE A 14 -10.84 -1.54 -2.80
N GLU A 15 -10.80 -0.42 -2.07
CA GLU A 15 -11.36 0.84 -2.48
C GLU A 15 -10.35 1.99 -2.56
N THR A 16 -10.63 2.95 -3.44
CA THR A 16 -9.81 4.12 -3.73
C THR A 16 -10.62 5.39 -3.88
N VAL A 17 -9.94 6.55 -3.82
CA VAL A 17 -10.47 7.89 -3.91
C VAL A 17 -9.52 8.82 -4.64
N ALA A 18 -9.99 10.02 -4.99
CA ALA A 18 -9.14 11.17 -5.18
C ALA A 18 -8.86 11.84 -3.83
N THR A 19 -7.68 12.47 -3.68
CA THR A 19 -7.29 13.19 -2.48
C THR A 19 -7.15 14.69 -2.69
N LYS A 20 -6.94 15.14 -3.92
CA LYS A 20 -7.07 16.50 -4.38
C LYS A 20 -7.25 16.57 -5.90
N GLY A 21 -7.54 17.76 -6.41
CA GLY A 21 -7.60 18.07 -7.82
C GLY A 21 -6.25 18.26 -8.51
N PHE A 22 -6.23 19.04 -9.58
CA PHE A 22 -5.11 19.15 -10.48
C PHE A 22 -4.11 20.25 -10.14
N SER A 23 -4.50 21.25 -9.34
CA SER A 23 -3.71 22.44 -9.08
C SER A 23 -2.45 22.16 -8.28
N GLY A 24 -1.33 22.79 -8.68
CA GLY A 24 -0.02 22.58 -8.13
C GLY A 24 0.24 23.38 -6.85
N SER A 25 1.32 23.00 -6.14
CA SER A 25 1.82 23.73 -4.98
C SER A 25 2.50 25.03 -5.36
N LEU A 26 2.76 25.90 -4.38
CA LEU A 26 3.57 27.08 -4.51
C LEU A 26 4.98 26.89 -3.97
N PHE A 27 5.20 25.96 -3.05
CA PHE A 27 6.45 25.70 -2.38
C PHE A 27 6.69 24.21 -2.17
N ASP A 28 7.95 23.80 -1.97
CA ASP A 28 8.35 22.41 -1.91
C ASP A 28 8.02 21.70 -0.61
N HIS A 29 7.56 20.45 -0.73
CA HIS A 29 7.14 19.61 0.38
C HIS A 29 8.29 18.89 1.08
N ASN A 30 8.18 18.69 2.39
CA ASN A 30 9.24 18.20 3.25
C ASN A 30 9.61 16.74 3.08
N ARG A 31 8.77 15.89 2.50
CA ARG A 31 8.97 14.45 2.43
C ARG A 31 9.83 14.03 1.27
N ASP A 32 10.66 13.00 1.48
CA ASP A 32 11.67 12.56 0.54
C ASP A 32 11.14 12.06 -0.78
N GLY A 33 9.97 11.41 -0.80
CA GLY A 33 9.29 10.99 -2.01
C GLY A 33 7.79 10.71 -1.87
N ILE A 34 7.31 10.39 -0.66
CA ILE A 34 5.91 10.19 -0.36
C ILE A 34 5.24 11.52 -0.10
N ARG A 35 4.99 12.24 -1.19
CA ARG A 35 4.34 13.54 -1.28
C ARG A 35 3.61 13.71 -2.60
N THR A 36 2.76 14.74 -2.70
CA THR A 36 2.00 15.13 -3.86
C THR A 36 1.19 14.04 -4.53
N ALA A 37 0.54 13.18 -3.74
CA ALA A 37 -0.49 12.28 -4.22
C ALA A 37 -1.73 13.04 -4.65
N THR A 38 -2.45 12.49 -5.63
CA THR A 38 -3.76 12.96 -6.06
C THR A 38 -4.82 11.87 -6.05
N GLY A 39 -4.44 10.62 -5.82
CA GLY A 39 -5.32 9.50 -5.54
C GLY A 39 -4.72 8.56 -4.51
N TRP A 40 -5.57 7.88 -3.75
CA TRP A 40 -5.19 7.05 -2.61
C TRP A 40 -6.21 5.95 -2.34
N VAL A 41 -5.92 5.03 -1.45
CA VAL A 41 -6.85 4.05 -0.94
C VAL A 41 -7.85 4.66 0.05
N SER A 42 -9.06 4.09 0.10
CA SER A 42 -10.13 4.55 0.96
C SER A 42 -9.80 4.46 2.43
N ALA A 43 -10.45 5.27 3.28
CA ALA A 43 -10.22 5.33 4.70
C ALA A 43 -10.54 4.06 5.47
N ASP A 44 -11.31 3.14 4.89
CA ASP A 44 -11.61 1.83 5.47
C ASP A 44 -10.60 0.76 5.11
N ASP A 45 -9.67 1.02 4.19
CA ASP A 45 -8.63 0.13 3.71
C ASP A 45 -7.24 0.63 4.05
N GLY A 46 -6.18 -0.07 3.67
CA GLY A 46 -4.82 0.36 3.94
C GLY A 46 -3.73 -0.25 3.07
N LEU A 47 -2.57 0.41 3.05
CA LEU A 47 -1.39 0.00 2.32
C LEU A 47 -0.42 -0.80 3.19
N LEU A 48 0.25 -1.80 2.62
CA LEU A 48 1.33 -2.52 3.27
C LEU A 48 2.64 -1.75 3.12
N VAL A 49 3.31 -1.46 4.23
CA VAL A 49 4.43 -0.54 4.32
C VAL A 49 5.49 -0.96 5.32
N ARG A 50 6.67 -0.37 5.21
CA ARG A 50 7.79 -0.55 6.12
C ARG A 50 8.64 0.71 6.26
N ASP A 51 9.06 1.04 7.48
CA ASP A 51 10.05 2.08 7.68
C ASP A 51 11.45 1.52 7.45
N LEU A 52 12.24 2.19 6.61
CA LEU A 52 13.57 1.81 6.21
C LEU A 52 14.69 2.63 6.83
N ASN A 53 14.40 3.68 7.60
CA ASN A 53 15.38 4.52 8.23
C ASN A 53 15.15 4.80 9.71
N GLY A 54 14.16 4.18 10.35
CA GLY A 54 13.92 4.28 11.77
C GLY A 54 13.39 5.62 12.28
N ASN A 55 12.79 6.45 11.42
CA ASN A 55 12.22 7.72 11.80
C ASN A 55 10.76 7.65 12.27
N GLY A 56 10.09 6.51 12.08
CA GLY A 56 8.74 6.25 12.53
C GLY A 56 7.63 6.58 11.54
N ILE A 57 7.96 7.05 10.35
CA ILE A 57 7.02 7.46 9.31
C ILE A 57 7.40 6.96 7.93
N ILE A 58 6.44 6.96 7.00
CA ILE A 58 6.58 6.55 5.62
C ILE A 58 6.75 7.77 4.74
N ASP A 59 7.98 8.04 4.31
CA ASP A 59 8.38 9.28 3.67
C ASP A 59 9.26 9.11 2.45
N ASN A 60 10.02 8.02 2.35
CA ASN A 60 10.88 7.68 1.24
C ASN A 60 10.19 6.73 0.26
N GLY A 61 10.50 6.87 -1.04
CA GLY A 61 9.83 6.12 -2.09
C GLY A 61 9.98 4.60 -2.04
N ALA A 62 10.97 4.06 -1.35
CA ALA A 62 11.16 2.64 -1.18
C ALA A 62 10.29 2.02 -0.10
N GLU A 63 9.55 2.80 0.68
CA GLU A 63 8.88 2.38 1.89
C GLU A 63 7.50 1.75 1.68
N LEU A 64 7.02 1.73 0.44
CA LEU A 64 5.83 1.02 -0.01
C LEU A 64 6.21 -0.28 -0.69
N PHE A 65 5.43 -1.36 -0.52
CA PHE A 65 5.66 -2.60 -1.25
C PHE A 65 5.16 -2.51 -2.69
N GLY A 66 6.08 -2.39 -3.64
CA GLY A 66 5.80 -2.20 -5.05
C GLY A 66 7.06 -2.19 -5.89
N ASP A 67 6.96 -1.65 -7.11
CA ASP A 67 8.00 -1.67 -8.12
C ASP A 67 9.17 -0.73 -7.86
N ASN A 68 9.27 -0.09 -6.70
CA ASN A 68 10.28 0.88 -6.35
C ASN A 68 11.10 0.56 -5.11
N THR A 69 10.74 -0.49 -4.33
CA THR A 69 11.34 -0.79 -3.06
C THR A 69 12.73 -1.39 -3.15
N LYS A 70 13.50 -1.32 -2.05
CA LYS A 70 14.83 -1.90 -1.91
C LYS A 70 14.78 -3.19 -1.10
N LEU A 71 15.54 -4.19 -1.56
CA LEU A 71 15.60 -5.53 -1.01
C LEU A 71 16.69 -5.66 0.06
N ALA A 72 16.69 -6.78 0.78
CA ALA A 72 17.59 -7.03 1.90
C ALA A 72 19.07 -6.93 1.51
N ASP A 73 19.45 -7.42 0.34
CA ASP A 73 20.81 -7.38 -0.19
C ASP A 73 21.12 -6.12 -0.99
N GLY A 74 20.38 -5.05 -0.77
CA GLY A 74 20.64 -3.71 -1.28
C GLY A 74 20.19 -3.44 -2.70
N SER A 75 19.88 -4.48 -3.48
CA SER A 75 19.31 -4.36 -4.82
C SER A 75 17.90 -3.78 -4.79
N PHE A 76 17.46 -3.14 -5.86
CA PHE A 76 16.09 -2.73 -6.02
C PHE A 76 15.20 -3.89 -6.46
N ALA A 77 13.94 -3.90 -6.03
CA ALA A 77 12.96 -4.91 -6.40
C ALA A 77 12.45 -4.75 -7.83
N LYS A 78 12.02 -5.83 -8.45
CA LYS A 78 11.30 -5.82 -9.71
C LYS A 78 9.83 -5.52 -9.51
N HIS A 79 9.19 -6.05 -8.46
CA HIS A 79 7.82 -5.76 -8.08
C HIS A 79 7.51 -6.06 -6.63
N GLY A 80 6.35 -5.60 -6.16
CA GLY A 80 5.94 -5.63 -4.77
C GLY A 80 5.72 -7.01 -4.16
N TYR A 81 5.06 -7.94 -4.86
CA TYR A 81 4.89 -9.29 -4.37
C TYR A 81 6.22 -10.03 -4.27
N ALA A 82 7.18 -9.79 -5.14
CA ALA A 82 8.52 -10.34 -5.04
C ALA A 82 9.26 -9.77 -3.84
N ALA A 83 9.17 -8.46 -3.60
CA ALA A 83 9.75 -7.83 -2.44
C ALA A 83 9.14 -8.30 -1.13
N LEU A 84 7.86 -8.65 -1.11
CA LEU A 84 7.19 -9.27 0.02
C LEU A 84 7.61 -10.71 0.20
N ALA A 85 7.74 -11.48 -0.88
CA ALA A 85 8.16 -12.87 -0.86
C ALA A 85 9.59 -13.08 -0.39
N GLU A 86 10.44 -12.06 -0.47
CA GLU A 86 11.74 -12.05 0.20
C GLU A 86 11.61 -12.29 1.69
N LEU A 87 10.55 -11.80 2.33
CA LEU A 87 10.34 -11.85 3.76
C LEU A 87 9.77 -13.16 4.26
N ASP A 88 9.52 -14.13 3.38
CA ASP A 88 9.10 -15.46 3.74
C ASP A 88 10.30 -16.29 4.18
N SER A 89 10.43 -16.49 5.49
CA SER A 89 11.61 -17.02 6.14
C SER A 89 11.79 -18.53 6.00
N ASN A 90 10.70 -19.26 5.78
CA ASN A 90 10.66 -20.69 5.52
C ASN A 90 10.25 -21.06 4.11
N GLY A 91 9.68 -20.14 3.31
CA GLY A 91 9.25 -20.42 1.96
C GLY A 91 7.95 -21.22 1.85
N ASP A 92 7.05 -21.09 2.83
CA ASP A 92 5.75 -21.76 2.82
C ASP A 92 4.73 -21.07 1.92
N ASN A 93 5.10 -19.96 1.26
CA ASN A 93 4.29 -19.13 0.39
C ASN A 93 3.28 -18.27 1.12
N ILE A 94 3.47 -17.99 2.41
CA ILE A 94 2.74 -17.00 3.18
C ILE A 94 3.66 -16.18 4.08
N ILE A 95 3.22 -14.96 4.44
CA ILE A 95 3.86 -14.17 5.47
C ILE A 95 3.03 -14.26 6.73
N ASN A 96 3.60 -14.76 7.84
CA ASN A 96 2.91 -15.09 9.08
C ASN A 96 3.81 -14.90 10.28
N ALA A 97 3.28 -15.04 11.50
CA ALA A 97 3.97 -14.70 12.73
C ALA A 97 5.24 -15.51 13.01
N ALA A 98 5.44 -16.67 12.37
CA ALA A 98 6.68 -17.41 12.45
C ALA A 98 7.82 -16.80 11.64
N ASP A 99 7.55 -15.91 10.69
CA ASP A 99 8.52 -15.05 10.03
C ASP A 99 8.84 -13.83 10.86
N ALA A 100 10.12 -13.43 10.90
CA ALA A 100 10.57 -12.27 11.62
C ALA A 100 9.93 -10.96 11.17
N ALA A 101 9.63 -10.82 9.88
CA ALA A 101 9.03 -9.62 9.32
C ALA A 101 7.67 -9.26 9.88
N PHE A 102 6.93 -10.21 10.47
CA PHE A 102 5.62 -9.95 11.03
C PHE A 102 5.63 -8.88 12.11
N GLN A 103 6.75 -8.74 12.84
CA GLN A 103 6.94 -7.71 13.85
C GLN A 103 7.33 -6.35 13.32
N SER A 104 7.94 -6.25 12.12
CA SER A 104 8.40 -5.00 11.55
C SER A 104 7.47 -4.43 10.49
N LEU A 105 6.67 -5.25 9.82
CA LEU A 105 5.65 -4.83 8.87
C LEU A 105 4.55 -4.02 9.53
N ARG A 106 3.99 -3.07 8.78
CA ARG A 106 2.88 -2.24 9.18
C ARG A 106 1.87 -2.06 8.05
N VAL A 107 0.63 -1.71 8.41
CA VAL A 107 -0.42 -1.28 7.51
C VAL A 107 -0.72 0.19 7.76
N TRP A 108 -0.79 1.00 6.71
CA TRP A 108 -1.10 2.41 6.79
C TRP A 108 -2.53 2.67 6.37
N GLN A 109 -3.35 3.18 7.30
CA GLN A 109 -4.74 3.54 7.10
C GLN A 109 -4.93 5.05 7.27
N ASP A 110 -5.04 5.78 6.16
CA ASP A 110 -5.06 7.23 6.14
C ASP A 110 -6.48 7.79 6.13
N LEU A 111 -7.09 7.87 7.33
CA LEU A 111 -8.45 8.35 7.49
C LEU A 111 -8.70 9.81 7.17
N ASN A 112 -7.66 10.65 7.12
CA ASN A 112 -7.78 12.04 6.70
C ASN A 112 -7.46 12.25 5.23
N GLN A 113 -7.06 11.19 4.53
CA GLN A 113 -7.07 11.06 3.07
C GLN A 113 -6.26 12.11 2.35
N ASP A 114 -4.99 12.28 2.71
CA ASP A 114 -4.06 13.16 2.05
C ASP A 114 -2.82 12.47 1.50
N GLY A 115 -2.53 11.22 1.92
CA GLY A 115 -1.35 10.49 1.50
C GLY A 115 -0.07 10.94 2.19
N ILE A 116 -0.15 11.73 3.27
CA ILE A 116 0.96 12.17 4.09
C ILE A 116 1.02 11.32 5.35
N SER A 117 2.18 10.72 5.64
CA SER A 117 2.34 9.78 6.72
C SER A 117 2.42 10.44 8.09
N GLN A 118 1.76 9.82 9.08
CA GLN A 118 1.87 10.13 10.50
C GLN A 118 1.78 8.83 11.30
N ALA A 119 2.44 8.78 12.46
CA ALA A 119 2.56 7.58 13.27
C ALA A 119 1.22 7.04 13.77
N ASN A 120 0.23 7.88 14.04
CA ASN A 120 -1.11 7.49 14.44
C ASN A 120 -1.90 6.79 13.34
N GLU A 121 -1.42 6.78 12.10
CA GLU A 121 -2.01 6.09 10.97
C GLU A 121 -1.38 4.76 10.64
N LEU A 122 -0.32 4.36 11.35
CA LEU A 122 0.40 3.11 11.17
C LEU A 122 -0.06 2.07 12.16
N ARG A 123 -0.44 0.88 11.66
CA ARG A 123 -1.11 -0.18 12.38
C ARG A 123 -0.35 -1.50 12.29
N THR A 124 -0.45 -2.31 13.34
CA THR A 124 0.09 -3.65 13.39
C THR A 124 -0.75 -4.64 12.60
N LEU A 125 -0.20 -5.82 12.27
CA LEU A 125 -0.95 -6.89 11.67
C LEU A 125 -1.93 -7.51 12.65
N GLU A 126 -1.53 -7.69 13.91
CA GLU A 126 -2.36 -8.39 14.88
C GLU A 126 -3.54 -7.59 15.41
N GLU A 127 -3.51 -6.26 15.45
CA GLU A 127 -4.65 -5.46 15.83
C GLU A 127 -5.75 -5.45 14.77
N LEU A 128 -5.39 -5.74 13.52
CA LEU A 128 -6.28 -5.93 12.39
C LEU A 128 -6.78 -7.37 12.28
N GLY A 129 -6.36 -8.26 13.18
CA GLY A 129 -6.73 -9.66 13.14
C GLY A 129 -6.16 -10.42 11.95
N ILE A 130 -5.01 -9.99 11.39
CA ILE A 130 -4.36 -10.66 10.29
C ILE A 130 -3.58 -11.85 10.84
N GLN A 131 -3.79 -13.03 10.28
CA GLN A 131 -3.04 -14.23 10.60
C GLN A 131 -1.94 -14.51 9.59
N SER A 132 -2.19 -14.29 8.29
CA SER A 132 -1.17 -14.35 7.26
C SER A 132 -1.53 -13.60 6.00
N LEU A 133 -0.53 -13.23 5.20
CA LEU A 133 -0.67 -12.73 3.85
C LEU A 133 -0.36 -13.82 2.83
N ASP A 134 -1.13 -13.94 1.75
CA ASP A 134 -0.91 -14.91 0.71
C ASP A 134 0.03 -14.38 -0.35
N LEU A 135 0.98 -15.19 -0.83
CA LEU A 135 1.89 -14.87 -1.90
C LEU A 135 1.45 -15.38 -3.26
N ALA A 136 0.19 -15.84 -3.39
CA ALA A 136 -0.48 -16.19 -4.61
C ALA A 136 -1.50 -15.16 -5.06
N TYR A 137 -1.55 -14.84 -6.35
CA TYR A 137 -2.38 -13.81 -6.95
C TYR A 137 -2.70 -14.09 -8.41
N LYS A 138 -3.65 -13.36 -8.97
CA LYS A 138 -4.15 -13.45 -10.33
C LYS A 138 -4.24 -12.09 -10.99
N ASP A 139 -4.12 -12.01 -12.32
CA ASP A 139 -4.29 -10.80 -13.08
C ASP A 139 -5.76 -10.41 -13.23
N VAL A 140 -6.07 -9.14 -12.99
CA VAL A 140 -7.42 -8.61 -13.06
C VAL A 140 -7.55 -7.30 -13.83
N ASN A 141 -6.52 -6.43 -13.79
CA ASN A 141 -6.36 -5.25 -14.59
C ASN A 141 -7.60 -4.36 -14.66
N LYS A 142 -7.91 -3.68 -13.56
CA LYS A 142 -9.11 -2.86 -13.39
C LYS A 142 -8.76 -1.44 -12.96
N ASN A 143 -9.11 -0.44 -13.77
CA ASN A 143 -9.10 0.95 -13.38
C ASN A 143 -10.26 1.28 -12.46
N LEU A 144 -10.02 2.15 -11.48
CA LEU A 144 -10.92 2.48 -10.38
C LEU A 144 -11.37 3.93 -10.39
N GLY A 145 -11.19 4.65 -11.50
CA GLY A 145 -11.34 6.09 -11.55
C GLY A 145 -10.24 6.84 -10.81
N ASN A 146 -10.30 8.17 -10.83
CA ASN A 146 -9.38 9.08 -10.19
C ASN A 146 -7.91 8.88 -10.55
N GLY A 147 -7.61 8.21 -11.65
CA GLY A 147 -6.27 7.83 -12.07
C GLY A 147 -5.70 6.60 -11.40
N ASN A 148 -6.44 5.91 -10.52
CA ASN A 148 -6.00 4.74 -9.78
C ASN A 148 -6.33 3.46 -10.51
N THR A 149 -5.41 2.50 -10.59
CA THR A 149 -5.59 1.24 -11.30
C THR A 149 -5.02 0.07 -10.53
N LEU A 150 -5.74 -1.05 -10.48
CA LEU A 150 -5.37 -2.28 -9.81
C LEU A 150 -4.99 -3.35 -10.84
N ALA A 151 -3.77 -3.88 -10.80
CA ALA A 151 -3.28 -4.83 -11.77
C ALA A 151 -3.58 -6.28 -11.41
N GLN A 152 -3.25 -6.68 -10.18
CA GLN A 152 -3.30 -8.06 -9.72
C GLN A 152 -3.94 -8.14 -8.34
N GLN A 153 -4.64 -9.24 -8.06
CA GLN A 153 -5.37 -9.46 -6.83
C GLN A 153 -5.11 -10.84 -6.25
N GLY A 154 -4.89 -10.91 -4.94
CA GLY A 154 -4.76 -12.09 -4.10
C GLY A 154 -5.59 -11.93 -2.83
N SER A 155 -5.20 -12.64 -1.75
CA SER A 155 -5.88 -12.64 -0.48
C SER A 155 -4.95 -12.50 0.71
N TYR A 156 -5.53 -12.24 1.87
CA TYR A 156 -4.93 -12.49 3.18
C TYR A 156 -5.91 -13.21 4.09
N THR A 157 -5.38 -13.91 5.10
CA THR A 157 -6.13 -14.72 6.03
C THR A 157 -6.30 -13.99 7.37
N LYS A 158 -7.53 -13.99 7.88
CA LYS A 158 -7.94 -13.38 9.12
C LYS A 158 -7.97 -14.42 10.23
N THR A 159 -7.67 -14.01 11.48
CA THR A 159 -7.68 -14.88 12.64
C THR A 159 -9.03 -15.50 12.95
N ASN A 160 -10.13 -14.87 12.52
CA ASN A 160 -11.47 -15.44 12.64
C ASN A 160 -11.77 -16.60 11.72
N GLY A 161 -10.85 -17.02 10.85
CA GLY A 161 -11.00 -18.12 9.93
C GLY A 161 -11.39 -17.75 8.50
N THR A 162 -11.72 -16.48 8.25
CA THR A 162 -12.07 -15.97 6.95
C THR A 162 -10.88 -15.39 6.20
N THR A 163 -11.09 -14.98 4.95
CA THR A 163 -10.12 -14.33 4.08
C THR A 163 -10.66 -13.05 3.49
N ALA A 164 -9.77 -12.12 3.13
CA ALA A 164 -10.09 -10.86 2.50
C ALA A 164 -9.12 -10.51 1.39
N LYS A 165 -9.56 -9.65 0.45
CA LYS A 165 -8.83 -9.32 -0.75
C LYS A 165 -7.66 -8.38 -0.49
N MET A 166 -6.58 -8.56 -1.23
CA MET A 166 -5.47 -7.63 -1.33
C MET A 166 -4.91 -7.61 -2.74
N GLY A 167 -4.17 -6.59 -3.15
CA GLY A 167 -3.67 -6.49 -4.51
C GLY A 167 -2.64 -5.41 -4.79
N ASP A 168 -2.10 -5.45 -6.01
CA ASP A 168 -1.15 -4.52 -6.58
C ASP A 168 -1.84 -3.34 -7.23
N LEU A 169 -1.64 -2.14 -6.71
CA LEU A 169 -2.26 -0.90 -7.15
C LEU A 169 -1.20 0.11 -7.60
N LEU A 170 -1.55 0.88 -8.62
CA LEU A 170 -0.90 2.12 -9.02
C LEU A 170 -1.84 3.27 -8.70
N LEU A 171 -1.34 4.24 -7.92
CA LEU A 171 -2.10 5.38 -7.42
C LEU A 171 -1.74 6.66 -8.17
N ALA A 172 -2.68 7.60 -8.25
CA ALA A 172 -2.46 8.86 -8.93
C ALA A 172 -1.57 9.82 -8.15
N ALA A 173 -0.63 10.46 -8.83
CA ALA A 173 0.25 11.49 -8.30
C ALA A 173 0.39 12.66 -9.25
N ASP A 174 0.58 13.86 -8.71
CA ASP A 174 0.42 15.12 -9.41
C ASP A 174 1.40 15.28 -10.57
N ASN A 175 0.91 15.75 -11.70
CA ASN A 175 1.62 15.87 -12.97
C ASN A 175 1.23 17.15 -13.69
N LEU A 176 2.24 17.95 -14.10
CA LEU A 176 2.08 19.18 -14.83
C LEU A 176 1.45 19.01 -16.21
N HIS A 177 1.65 17.88 -16.89
CA HIS A 177 1.03 17.58 -18.17
C HIS A 177 -0.44 17.20 -18.04
N SER A 178 -0.91 16.92 -16.84
CA SER A 178 -2.31 16.70 -16.50
C SER A 178 -2.99 17.97 -15.99
N ARG A 179 -2.26 19.09 -15.97
CA ARG A 179 -2.67 20.39 -15.49
C ARG A 179 -2.78 21.37 -16.65
N PHE A 180 -3.74 22.29 -16.58
CA PHE A 180 -4.02 23.28 -17.60
C PHE A 180 -4.29 24.65 -16.98
N LEU A 181 -3.65 25.69 -17.51
CA LEU A 181 -3.71 27.04 -16.97
C LEU A 181 -4.69 27.93 -17.74
N GLU A 182 -5.06 29.04 -17.12
CA GLU A 182 -5.91 30.10 -17.61
C GLU A 182 -5.43 31.47 -17.14
CA CA B . -12.95 -1.89 1.65
CA CA C . 11.04 6.49 6.91
CA CA D . 6.21 -18.04 6.17
CA CA E . -2.55 11.35 6.56
CA CA F . 3.32 -3.23 -9.44
N GLY A 1 5.80 6.26 -9.92
CA GLY A 1 4.35 6.31 -9.69
C GLY A 1 4.03 5.87 -8.26
N SER A 2 2.80 6.10 -7.81
CA SER A 2 2.29 5.67 -6.52
C SER A 2 1.96 4.19 -6.50
N ASP A 3 2.96 3.34 -6.77
CA ASP A 3 2.84 1.90 -6.90
C ASP A 3 3.03 1.20 -5.54
N ALA A 4 2.07 0.35 -5.18
CA ALA A 4 1.94 -0.17 -3.82
C ALA A 4 1.30 -1.56 -3.77
N LEU A 5 1.29 -2.16 -2.57
CA LEU A 5 0.41 -3.24 -2.19
C LEU A 5 -0.63 -2.74 -1.22
N ALA A 6 -1.91 -2.98 -1.49
CA ALA A 6 -3.05 -2.60 -0.70
C ALA A 6 -3.84 -3.80 -0.19
N LEU A 7 -4.47 -3.65 0.98
CA LEU A 7 -5.30 -4.65 1.64
C LEU A 7 -6.72 -4.13 1.81
N ASP A 8 -7.70 -5.00 1.57
CA ASP A 8 -9.12 -4.77 1.77
C ASP A 8 -9.50 -4.96 3.23
N LEU A 9 -9.42 -3.92 4.06
CA LEU A 9 -9.47 -4.07 5.50
C LEU A 9 -10.88 -4.25 6.07
N ASP A 10 -11.92 -3.84 5.36
CA ASP A 10 -13.30 -4.13 5.74
C ASP A 10 -13.94 -5.27 4.96
N GLY A 11 -13.26 -5.85 3.96
CA GLY A 11 -13.68 -7.09 3.33
C GLY A 11 -14.81 -6.98 2.32
N ASP A 12 -14.79 -5.97 1.45
CA ASP A 12 -15.76 -5.74 0.39
C ASP A 12 -15.14 -5.36 -0.94
N GLY A 13 -13.84 -5.62 -1.14
CA GLY A 13 -13.06 -5.34 -2.32
C GLY A 13 -12.15 -4.13 -2.17
N ILE A 14 -11.08 -4.10 -2.98
CA ILE A 14 -10.14 -3.01 -3.08
C ILE A 14 -10.82 -1.81 -3.71
N GLU A 15 -10.68 -0.62 -3.12
CA GLU A 15 -11.31 0.63 -3.54
C GLU A 15 -10.51 1.87 -3.15
N THR A 16 -10.69 2.95 -3.91
CA THR A 16 -9.88 4.16 -3.84
C THR A 16 -10.71 5.43 -3.79
N VAL A 17 -10.05 6.58 -3.59
CA VAL A 17 -10.64 7.90 -3.51
C VAL A 17 -9.73 8.93 -4.17
N ALA A 18 -10.23 10.17 -4.34
CA ALA A 18 -9.42 11.34 -4.60
C ALA A 18 -8.67 11.80 -3.36
N THR A 19 -7.48 12.38 -3.52
CA THR A 19 -6.65 12.84 -2.45
C THR A 19 -7.26 14.04 -1.73
N LYS A 20 -7.51 13.91 -0.42
CA LYS A 20 -8.08 14.92 0.45
C LYS A 20 -9.34 15.56 -0.11
N GLY A 21 -10.28 14.73 -0.59
CA GLY A 21 -11.51 15.17 -1.22
C GLY A 21 -11.27 15.93 -2.53
N PHE A 22 -12.11 16.94 -2.77
CA PHE A 22 -12.09 17.78 -3.95
C PHE A 22 -12.29 19.24 -3.61
N SER A 23 -11.94 20.13 -4.54
CA SER A 23 -12.11 21.57 -4.45
C SER A 23 -13.58 21.97 -4.37
N GLY A 24 -13.95 22.80 -3.41
CA GLY A 24 -15.25 23.46 -3.33
C GLY A 24 -16.43 22.58 -2.93
N SER A 25 -16.19 21.41 -2.32
CA SER A 25 -17.19 20.42 -2.05
C SER A 25 -18.32 20.86 -1.12
N LEU A 26 -19.55 20.56 -1.47
CA LEU A 26 -20.75 20.87 -0.70
C LEU A 26 -21.20 19.73 0.22
N PHE A 27 -20.84 18.48 -0.08
CA PHE A 27 -21.19 17.29 0.66
C PHE A 27 -20.02 16.36 0.90
N ASP A 28 -19.08 16.28 -0.05
CA ASP A 28 -17.79 15.64 0.07
C ASP A 28 -16.81 16.51 0.83
N HIS A 29 -15.61 15.99 1.14
CA HIS A 29 -14.58 16.79 1.80
C HIS A 29 -14.07 17.89 0.87
N ASN A 30 -13.91 19.12 1.39
CA ASN A 30 -13.39 20.26 0.67
C ASN A 30 -11.89 20.38 0.84
N ARG A 31 -11.15 20.17 -0.26
CA ARG A 31 -9.71 20.24 -0.36
C ARG A 31 -9.22 21.67 -0.17
N ASP A 32 -8.19 21.90 0.67
CA ASP A 32 -7.64 23.21 0.94
C ASP A 32 -6.45 23.58 0.08
N GLY A 33 -5.81 22.61 -0.58
CA GLY A 33 -4.72 22.79 -1.51
C GLY A 33 -4.29 21.47 -2.13
N ILE A 34 -3.65 21.49 -3.30
CA ILE A 34 -3.32 20.30 -4.07
C ILE A 34 -2.04 19.62 -3.65
N ARG A 35 -1.92 18.34 -4.02
CA ARG A 35 -0.70 17.54 -4.06
C ARG A 35 -0.43 17.04 -5.47
N THR A 36 0.76 16.45 -5.67
CA THR A 36 1.10 15.72 -6.88
C THR A 36 0.32 14.42 -7.02
N ALA A 37 -0.06 13.79 -5.89
CA ALA A 37 -1.00 12.69 -5.85
C ALA A 37 -2.43 13.18 -6.01
N THR A 38 -3.16 12.68 -7.01
CA THR A 38 -4.56 12.99 -7.25
C THR A 38 -5.52 11.96 -6.70
N GLY A 39 -5.05 10.72 -6.48
CA GLY A 39 -5.79 9.65 -5.82
C GLY A 39 -5.05 9.02 -4.66
N TRP A 40 -5.81 8.41 -3.75
CA TRP A 40 -5.34 7.66 -2.61
C TRP A 40 -6.21 6.43 -2.31
N VAL A 41 -5.78 5.58 -1.39
CA VAL A 41 -6.53 4.45 -0.87
C VAL A 41 -7.72 4.94 -0.05
N SER A 42 -8.86 4.26 -0.17
CA SER A 42 -10.07 4.59 0.56
C SER A 42 -9.91 4.44 2.07
N ALA A 43 -10.71 5.15 2.86
CA ALA A 43 -10.63 5.17 4.31
C ALA A 43 -10.74 3.80 4.98
N ASP A 44 -11.45 2.86 4.35
CA ASP A 44 -11.77 1.56 4.87
C ASP A 44 -10.70 0.50 4.65
N ASP A 45 -9.66 0.81 3.87
CA ASP A 45 -8.56 -0.04 3.48
C ASP A 45 -7.21 0.52 3.90
N GLY A 46 -6.10 -0.09 3.49
CA GLY A 46 -4.78 0.40 3.80
C GLY A 46 -3.65 -0.21 2.98
N LEU A 47 -2.46 0.39 3.04
CA LEU A 47 -1.26 -0.08 2.37
C LEU A 47 -0.39 -0.94 3.28
N LEU A 48 0.22 -1.99 2.75
CA LEU A 48 1.27 -2.70 3.43
C LEU A 48 2.57 -1.90 3.37
N VAL A 49 3.22 -1.65 4.51
CA VAL A 49 4.33 -0.73 4.61
C VAL A 49 5.41 -1.22 5.57
N ARG A 50 6.61 -0.66 5.43
CA ARG A 50 7.68 -0.77 6.40
C ARG A 50 8.55 0.49 6.34
N ASP A 51 8.63 1.22 7.47
CA ASP A 51 9.56 2.31 7.60
C ASP A 51 10.98 1.79 7.64
N LEU A 52 11.86 2.34 6.79
CA LEU A 52 13.17 1.78 6.53
C LEU A 52 14.33 2.51 7.18
N ASN A 53 14.07 3.61 7.88
CA ASN A 53 15.08 4.45 8.50
C ASN A 53 14.81 4.88 9.93
N GLY A 54 13.89 4.21 10.64
CA GLY A 54 13.77 4.31 12.08
C GLY A 54 13.09 5.56 12.61
N ASN A 55 12.27 6.24 11.79
CA ASN A 55 11.50 7.41 12.16
C ASN A 55 10.01 7.18 12.26
N GLY A 56 9.50 6.04 11.79
CA GLY A 56 8.12 5.63 11.95
C GLY A 56 7.11 6.41 11.11
N ILE A 57 7.55 7.11 10.07
CA ILE A 57 6.73 7.85 9.14
C ILE A 57 7.02 7.32 7.74
N ILE A 58 5.99 6.95 6.97
CA ILE A 58 6.13 6.47 5.61
C ILE A 58 6.21 7.66 4.67
N ASP A 59 7.39 7.94 4.09
CA ASP A 59 7.62 9.11 3.28
C ASP A 59 8.49 8.89 2.05
N ASN A 60 9.34 7.87 2.02
CA ASN A 60 10.11 7.50 0.85
C ASN A 60 9.39 6.41 0.06
N GLY A 61 9.47 6.43 -1.27
CA GLY A 61 8.85 5.45 -2.12
C GLY A 61 9.26 4.00 -1.85
N ALA A 62 10.43 3.77 -1.25
CA ALA A 62 10.86 2.47 -0.83
C ALA A 62 10.18 1.93 0.42
N GLU A 63 9.49 2.76 1.19
CA GLU A 63 8.87 2.42 2.45
C GLU A 63 7.48 1.81 2.30
N LEU A 64 6.95 1.82 1.07
CA LEU A 64 5.87 0.97 0.61
C LEU A 64 6.38 -0.41 0.27
N PHE A 65 5.49 -1.36 0.00
CA PHE A 65 5.80 -2.54 -0.80
C PHE A 65 5.38 -2.25 -2.22
N GLY A 66 6.34 -2.03 -3.12
CA GLY A 66 6.11 -1.57 -4.48
C GLY A 66 7.35 -1.74 -5.35
N ASP A 67 7.26 -1.36 -6.62
CA ASP A 67 8.33 -1.56 -7.58
C ASP A 67 9.54 -0.66 -7.38
N ASN A 68 9.59 0.11 -6.30
CA ASN A 68 10.66 1.01 -5.90
C ASN A 68 11.24 0.67 -4.54
N THR A 69 10.89 -0.49 -3.97
CA THR A 69 11.27 -0.96 -2.66
C THR A 69 12.66 -1.56 -2.62
N LYS A 70 13.38 -1.34 -1.53
CA LYS A 70 14.73 -1.82 -1.27
C LYS A 70 14.74 -3.06 -0.40
N LEU A 71 15.65 -3.99 -0.67
CA LEU A 71 15.84 -5.25 0.01
C LEU A 71 16.95 -5.17 1.05
N ALA A 72 17.00 -6.13 1.99
CA ALA A 72 17.99 -6.17 3.05
C ALA A 72 19.40 -6.38 2.55
N ASP A 73 19.59 -7.04 1.40
CA ASP A 73 20.87 -7.17 0.73
C ASP A 73 21.36 -5.87 0.08
N GLY A 74 20.51 -4.84 0.03
CA GLY A 74 20.83 -3.51 -0.49
C GLY A 74 20.36 -3.25 -1.90
N SER A 75 19.95 -4.27 -2.68
CA SER A 75 19.37 -4.09 -3.99
C SER A 75 17.93 -3.61 -3.95
N PHE A 76 17.38 -3.22 -5.11
CA PHE A 76 15.99 -2.87 -5.28
C PHE A 76 15.19 -3.98 -5.94
N ALA A 77 13.88 -4.02 -5.67
CA ALA A 77 12.95 -4.93 -6.31
C ALA A 77 12.59 -4.49 -7.73
N LYS A 78 12.22 -5.46 -8.57
CA LYS A 78 11.54 -5.27 -9.84
C LYS A 78 10.02 -5.25 -9.71
N HIS A 79 9.49 -5.91 -8.68
CA HIS A 79 8.08 -6.05 -8.39
C HIS A 79 7.81 -5.97 -6.89
N GLY A 80 6.88 -5.13 -6.45
CA GLY A 80 6.50 -4.97 -5.07
C GLY A 80 6.02 -6.23 -4.37
N TYR A 81 5.41 -7.18 -5.07
CA TYR A 81 4.98 -8.44 -4.50
C TYR A 81 6.15 -9.40 -4.30
N ALA A 82 7.17 -9.35 -5.17
CA ALA A 82 8.37 -10.13 -5.00
C ALA A 82 9.23 -9.64 -3.83
N ALA A 83 9.16 -8.35 -3.51
CA ALA A 83 9.75 -7.79 -2.30
C ALA A 83 9.11 -8.31 -1.02
N LEU A 84 7.85 -8.75 -1.07
CA LEU A 84 7.15 -9.40 0.02
C LEU A 84 7.45 -10.89 0.09
N ALA A 85 7.50 -11.56 -1.06
CA ALA A 85 7.82 -12.98 -1.16
C ALA A 85 9.22 -13.33 -0.65
N GLU A 86 10.14 -12.36 -0.69
CA GLU A 86 11.48 -12.37 -0.13
C GLU A 86 11.53 -12.66 1.36
N LEU A 87 10.45 -12.46 2.10
CA LEU A 87 10.41 -12.49 3.55
C LEU A 87 9.93 -13.79 4.16
N ASP A 88 9.44 -14.74 3.35
CA ASP A 88 9.01 -16.05 3.82
C ASP A 88 10.18 -16.85 4.35
N SER A 89 10.06 -17.40 5.56
CA SER A 89 11.10 -18.10 6.29
C SER A 89 11.17 -19.60 6.09
N ASN A 90 10.01 -20.26 5.89
CA ASN A 90 9.88 -21.70 5.83
C ASN A 90 9.51 -22.23 4.44
N GLY A 91 9.10 -21.39 3.50
CA GLY A 91 8.73 -21.79 2.16
C GLY A 91 7.33 -22.39 2.05
N ASP A 92 6.36 -21.84 2.81
CA ASP A 92 4.97 -22.24 2.76
C ASP A 92 4.13 -21.38 1.82
N ASN A 93 4.76 -20.42 1.16
CA ASN A 93 4.19 -19.44 0.25
C ASN A 93 3.17 -18.50 0.88
N ILE A 94 3.25 -18.27 2.19
CA ILE A 94 2.50 -17.24 2.90
C ILE A 94 3.39 -16.45 3.84
N ILE A 95 3.02 -15.19 4.11
CA ILE A 95 3.66 -14.36 5.10
C ILE A 95 2.80 -14.32 6.36
N ASN A 96 3.31 -14.87 7.45
CA ASN A 96 2.59 -15.11 8.70
C ASN A 96 3.50 -14.91 9.91
N ALA A 97 2.94 -14.88 11.12
CA ALA A 97 3.63 -14.48 12.32
C ALA A 97 4.82 -15.32 12.72
N ALA A 98 4.97 -16.54 12.22
CA ALA A 98 6.16 -17.37 12.38
C ALA A 98 7.34 -16.96 11.52
N ASP A 99 7.14 -16.18 10.46
CA ASP A 99 8.22 -15.54 9.74
C ASP A 99 8.84 -14.43 10.55
N ALA A 100 10.15 -14.45 10.76
CA ALA A 100 10.83 -13.52 11.66
C ALA A 100 10.69 -12.06 11.28
N ALA A 101 10.51 -11.77 9.98
CA ALA A 101 10.25 -10.44 9.47
C ALA A 101 8.91 -9.84 9.88
N PHE A 102 7.94 -10.64 10.32
CA PHE A 102 6.56 -10.22 10.51
C PHE A 102 6.37 -9.14 11.57
N GLN A 103 7.19 -9.11 12.63
CA GLN A 103 7.14 -8.07 13.65
C GLN A 103 7.52 -6.68 13.13
N SER A 104 8.27 -6.59 12.04
CA SER A 104 8.62 -5.34 11.39
C SER A 104 7.57 -4.81 10.40
N LEU A 105 6.63 -5.66 9.97
CA LEU A 105 5.62 -5.29 9.00
C LEU A 105 4.55 -4.44 9.63
N ARG A 106 4.08 -3.41 8.92
CA ARG A 106 3.00 -2.54 9.33
C ARG A 106 2.01 -2.28 8.19
N VAL A 107 0.85 -1.74 8.55
CA VAL A 107 -0.18 -1.31 7.61
C VAL A 107 -0.52 0.15 7.87
N TRP A 108 -0.66 0.93 6.80
CA TRP A 108 -1.01 2.34 6.81
C TRP A 108 -2.43 2.54 6.30
N GLN A 109 -3.35 2.83 7.23
CA GLN A 109 -4.71 3.27 6.95
C GLN A 109 -4.82 4.75 7.27
N ASP A 110 -4.76 5.60 6.23
CA ASP A 110 -4.80 7.03 6.36
C ASP A 110 -6.18 7.48 6.83
N LEU A 111 -6.23 8.33 7.86
CA LEU A 111 -7.47 8.80 8.46
C LEU A 111 -8.14 9.92 7.69
N ASN A 112 -7.39 10.72 6.93
CA ASN A 112 -7.90 11.77 6.08
C ASN A 112 -7.64 11.61 4.59
N GLN A 113 -6.90 10.59 4.18
CA GLN A 113 -6.56 10.26 2.81
C GLN A 113 -5.88 11.38 2.04
N ASP A 114 -4.85 11.99 2.62
CA ASP A 114 -4.01 12.95 1.94
C ASP A 114 -2.71 12.37 1.40
N GLY A 115 -2.34 11.15 1.80
CA GLY A 115 -1.09 10.52 1.39
C GLY A 115 0.14 11.11 2.04
N ILE A 116 -0.03 11.87 3.13
CA ILE A 116 1.01 12.19 4.09
C ILE A 116 0.83 11.25 5.28
N SER A 117 1.89 10.56 5.68
CA SER A 117 1.83 9.55 6.72
C SER A 117 1.97 10.16 8.11
N GLN A 118 1.31 9.56 9.11
CA GLN A 118 1.47 9.90 10.50
C GLN A 118 1.60 8.63 11.33
N ALA A 119 2.33 8.68 12.45
CA ALA A 119 2.57 7.57 13.33
C ALA A 119 1.28 6.94 13.83
N ASN A 120 0.25 7.76 14.11
CA ASN A 120 -1.07 7.30 14.50
C ASN A 120 -1.81 6.52 13.42
N GLU A 121 -1.45 6.68 12.14
CA GLU A 121 -2.05 5.99 11.02
C GLU A 121 -1.43 4.64 10.72
N LEU A 122 -0.41 4.24 11.48
CA LEU A 122 0.29 2.96 11.34
C LEU A 122 -0.08 1.98 12.44
N ARG A 123 -0.20 0.70 12.10
CA ARG A 123 -0.40 -0.41 13.02
C ARG A 123 0.38 -1.64 12.58
N THR A 124 0.76 -2.50 13.53
CA THR A 124 1.29 -3.82 13.24
C THR A 124 0.17 -4.81 12.92
N LEU A 125 0.48 -5.94 12.29
CA LEU A 125 -0.53 -6.84 11.77
C LEU A 125 -1.33 -7.51 12.87
N GLU A 126 -0.72 -7.86 14.00
CA GLU A 126 -1.42 -8.41 15.13
C GLU A 126 -2.24 -7.40 15.92
N GLU A 127 -2.03 -6.10 15.77
CA GLU A 127 -2.95 -5.09 16.27
C GLU A 127 -4.24 -5.05 15.45
N LEU A 128 -4.16 -5.34 14.15
CA LEU A 128 -5.27 -5.34 13.23
C LEU A 128 -5.99 -6.68 13.13
N GLY A 129 -5.48 -7.73 13.76
CA GLY A 129 -6.02 -9.08 13.67
C GLY A 129 -5.70 -9.81 12.37
N ILE A 130 -4.68 -9.36 11.63
CA ILE A 130 -4.24 -9.97 10.39
C ILE A 130 -3.38 -11.18 10.74
N GLN A 131 -3.78 -12.36 10.26
CA GLN A 131 -3.09 -13.61 10.52
C GLN A 131 -2.02 -13.91 9.46
N SER A 132 -2.35 -13.81 8.19
CA SER A 132 -1.40 -14.04 7.12
C SER A 132 -1.77 -13.36 5.80
N LEU A 133 -0.76 -13.14 4.96
CA LEU A 133 -0.88 -12.64 3.61
C LEU A 133 -0.60 -13.77 2.62
N ASP A 134 -1.25 -13.77 1.45
CA ASP A 134 -1.01 -14.72 0.39
C ASP A 134 0.01 -14.21 -0.62
N LEU A 135 0.91 -15.06 -1.07
CA LEU A 135 1.88 -14.77 -2.12
C LEU A 135 1.44 -15.18 -3.51
N ALA A 136 0.35 -15.96 -3.64
CA ALA A 136 -0.27 -16.29 -4.90
C ALA A 136 -1.25 -15.21 -5.34
N TYR A 137 -1.16 -14.76 -6.58
CA TYR A 137 -1.98 -13.71 -7.15
C TYR A 137 -2.21 -13.89 -8.64
N LYS A 138 -3.20 -13.16 -9.17
CA LYS A 138 -3.73 -13.21 -10.52
C LYS A 138 -3.77 -11.80 -11.12
N ASP A 139 -3.64 -11.67 -12.44
CA ASP A 139 -3.81 -10.40 -13.14
C ASP A 139 -5.27 -10.02 -13.27
N VAL A 140 -5.60 -8.76 -12.96
CA VAL A 140 -6.95 -8.20 -13.02
C VAL A 140 -7.04 -6.96 -13.88
N ASN A 141 -5.99 -6.16 -13.99
CA ASN A 141 -5.83 -5.05 -14.91
C ASN A 141 -7.04 -4.12 -14.98
N LYS A 142 -7.45 -3.60 -13.82
CA LYS A 142 -8.75 -3.01 -13.55
C LYS A 142 -8.66 -1.55 -13.18
N ASN A 143 -9.55 -0.70 -13.72
CA ASN A 143 -9.73 0.67 -13.32
C ASN A 143 -10.61 0.77 -12.08
N LEU A 144 -10.23 1.62 -11.11
CA LEU A 144 -10.92 1.83 -9.86
C LEU A 144 -11.54 3.21 -9.72
N GLY A 145 -11.70 3.95 -10.81
CA GLY A 145 -12.15 5.32 -10.80
C GLY A 145 -11.06 6.31 -10.37
N ASN A 146 -11.31 7.60 -10.57
CA ASN A 146 -10.42 8.71 -10.27
C ASN A 146 -9.00 8.57 -10.79
N GLY A 147 -8.75 7.75 -11.82
CA GLY A 147 -7.46 7.47 -12.38
C GLY A 147 -6.64 6.37 -11.68
N ASN A 148 -7.21 5.65 -10.72
CA ASN A 148 -6.57 4.59 -9.98
C ASN A 148 -6.67 3.25 -10.69
N THR A 149 -5.65 2.40 -10.61
CA THR A 149 -5.55 1.17 -11.37
C THR A 149 -4.99 0.01 -10.55
N LEU A 150 -5.65 -1.14 -10.58
CA LEU A 150 -5.26 -2.39 -9.92
C LEU A 150 -4.71 -3.37 -10.94
N ALA A 151 -3.45 -3.79 -10.80
CA ALA A 151 -2.78 -4.69 -11.71
C ALA A 151 -3.07 -6.15 -11.40
N GLN A 152 -2.79 -6.58 -10.16
CA GLN A 152 -2.83 -7.95 -9.72
C GLN A 152 -3.49 -8.08 -8.36
N GLN A 153 -4.13 -9.24 -8.08
CA GLN A 153 -4.93 -9.47 -6.91
C GLN A 153 -4.74 -10.86 -6.33
N GLY A 154 -4.65 -10.92 -4.99
CA GLY A 154 -4.66 -12.10 -4.15
C GLY A 154 -5.52 -11.87 -2.91
N SER A 155 -5.22 -12.55 -1.80
CA SER A 155 -6.00 -12.48 -0.57
C SER A 155 -5.14 -12.41 0.69
N TYR A 156 -5.77 -12.07 1.82
CA TYR A 156 -5.22 -12.21 3.15
C TYR A 156 -6.26 -12.76 4.12
N THR A 157 -5.81 -13.28 5.26
CA THR A 157 -6.59 -13.94 6.26
C THR A 157 -6.50 -13.25 7.62
N LYS A 158 -7.62 -13.13 8.33
CA LYS A 158 -7.71 -12.62 9.69
C LYS A 158 -7.76 -13.75 10.72
N THR A 159 -7.43 -13.46 11.98
CA THR A 159 -7.32 -14.44 13.03
C THR A 159 -8.64 -15.12 13.42
N ASN A 160 -9.79 -14.56 13.06
CA ASN A 160 -11.08 -15.18 13.19
C ASN A 160 -11.44 -16.14 12.05
N GLY A 161 -10.61 -16.26 11.02
CA GLY A 161 -10.82 -17.10 9.86
C GLY A 161 -11.48 -16.42 8.68
N THR A 162 -11.86 -15.15 8.77
CA THR A 162 -12.36 -14.39 7.65
C THR A 162 -11.25 -14.02 6.68
N THR A 163 -11.62 -13.84 5.40
CA THR A 163 -10.71 -13.51 4.32
C THR A 163 -11.17 -12.28 3.55
N ALA A 164 -10.21 -11.58 2.95
CA ALA A 164 -10.43 -10.41 2.12
C ALA A 164 -9.30 -10.25 1.09
N LYS A 165 -9.47 -9.36 0.12
CA LYS A 165 -8.54 -9.16 -0.97
C LYS A 165 -7.28 -8.42 -0.57
N MET A 166 -6.19 -8.62 -1.30
CA MET A 166 -5.07 -7.72 -1.37
C MET A 166 -4.55 -7.63 -2.80
N GLY A 167 -3.84 -6.55 -3.17
CA GLY A 167 -3.40 -6.40 -4.54
C GLY A 167 -2.43 -5.27 -4.84
N ASP A 168 -1.86 -5.34 -6.04
CA ASP A 168 -0.90 -4.43 -6.60
C ASP A 168 -1.59 -3.24 -7.26
N LEU A 169 -1.48 -2.07 -6.64
CA LEU A 169 -2.29 -0.89 -6.92
C LEU A 169 -1.39 0.30 -7.28
N LEU A 170 -1.80 1.05 -8.30
CA LEU A 170 -1.19 2.31 -8.72
C LEU A 170 -2.17 3.44 -8.48
N LEU A 171 -1.91 4.28 -7.48
CA LEU A 171 -2.74 5.43 -7.17
C LEU A 171 -2.47 6.56 -8.15
N ALA A 172 -3.50 7.39 -8.40
CA ALA A 172 -3.46 8.43 -9.42
C ALA A 172 -2.57 9.61 -9.06
N ALA A 173 -1.93 10.21 -10.07
CA ALA A 173 -1.06 11.36 -9.96
C ALA A 173 -1.35 12.42 -11.02
N ASP A 174 -0.86 13.64 -10.80
CA ASP A 174 -1.18 14.80 -11.59
C ASP A 174 -0.54 14.79 -12.98
N ASN A 175 -1.35 15.05 -14.01
CA ASN A 175 -0.92 15.09 -15.40
C ASN A 175 -0.57 16.50 -15.88
N LEU A 176 -1.27 17.52 -15.37
CA LEU A 176 -1.15 18.90 -15.83
C LEU A 176 0.23 19.47 -15.66
N HIS A 177 0.84 19.27 -14.46
CA HIS A 177 2.12 19.82 -14.08
C HIS A 177 3.05 18.79 -13.47
N SER A 178 2.51 17.75 -12.83
CA SER A 178 3.20 16.65 -12.17
C SER A 178 4.16 17.00 -11.04
N ARG A 179 4.41 18.27 -10.74
CA ARG A 179 5.34 18.74 -9.75
C ARG A 179 4.75 19.70 -8.72
N PHE A 180 3.50 20.12 -8.86
CA PHE A 180 2.88 21.15 -8.05
C PHE A 180 2.29 20.60 -6.76
N LEU A 181 2.60 21.23 -5.63
CA LEU A 181 2.01 21.00 -4.33
C LEU A 181 1.91 22.29 -3.51
N GLU A 182 0.87 22.37 -2.69
CA GLU A 182 0.55 23.50 -1.83
C GLU A 182 0.90 23.27 -0.36
CA CA B . -12.63 -2.21 1.05
CA CA C . 10.77 7.27 6.89
CA CA D . 5.70 -18.46 6.12
CA CA E . -2.74 11.32 6.62
CA CA F . 3.63 -3.02 -9.05
N GLY A 1 6.87 8.29 -8.44
CA GLY A 1 5.78 7.44 -8.00
C GLY A 1 5.87 6.03 -8.58
N SER A 2 4.79 5.29 -8.73
CA SER A 2 3.41 5.72 -8.55
C SER A 2 2.44 4.64 -8.10
N ASP A 3 2.91 3.54 -7.51
CA ASP A 3 2.09 2.43 -7.09
C ASP A 3 2.21 2.10 -5.61
N ALA A 4 1.39 1.16 -5.15
CA ALA A 4 1.31 0.65 -3.79
C ALA A 4 0.84 -0.80 -3.75
N LEU A 5 0.86 -1.40 -2.56
CA LEU A 5 0.20 -2.63 -2.22
C LEU A 5 -0.75 -2.35 -1.06
N ALA A 6 -2.03 -2.70 -1.18
CA ALA A 6 -3.08 -2.35 -0.25
C ALA A 6 -3.99 -3.51 0.11
N LEU A 7 -4.59 -3.44 1.30
CA LEU A 7 -5.52 -4.43 1.84
C LEU A 7 -6.91 -3.83 1.95
N ASP A 8 -7.94 -4.62 1.61
CA ASP A 8 -9.32 -4.32 1.92
C ASP A 8 -9.62 -4.72 3.36
N LEU A 9 -9.75 -3.74 4.27
CA LEU A 9 -9.80 -3.99 5.69
C LEU A 9 -11.19 -4.21 6.24
N ASP A 10 -12.25 -3.63 5.65
CA ASP A 10 -13.60 -3.77 6.10
C ASP A 10 -14.40 -4.82 5.34
N GLY A 11 -13.89 -5.33 4.21
CA GLY A 11 -14.47 -6.45 3.51
C GLY A 11 -15.51 -6.11 2.46
N ASP A 12 -15.27 -5.05 1.67
CA ASP A 12 -16.12 -4.65 0.56
C ASP A 12 -15.35 -4.25 -0.68
N GLY A 13 -14.08 -4.66 -0.82
CA GLY A 13 -13.20 -4.38 -1.93
C GLY A 13 -12.29 -3.20 -1.67
N ILE A 14 -11.13 -3.15 -2.33
CA ILE A 14 -10.14 -2.11 -2.15
C ILE A 14 -10.66 -0.81 -2.77
N GLU A 15 -10.60 0.29 -2.03
CA GLU A 15 -11.16 1.57 -2.42
C GLU A 15 -10.11 2.68 -2.50
N THR A 16 -10.36 3.66 -3.38
CA THR A 16 -9.47 4.76 -3.67
C THR A 16 -10.22 6.08 -3.86
N VAL A 17 -9.52 7.21 -3.69
CA VAL A 17 -10.00 8.56 -3.88
C VAL A 17 -8.96 9.45 -4.54
N ALA A 18 -9.41 10.51 -5.21
CA ALA A 18 -8.57 11.61 -5.63
C ALA A 18 -8.29 12.54 -4.46
N THR A 19 -7.08 13.12 -4.41
CA THR A 19 -6.66 14.00 -3.33
C THR A 19 -6.16 15.35 -3.83
N LYS A 20 -6.22 16.39 -2.98
CA LYS A 20 -5.81 17.74 -3.27
C LYS A 20 -4.31 17.97 -3.24
N GLY A 21 -3.53 17.16 -3.96
CA GLY A 21 -2.08 17.25 -4.03
C GLY A 21 -1.47 16.83 -5.34
N PHE A 22 -0.19 17.18 -5.51
CA PHE A 22 0.66 16.87 -6.64
C PHE A 22 1.86 16.03 -6.23
N SER A 23 2.52 15.40 -7.21
CA SER A 23 3.64 14.51 -6.97
C SER A 23 4.77 14.60 -7.99
N GLY A 24 4.51 15.12 -9.19
CA GLY A 24 5.49 15.32 -10.25
C GLY A 24 5.60 16.78 -10.70
N SER A 25 4.48 17.49 -10.77
CA SER A 25 4.38 18.88 -11.16
C SER A 25 4.67 19.85 -10.01
N LEU A 26 4.24 19.50 -8.79
CA LEU A 26 4.40 20.25 -7.57
C LEU A 26 3.92 21.70 -7.62
N PHE A 27 3.03 22.03 -8.56
CA PHE A 27 2.63 23.39 -8.87
C PHE A 27 1.88 24.03 -7.71
N ASP A 28 2.45 25.08 -7.11
CA ASP A 28 2.02 25.71 -5.88
C ASP A 28 1.76 24.75 -4.72
N HIS A 29 2.39 23.57 -4.74
CA HIS A 29 2.12 22.48 -3.81
C HIS A 29 2.87 22.58 -2.49
N ASN A 30 2.39 21.88 -1.47
CA ASN A 30 2.90 21.88 -0.12
C ASN A 30 4.32 21.32 0.00
N ARG A 31 5.05 21.74 1.04
CA ARG A 31 6.42 21.38 1.31
C ARG A 31 6.63 20.05 2.05
N ASP A 32 5.57 19.43 2.58
CA ASP A 32 5.61 18.14 3.25
C ASP A 32 4.64 17.13 2.65
N GLY A 33 5.10 15.87 2.52
CA GLY A 33 4.29 14.72 2.18
C GLY A 33 5.00 13.70 1.29
N ILE A 34 4.42 12.51 1.16
CA ILE A 34 5.00 11.38 0.49
C ILE A 34 5.26 11.61 -1.00
N ARG A 35 4.44 12.45 -1.66
CA ARG A 35 4.62 12.96 -3.00
C ARG A 35 4.96 11.90 -4.05
N THR A 36 4.19 10.81 -4.07
CA THR A 36 4.29 9.76 -5.05
C THR A 36 3.12 9.67 -6.02
N ALA A 37 1.93 10.10 -5.63
CA ALA A 37 0.71 10.03 -6.41
C ALA A 37 -0.18 11.26 -6.23
N THR A 38 -1.29 11.32 -6.95
CA THR A 38 -2.39 12.25 -6.76
C THR A 38 -3.65 11.57 -6.25
N GLY A 39 -3.87 10.30 -6.60
CA GLY A 39 -4.80 9.42 -5.92
C GLY A 39 -4.27 8.87 -4.61
N TRP A 40 -5.13 8.26 -3.81
CA TRP A 40 -4.77 7.48 -2.63
C TRP A 40 -5.80 6.43 -2.30
N VAL A 41 -5.49 5.55 -1.34
CA VAL A 41 -6.36 4.53 -0.80
C VAL A 41 -7.33 5.14 0.20
N SER A 42 -8.60 4.73 0.13
CA SER A 42 -9.67 5.24 0.97
C SER A 42 -9.46 4.99 2.46
N ALA A 43 -10.11 5.79 3.31
CA ALA A 43 -9.91 5.80 4.75
C ALA A 43 -10.38 4.53 5.47
N ASP A 44 -11.07 3.62 4.81
CA ASP A 44 -11.47 2.32 5.34
C ASP A 44 -10.46 1.21 5.05
N ASP A 45 -9.51 1.44 4.15
CA ASP A 45 -8.47 0.54 3.70
C ASP A 45 -7.08 1.08 4.00
N GLY A 46 -6.01 0.33 3.72
CA GLY A 46 -4.66 0.78 3.99
C GLY A 46 -3.55 0.10 3.18
N LEU A 47 -2.41 0.77 3.12
CA LEU A 47 -1.21 0.34 2.41
C LEU A 47 -0.32 -0.51 3.30
N LEU A 48 0.31 -1.55 2.74
CA LEU A 48 1.36 -2.31 3.38
C LEU A 48 2.68 -1.59 3.29
N VAL A 49 3.37 -1.40 4.41
CA VAL A 49 4.50 -0.51 4.57
C VAL A 49 5.52 -1.03 5.58
N ARG A 50 6.76 -0.51 5.52
CA ARG A 50 7.85 -0.78 6.42
C ARG A 50 8.72 0.44 6.65
N ASP A 51 9.05 0.73 7.91
CA ASP A 51 9.90 1.86 8.26
C ASP A 51 11.37 1.51 8.01
N LEU A 52 12.09 2.34 7.25
CA LEU A 52 13.47 2.11 6.87
C LEU A 52 14.47 3.03 7.59
N ASN A 53 14.04 3.91 8.48
CA ASN A 53 14.91 4.76 9.28
C ASN A 53 14.59 4.82 10.77
N GLY A 54 13.75 3.91 11.28
CA GLY A 54 13.54 3.72 12.70
C GLY A 54 12.96 4.90 13.44
N ASN A 55 11.97 5.58 12.87
CA ASN A 55 11.21 6.66 13.47
C ASN A 55 9.77 6.30 13.79
N GLY A 56 9.31 5.10 13.41
CA GLY A 56 7.95 4.63 13.64
C GLY A 56 6.90 5.26 12.74
N ILE A 57 7.30 5.97 11.69
CA ILE A 57 6.48 6.77 10.81
C ILE A 57 6.84 6.44 9.37
N ILE A 58 5.88 6.54 8.44
CA ILE A 58 6.13 6.44 7.02
C ILE A 58 6.29 7.86 6.44
N ASP A 59 7.44 8.14 5.84
CA ASP A 59 7.76 9.48 5.38
C ASP A 59 8.69 9.55 4.17
N ASN A 60 9.07 8.41 3.59
CA ASN A 60 9.88 8.33 2.38
C ASN A 60 9.32 7.28 1.43
N GLY A 61 9.39 7.51 0.11
CA GLY A 61 8.83 6.66 -0.89
C GLY A 61 9.31 5.20 -0.86
N ALA A 62 10.54 4.96 -0.41
CA ALA A 62 11.11 3.63 -0.27
C ALA A 62 10.44 2.77 0.79
N GLU A 63 9.65 3.37 1.68
CA GLU A 63 9.00 2.72 2.81
C GLU A 63 7.69 2.02 2.44
N LEU A 64 7.27 2.17 1.19
CA LEU A 64 6.20 1.42 0.56
C LEU A 64 6.77 0.28 -0.26
N PHE A 65 5.93 -0.71 -0.57
CA PHE A 65 6.20 -1.71 -1.60
C PHE A 65 5.66 -1.26 -2.95
N GLY A 66 6.40 -1.51 -4.04
CA GLY A 66 5.97 -1.16 -5.38
C GLY A 66 7.03 -1.36 -6.45
N ASP A 67 6.87 -0.65 -7.58
CA ASP A 67 7.73 -0.76 -8.73
C ASP A 67 9.14 -0.22 -8.53
N ASN A 68 9.38 0.63 -7.53
CA ASN A 68 10.69 1.11 -7.18
C ASN A 68 11.45 0.13 -6.29
N THR A 69 10.79 -0.84 -5.67
CA THR A 69 11.42 -1.79 -4.76
C THR A 69 12.40 -2.70 -5.48
N LYS A 70 13.57 -2.89 -4.90
CA LYS A 70 14.60 -3.81 -5.34
C LYS A 70 14.72 -5.01 -4.39
N LEU A 71 15.33 -6.08 -4.89
CA LEU A 71 15.77 -7.23 -4.13
C LEU A 71 17.21 -7.03 -3.66
N ALA A 72 17.69 -7.88 -2.74
CA ALA A 72 19.00 -7.80 -2.16
C ALA A 72 20.19 -7.97 -3.09
N ASP A 73 19.98 -8.29 -4.37
CA ASP A 73 20.98 -8.35 -5.42
C ASP A 73 21.08 -7.07 -6.25
N GLY A 74 20.25 -6.08 -5.98
CA GLY A 74 20.15 -4.84 -6.72
C GLY A 74 19.25 -4.86 -7.94
N SER A 75 18.55 -5.98 -8.20
CA SER A 75 17.56 -6.08 -9.25
C SER A 75 16.20 -5.58 -8.80
N PHE A 76 15.36 -5.10 -9.73
CA PHE A 76 14.01 -4.66 -9.41
C PHE A 76 13.08 -5.85 -9.16
N ALA A 77 12.27 -5.77 -8.11
CA ALA A 77 11.43 -6.84 -7.63
C ALA A 77 10.15 -7.00 -8.45
N LYS A 78 10.28 -7.27 -9.75
CA LYS A 78 9.22 -7.15 -10.72
C LYS A 78 8.28 -8.34 -10.81
N HIS A 79 8.69 -9.55 -10.44
CA HIS A 79 7.81 -10.71 -10.33
C HIS A 79 6.82 -10.55 -9.19
N GLY A 80 5.58 -11.03 -9.35
CA GLY A 80 4.55 -10.97 -8.33
C GLY A 80 4.74 -12.01 -7.25
N TYR A 81 5.08 -11.68 -6.00
CA TYR A 81 5.40 -10.39 -5.45
C TYR A 81 6.70 -10.47 -4.67
N ALA A 82 7.82 -10.43 -5.42
CA ALA A 82 9.13 -10.86 -4.98
C ALA A 82 9.70 -10.11 -3.77
N ALA A 83 9.34 -8.86 -3.57
CA ALA A 83 9.76 -8.09 -2.42
C ALA A 83 9.22 -8.60 -1.08
N LEU A 84 8.10 -9.32 -1.10
CA LEU A 84 7.58 -10.04 0.05
C LEU A 84 8.11 -11.45 0.16
N ALA A 85 8.50 -12.08 -0.95
CA ALA A 85 9.11 -13.40 -0.93
C ALA A 85 10.49 -13.42 -0.27
N GLU A 86 11.17 -12.27 -0.16
CA GLU A 86 12.36 -12.12 0.66
C GLU A 86 12.11 -12.31 2.15
N LEU A 87 10.86 -12.24 2.62
CA LEU A 87 10.52 -12.14 4.02
C LEU A 87 10.09 -13.46 4.65
N ASP A 88 9.81 -14.50 3.86
CA ASP A 88 9.40 -15.81 4.33
C ASP A 88 10.58 -16.54 4.95
N SER A 89 10.43 -17.04 6.18
CA SER A 89 11.48 -17.70 6.93
C SER A 89 11.68 -19.16 6.56
N ASN A 90 10.59 -19.93 6.43
CA ASN A 90 10.57 -21.37 6.37
C ASN A 90 10.23 -21.93 5.00
N GLY A 91 9.81 -21.10 4.05
CA GLY A 91 9.48 -21.54 2.70
C GLY A 91 8.12 -22.20 2.57
N ASP A 92 7.15 -21.86 3.42
CA ASP A 92 5.78 -22.32 3.29
C ASP A 92 4.98 -21.50 2.30
N ASN A 93 5.59 -20.45 1.72
CA ASN A 93 5.02 -19.54 0.74
C ASN A 93 3.93 -18.63 1.27
N ILE A 94 3.89 -18.39 2.57
CA ILE A 94 3.04 -17.41 3.22
C ILE A 94 3.81 -16.57 4.23
N ILE A 95 3.38 -15.32 4.44
CA ILE A 95 3.90 -14.46 5.48
C ILE A 95 2.93 -14.49 6.65
N ASN A 96 3.34 -15.10 7.76
CA ASN A 96 2.48 -15.42 8.89
C ASN A 96 3.16 -15.17 10.22
N ALA A 97 2.41 -15.28 11.33
CA ALA A 97 2.86 -14.90 12.65
C ALA A 97 4.12 -15.60 13.15
N ALA A 98 4.57 -16.72 12.55
CA ALA A 98 5.83 -17.36 12.85
C ALA A 98 7.04 -16.70 12.20
N ASP A 99 6.90 -15.96 11.09
CA ASP A 99 7.96 -15.18 10.49
C ASP A 99 8.26 -13.93 11.29
N ALA A 100 9.55 -13.57 11.42
CA ALA A 100 9.95 -12.37 12.14
C ALA A 100 9.43 -11.09 11.49
N ALA A 101 9.30 -11.08 10.16
CA ALA A 101 8.75 -9.98 9.41
C ALA A 101 7.34 -9.58 9.80
N PHE A 102 6.55 -10.48 10.39
CA PHE A 102 5.22 -10.15 10.87
C PHE A 102 5.22 -9.09 11.95
N GLN A 103 6.27 -9.02 12.77
CA GLN A 103 6.46 -7.97 13.75
C GLN A 103 7.08 -6.71 13.16
N SER A 104 7.65 -6.77 11.96
CA SER A 104 8.32 -5.64 11.31
C SER A 104 7.41 -4.85 10.38
N LEU A 105 6.44 -5.51 9.74
CA LEU A 105 5.50 -4.89 8.81
C LEU A 105 4.46 -4.03 9.53
N ARG A 106 3.97 -2.98 8.85
CA ARG A 106 2.88 -2.15 9.31
C ARG A 106 1.89 -1.89 8.17
N VAL A 107 0.71 -1.36 8.51
CA VAL A 107 -0.31 -0.93 7.58
C VAL A 107 -0.65 0.53 7.85
N TRP A 108 -0.65 1.40 6.84
CA TRP A 108 -0.97 2.80 6.95
C TRP A 108 -2.34 3.11 6.36
N GLN A 109 -3.21 3.69 7.20
CA GLN A 109 -4.58 4.08 6.89
C GLN A 109 -4.76 5.56 7.19
N ASP A 110 -4.69 6.41 6.17
CA ASP A 110 -4.71 7.86 6.31
C ASP A 110 -6.13 8.40 6.30
N LEU A 111 -6.49 9.17 7.33
CA LEU A 111 -7.84 9.64 7.55
C LEU A 111 -8.17 10.93 6.82
N ASN A 112 -7.17 11.67 6.32
CA ASN A 112 -7.34 12.82 5.46
C ASN A 112 -6.74 12.67 4.07
N GLN A 113 -5.92 11.64 3.84
CA GLN A 113 -5.17 11.37 2.64
C GLN A 113 -4.29 12.52 2.18
N ASP A 114 -3.45 13.04 3.09
CA ASP A 114 -2.62 14.21 2.87
C ASP A 114 -1.13 13.90 2.71
N GLY A 115 -0.77 12.62 2.61
CA GLY A 115 0.59 12.18 2.37
C GLY A 115 1.53 12.20 3.58
N ILE A 116 1.01 12.49 4.79
CA ILE A 116 1.79 12.55 6.01
C ILE A 116 1.25 11.50 6.99
N SER A 117 2.13 10.66 7.55
CA SER A 117 1.77 9.53 8.38
C SER A 117 1.96 9.82 9.87
N GLN A 118 1.26 9.08 10.73
CA GLN A 118 1.34 9.12 12.18
C GLN A 118 1.18 7.72 12.74
N ALA A 119 1.64 7.47 13.97
CA ALA A 119 1.39 6.22 14.65
C ALA A 119 -0.09 5.94 14.87
N ASN A 120 -0.91 6.97 15.04
CA ASN A 120 -2.36 6.83 15.08
C ASN A 120 -3.00 6.45 13.74
N GLU A 121 -2.31 6.63 12.61
CA GLU A 121 -2.73 6.16 11.31
C GLU A 121 -2.11 4.83 10.92
N LEU A 122 -1.10 4.37 11.66
CA LEU A 122 -0.46 3.08 11.47
C LEU A 122 -1.13 2.00 12.29
N ARG A 123 -1.08 0.77 11.79
CA ARG A 123 -1.57 -0.44 12.42
C ARG A 123 -0.54 -1.56 12.28
N THR A 124 -0.60 -2.48 13.24
CA THR A 124 0.02 -3.79 13.19
C THR A 124 -0.88 -4.77 12.45
N LEU A 125 -0.32 -5.88 11.93
CA LEU A 125 -1.09 -6.93 11.31
C LEU A 125 -1.96 -7.64 12.33
N GLU A 126 -1.44 -7.84 13.55
CA GLU A 126 -2.09 -8.51 14.65
C GLU A 126 -3.40 -7.86 15.07
N GLU A 127 -3.44 -6.53 15.23
CA GLU A 127 -4.62 -5.82 15.66
C GLU A 127 -5.71 -5.73 14.61
N LEU A 128 -5.36 -5.92 13.34
CA LEU A 128 -6.29 -6.06 12.24
C LEU A 128 -6.86 -7.47 12.13
N GLY A 129 -6.57 -8.33 13.11
CA GLY A 129 -7.04 -9.72 13.14
C GLY A 129 -6.37 -10.61 12.12
N ILE A 130 -5.29 -10.17 11.48
CA ILE A 130 -4.56 -10.92 10.47
C ILE A 130 -3.69 -11.98 11.16
N GLN A 131 -3.59 -13.14 10.54
CA GLN A 131 -2.73 -14.23 10.97
C GLN A 131 -1.73 -14.62 9.89
N SER A 132 -2.12 -14.56 8.61
CA SER A 132 -1.28 -14.86 7.46
C SER A 132 -1.61 -14.00 6.25
N LEU A 133 -0.67 -13.87 5.32
CA LEU A 133 -0.82 -13.28 4.01
C LEU A 133 -0.27 -14.23 2.95
N ASP A 134 -0.90 -14.28 1.78
CA ASP A 134 -0.40 -15.03 0.64
C ASP A 134 0.73 -14.31 -0.07
N LEU A 135 1.66 -15.11 -0.65
CA LEU A 135 2.59 -14.67 -1.65
C LEU A 135 2.10 -14.99 -3.06
N ALA A 136 1.04 -15.78 -3.22
CA ALA A 136 0.41 -16.07 -4.49
C ALA A 136 -0.56 -14.99 -4.94
N TYR A 137 -0.44 -14.56 -6.19
CA TYR A 137 -1.22 -13.52 -6.84
C TYR A 137 -1.88 -14.00 -8.12
N LYS A 138 -2.74 -13.16 -8.70
CA LYS A 138 -3.34 -13.29 -10.02
C LYS A 138 -3.39 -11.93 -10.70
N ASP A 139 -3.16 -11.86 -12.01
CA ASP A 139 -3.30 -10.63 -12.77
C ASP A 139 -4.78 -10.36 -13.10
N VAL A 140 -5.31 -9.21 -12.73
CA VAL A 140 -6.72 -8.88 -12.83
C VAL A 140 -7.03 -7.63 -13.64
N ASN A 141 -6.15 -6.63 -13.66
CA ASN A 141 -6.25 -5.45 -14.50
C ASN A 141 -7.58 -4.70 -14.38
N LYS A 142 -8.00 -4.36 -13.16
CA LYS A 142 -9.29 -3.81 -12.80
C LYS A 142 -9.26 -2.33 -12.43
N ASN A 143 -10.40 -1.64 -12.62
CA ASN A 143 -10.55 -0.23 -12.38
C ASN A 143 -11.15 0.08 -11.01
N LEU A 144 -10.56 1.04 -10.28
CA LEU A 144 -11.02 1.52 -9.00
C LEU A 144 -11.54 2.96 -9.05
N GLY A 145 -11.57 3.60 -10.22
CA GLY A 145 -12.04 4.95 -10.41
C GLY A 145 -11.00 6.03 -10.12
N ASN A 146 -11.29 7.26 -10.56
CA ASN A 146 -10.42 8.41 -10.51
C ASN A 146 -9.02 8.19 -11.03
N GLY A 147 -8.84 7.25 -11.97
CA GLY A 147 -7.56 6.90 -12.58
C GLY A 147 -6.79 5.78 -11.90
N ASN A 148 -7.31 5.19 -10.81
CA ASN A 148 -6.64 4.17 -10.03
C ASN A 148 -6.91 2.77 -10.55
N THR A 149 -5.87 1.93 -10.61
CA THR A 149 -5.90 0.63 -11.26
C THR A 149 -5.33 -0.47 -10.36
N LEU A 150 -6.09 -1.56 -10.19
CA LEU A 150 -5.69 -2.77 -9.52
C LEU A 150 -5.13 -3.75 -10.55
N ALA A 151 -3.80 -3.93 -10.58
CA ALA A 151 -3.15 -4.76 -11.58
C ALA A 151 -3.22 -6.24 -11.24
N GLN A 152 -2.84 -6.61 -10.00
CA GLN A 152 -2.82 -7.98 -9.52
C GLN A 152 -3.35 -8.09 -8.11
N GLN A 153 -4.02 -9.21 -7.81
CA GLN A 153 -4.77 -9.46 -6.58
C GLN A 153 -4.24 -10.71 -5.88
N GLY A 154 -4.12 -10.62 -4.56
CA GLY A 154 -3.79 -11.71 -3.65
C GLY A 154 -4.75 -11.75 -2.46
N SER A 155 -4.39 -12.47 -1.39
CA SER A 155 -5.25 -12.73 -0.26
C SER A 155 -4.53 -12.63 1.08
N TYR A 156 -5.26 -12.26 2.14
CA TYR A 156 -4.86 -12.43 3.52
C TYR A 156 -5.87 -13.21 4.32
N THR A 157 -5.42 -13.82 5.42
CA THR A 157 -6.18 -14.74 6.24
C THR A 157 -6.27 -14.21 7.67
N LYS A 158 -7.49 -14.19 8.22
CA LYS A 158 -7.78 -13.69 9.55
C LYS A 158 -7.70 -14.78 10.62
N THR A 159 -7.64 -14.41 11.90
CA THR A 159 -7.60 -15.35 13.00
C THR A 159 -8.83 -16.23 13.10
N ASN A 160 -9.99 -15.78 12.60
CA ASN A 160 -11.20 -16.55 12.46
C ASN A 160 -11.20 -17.50 11.28
N GLY A 161 -10.08 -17.71 10.60
CA GLY A 161 -9.88 -18.67 9.53
C GLY A 161 -10.33 -18.23 8.14
N THR A 162 -11.05 -17.11 8.03
CA THR A 162 -11.61 -16.60 6.80
C THR A 162 -10.64 -15.73 6.02
N THR A 163 -10.83 -15.63 4.71
CA THR A 163 -9.95 -14.96 3.78
C THR A 163 -10.49 -13.61 3.31
N ALA A 164 -9.58 -12.71 2.88
CA ALA A 164 -9.84 -11.32 2.60
C ALA A 164 -8.92 -10.77 1.51
N LYS A 165 -9.31 -9.68 0.86
CA LYS A 165 -8.69 -9.23 -0.37
C LYS A 165 -7.52 -8.27 -0.16
N MET A 166 -6.48 -8.38 -1.00
CA MET A 166 -5.41 -7.43 -1.12
C MET A 166 -4.88 -7.33 -2.54
N GLY A 167 -4.18 -6.26 -2.91
CA GLY A 167 -3.74 -6.08 -4.28
C GLY A 167 -2.86 -4.88 -4.57
N ASP A 168 -2.28 -4.92 -5.78
CA ASP A 168 -1.28 -4.02 -6.31
C ASP A 168 -1.93 -2.87 -7.06
N LEU A 169 -1.89 -1.67 -6.48
CA LEU A 169 -2.58 -0.48 -6.94
C LEU A 169 -1.62 0.50 -7.60
N LEU A 170 -1.76 0.72 -8.90
CA LEU A 170 -1.15 1.83 -9.62
C LEU A 170 -2.07 3.03 -9.45
N LEU A 171 -1.64 3.98 -8.62
CA LEU A 171 -2.41 5.16 -8.29
C LEU A 171 -2.33 6.17 -9.42
N ALA A 172 -3.39 6.98 -9.57
CA ALA A 172 -3.37 8.14 -10.43
C ALA A 172 -2.27 9.11 -9.99
N ALA A 173 -1.57 9.71 -10.95
CA ALA A 173 -0.54 10.70 -10.69
C ALA A 173 -0.54 11.79 -11.76
N ASP A 174 0.00 12.96 -11.43
CA ASP A 174 0.11 14.12 -12.30
C ASP A 174 1.12 13.92 -13.40
N ASN A 175 0.75 14.25 -14.64
CA ASN A 175 1.57 14.07 -15.82
C ASN A 175 2.51 15.23 -16.09
N LEU A 176 2.19 16.46 -15.67
CA LEU A 176 3.09 17.59 -15.74
C LEU A 176 4.25 17.43 -14.77
N HIS A 177 5.38 18.09 -15.06
CA HIS A 177 6.63 17.93 -14.34
C HIS A 177 7.32 19.25 -14.04
N SER A 178 8.00 19.35 -12.90
CA SER A 178 8.82 20.48 -12.53
C SER A 178 9.93 20.09 -11.57
N ARG A 179 10.95 20.93 -11.44
CA ARG A 179 12.07 20.82 -10.51
C ARG A 179 12.52 22.18 -10.02
N PHE A 180 13.06 22.22 -8.79
CA PHE A 180 13.92 23.29 -8.35
C PHE A 180 15.23 23.27 -9.10
N LEU A 181 15.51 24.31 -9.90
CA LEU A 181 16.68 24.47 -10.72
C LEU A 181 17.32 25.82 -10.48
N GLU A 182 18.66 25.82 -10.33
CA GLU A 182 19.49 26.98 -10.08
C GLU A 182 19.87 27.72 -11.35
CA CA B . -12.82 -1.37 1.56
CA CA C . 10.45 6.48 8.27
CA CA D . 6.19 -18.38 6.63
CA CA E . -2.50 11.87 7.58
CA CA F . 3.33 -2.89 -8.94
N GLY A 1 4.43 8.57 -3.11
CA GLY A 1 4.07 7.15 -3.26
C GLY A 1 3.36 6.93 -4.58
N SER A 2 3.81 5.98 -5.39
CA SER A 2 3.38 5.74 -6.75
C SER A 2 2.84 4.33 -7.01
N ASP A 3 3.31 3.33 -6.25
CA ASP A 3 2.93 1.94 -6.34
C ASP A 3 2.93 1.31 -4.96
N ALA A 4 1.90 0.50 -4.63
CA ALA A 4 1.76 -0.08 -3.32
C ALA A 4 1.02 -1.42 -3.38
N LEU A 5 1.04 -2.16 -2.27
CA LEU A 5 0.16 -3.29 -2.01
C LEU A 5 -0.93 -2.82 -1.05
N ALA A 6 -2.21 -3.00 -1.43
CA ALA A 6 -3.36 -2.56 -0.69
C ALA A 6 -4.18 -3.72 -0.18
N LEU A 7 -4.76 -3.60 1.01
CA LEU A 7 -5.62 -4.57 1.66
C LEU A 7 -7.04 -4.06 1.79
N ASP A 8 -8.01 -4.92 1.48
CA ASP A 8 -9.40 -4.76 1.85
C ASP A 8 -9.57 -5.13 3.32
N LEU A 9 -9.77 -4.14 4.19
CA LEU A 9 -9.75 -4.38 5.63
C LEU A 9 -11.11 -4.73 6.22
N ASP A 10 -12.23 -4.29 5.62
CA ASP A 10 -13.57 -4.55 6.10
C ASP A 10 -14.35 -5.59 5.30
N GLY A 11 -13.80 -6.08 4.18
CA GLY A 11 -14.31 -7.25 3.49
C GLY A 11 -15.32 -7.02 2.39
N ASP A 12 -15.25 -5.90 1.67
CA ASP A 12 -16.11 -5.56 0.55
C ASP A 12 -15.34 -5.20 -0.72
N GLY A 13 -14.08 -5.61 -0.84
CA GLY A 13 -13.17 -5.30 -1.91
C GLY A 13 -12.32 -4.07 -1.66
N ILE A 14 -11.20 -3.94 -2.37
CA ILE A 14 -10.29 -2.82 -2.27
C ILE A 14 -10.91 -1.60 -2.92
N GLU A 15 -10.90 -0.46 -2.24
CA GLU A 15 -11.57 0.76 -2.64
C GLU A 15 -10.64 1.98 -2.60
N THR A 16 -10.87 2.97 -3.44
CA THR A 16 -10.03 4.14 -3.57
C THR A 16 -10.79 5.46 -3.65
N VAL A 17 -10.13 6.56 -3.28
CA VAL A 17 -10.60 7.93 -3.33
C VAL A 17 -9.46 8.86 -3.76
N ALA A 18 -9.73 9.76 -4.71
CA ALA A 18 -8.73 10.64 -5.27
C ALA A 18 -9.13 12.10 -5.32
N THR A 19 -8.14 13.00 -5.31
CA THR A 19 -8.27 14.43 -5.51
C THR A 19 -7.51 14.90 -6.74
N LYS A 20 -7.75 16.12 -7.22
CA LYS A 20 -7.07 16.74 -8.33
C LYS A 20 -6.45 18.07 -7.96
N GLY A 21 -5.38 18.45 -8.67
CA GLY A 21 -4.82 19.78 -8.64
C GLY A 21 -5.63 20.77 -9.46
N PHE A 22 -5.54 22.06 -9.10
CA PHE A 22 -6.01 23.18 -9.88
C PHE A 22 -5.19 24.43 -9.56
N SER A 23 -5.09 25.36 -10.50
CA SER A 23 -4.34 26.59 -10.32
C SER A 23 -4.82 27.41 -9.14
N GLY A 24 -3.91 27.77 -8.23
CA GLY A 24 -4.15 28.51 -7.02
C GLY A 24 -4.78 27.75 -5.86
N SER A 25 -5.64 26.76 -6.14
CA SER A 25 -6.51 26.15 -5.14
C SER A 25 -5.81 25.40 -4.02
N LEU A 26 -4.55 24.96 -4.19
CA LEU A 26 -3.78 24.24 -3.20
C LEU A 26 -2.92 25.14 -2.31
N PHE A 27 -2.86 26.46 -2.54
CA PHE A 27 -2.29 27.39 -1.62
C PHE A 27 -3.25 27.76 -0.50
N ASP A 28 -2.74 28.05 0.70
CA ASP A 28 -3.50 28.52 1.83
C ASP A 28 -2.75 29.60 2.59
N HIS A 29 -3.47 30.37 3.44
CA HIS A 29 -2.92 31.42 4.26
C HIS A 29 -2.66 31.02 5.70
N ASN A 30 -2.99 29.79 6.11
CA ASN A 30 -3.12 29.41 7.50
C ASN A 30 -2.80 27.97 7.86
N ARG A 31 -2.29 27.16 6.94
CA ARG A 31 -1.94 25.76 7.10
C ARG A 31 -3.10 24.82 7.43
N ASP A 32 -4.34 25.23 7.20
CA ASP A 32 -5.51 24.40 7.36
C ASP A 32 -5.84 23.56 6.15
N GLY A 33 -5.40 23.97 4.96
CA GLY A 33 -5.65 23.26 3.70
C GLY A 33 -4.70 22.10 3.43
N ILE A 34 -5.00 21.32 2.39
CA ILE A 34 -4.11 20.32 1.84
C ILE A 34 -3.42 20.93 0.63
N ARG A 35 -2.08 20.87 0.60
CA ARG A 35 -1.23 21.52 -0.38
C ARG A 35 -0.83 20.62 -1.55
N THR A 36 -1.40 19.41 -1.62
CA THR A 36 -1.14 18.43 -2.65
C THR A 36 -2.44 17.88 -3.24
N ALA A 37 -2.34 17.09 -4.31
CA ALA A 37 -3.40 16.24 -4.79
C ALA A 37 -2.89 14.85 -5.11
N THR A 38 -3.63 13.82 -4.69
CA THR A 38 -3.24 12.43 -4.75
C THR A 38 -4.44 11.50 -4.89
N GLY A 39 -4.22 10.30 -5.44
CA GLY A 39 -5.17 9.22 -5.48
C GLY A 39 -4.77 8.06 -4.56
N TRP A 40 -5.63 7.71 -3.61
CA TRP A 40 -5.31 6.90 -2.45
C TRP A 40 -6.38 5.86 -2.13
N VAL A 41 -6.14 4.96 -1.19
CA VAL A 41 -7.16 4.02 -0.73
C VAL A 41 -8.24 4.70 0.12
N SER A 42 -9.44 4.11 0.11
CA SER A 42 -10.58 4.52 0.90
C SER A 42 -10.27 4.51 2.40
N ALA A 43 -11.00 5.30 3.19
CA ALA A 43 -10.78 5.39 4.62
C ALA A 43 -10.96 4.08 5.38
N ASP A 44 -11.65 3.09 4.82
CA ASP A 44 -11.76 1.77 5.40
C ASP A 44 -10.59 0.85 5.13
N ASP A 45 -9.82 1.07 4.05
CA ASP A 45 -8.75 0.22 3.59
C ASP A 45 -7.37 0.79 3.93
N GLY A 46 -6.30 0.04 3.62
CA GLY A 46 -4.94 0.42 3.95
C GLY A 46 -3.87 -0.18 3.06
N LEU A 47 -2.64 0.32 3.18
CA LEU A 47 -1.49 -0.08 2.40
C LEU A 47 -0.49 -0.86 3.24
N LEU A 48 0.05 -1.95 2.73
CA LEU A 48 1.13 -2.70 3.35
C LEU A 48 2.47 -2.02 3.07
N VAL A 49 3.23 -1.77 4.14
CA VAL A 49 4.41 -0.94 4.14
C VAL A 49 5.43 -1.40 5.18
N ARG A 50 6.67 -0.89 5.09
CA ARG A 50 7.63 -0.92 6.18
C ARG A 50 8.57 0.27 6.13
N ASP A 51 8.94 0.79 7.30
CA ASP A 51 9.85 1.92 7.43
C ASP A 51 11.29 1.49 7.21
N LEU A 52 11.96 2.08 6.21
CA LEU A 52 13.30 1.77 5.79
C LEU A 52 14.35 2.70 6.36
N ASN A 53 14.00 3.69 7.18
CA ASN A 53 14.94 4.62 7.76
C ASN A 53 14.76 4.92 9.25
N GLY A 54 13.80 4.31 9.93
CA GLY A 54 13.66 4.38 11.37
C GLY A 54 12.97 5.61 11.93
N ASN A 55 12.21 6.37 11.13
CA ASN A 55 11.49 7.56 11.54
C ASN A 55 10.01 7.36 11.82
N GLY A 56 9.48 6.15 11.68
CA GLY A 56 8.12 5.79 12.03
C GLY A 56 7.04 6.22 11.04
N ILE A 57 7.41 6.76 9.88
CA ILE A 57 6.53 7.19 8.82
C ILE A 57 6.97 6.69 7.45
N ILE A 58 6.03 6.68 6.51
CA ILE A 58 6.23 6.30 5.11
C ILE A 58 6.41 7.57 4.31
N ASP A 59 7.65 7.92 3.97
CA ASP A 59 7.99 9.19 3.35
C ASP A 59 8.67 9.06 1.99
N ASN A 60 9.00 7.85 1.57
CA ASN A 60 9.53 7.55 0.24
C ASN A 60 8.81 6.38 -0.41
N GLY A 61 8.68 6.42 -1.74
CA GLY A 61 7.98 5.42 -2.52
C GLY A 61 8.46 3.98 -2.38
N ALA A 62 9.74 3.78 -2.05
CA ALA A 62 10.28 2.45 -1.85
C ALA A 62 9.85 1.77 -0.55
N GLU A 63 9.32 2.53 0.41
CA GLU A 63 8.86 2.02 1.68
C GLU A 63 7.53 1.27 1.56
N LEU A 64 6.82 1.47 0.44
CA LEU A 64 5.66 0.69 0.04
C LEU A 64 6.09 -0.45 -0.87
N PHE A 65 5.43 -1.60 -0.75
CA PHE A 65 5.70 -2.74 -1.60
C PHE A 65 5.14 -2.53 -3.00
N GLY A 66 6.03 -2.39 -3.99
CA GLY A 66 5.71 -2.02 -5.34
C GLY A 66 6.90 -2.13 -6.28
N ASP A 67 6.75 -1.66 -7.52
CA ASP A 67 7.73 -1.78 -8.58
C ASP A 67 9.01 -0.99 -8.37
N ASN A 68 9.07 -0.11 -7.37
CA ASN A 68 10.21 0.69 -7.02
C ASN A 68 10.76 0.43 -5.62
N THR A 69 10.35 -0.69 -5.00
CA THR A 69 10.68 -1.06 -3.64
C THR A 69 12.11 -1.57 -3.48
N LYS A 70 12.63 -1.47 -2.25
CA LYS A 70 13.95 -1.94 -1.86
C LYS A 70 13.87 -3.01 -0.78
N LEU A 71 14.93 -3.82 -0.70
CA LEU A 71 15.18 -4.76 0.38
C LEU A 71 16.10 -4.15 1.43
N ALA A 72 16.24 -4.83 2.57
CA ALA A 72 16.95 -4.30 3.73
C ALA A 72 18.42 -4.02 3.48
N ASP A 73 19.07 -4.68 2.52
CA ASP A 73 20.45 -4.43 2.16
C ASP A 73 20.64 -3.18 1.32
N GLY A 74 19.56 -2.64 0.74
CA GLY A 74 19.56 -1.46 -0.12
C GLY A 74 19.32 -1.73 -1.59
N SER A 75 19.37 -2.98 -2.07
CA SER A 75 19.06 -3.32 -3.44
C SER A 75 17.58 -3.20 -3.75
N PHE A 76 17.24 -2.92 -5.00
CA PHE A 76 15.87 -2.94 -5.50
C PHE A 76 15.32 -4.34 -5.62
N ALA A 77 14.00 -4.49 -5.55
CA ALA A 77 13.24 -5.67 -5.93
C ALA A 77 12.38 -5.41 -7.15
N LYS A 78 12.06 -6.45 -7.93
CA LYS A 78 11.34 -6.30 -9.18
C LYS A 78 9.91 -5.85 -9.03
N HIS A 79 9.20 -6.34 -8.01
CA HIS A 79 7.82 -6.00 -7.67
C HIS A 79 7.49 -6.43 -6.25
N GLY A 80 6.35 -5.98 -5.73
CA GLY A 80 5.94 -6.13 -4.35
C GLY A 80 5.84 -7.57 -3.86
N TYR A 81 5.26 -8.51 -4.63
CA TYR A 81 5.10 -9.86 -4.15
C TYR A 81 6.41 -10.66 -4.17
N ALA A 82 7.34 -10.37 -5.09
CA ALA A 82 8.68 -10.91 -5.05
C ALA A 82 9.48 -10.39 -3.86
N ALA A 83 9.33 -9.12 -3.52
CA ALA A 83 9.97 -8.51 -2.36
C ALA A 83 9.49 -9.13 -1.05
N LEU A 84 8.18 -9.36 -0.91
CA LEU A 84 7.61 -10.05 0.23
C LEU A 84 8.03 -11.52 0.29
N ALA A 85 8.14 -12.19 -0.86
CA ALA A 85 8.57 -13.58 -0.93
C ALA A 85 10.02 -13.79 -0.52
N GLU A 86 10.85 -12.75 -0.46
CA GLU A 86 12.18 -12.82 0.12
C GLU A 86 12.14 -12.88 1.64
N LEU A 87 11.11 -12.33 2.25
CA LEU A 87 10.94 -12.27 3.70
C LEU A 87 10.40 -13.55 4.32
N ASP A 88 9.87 -14.47 3.50
CA ASP A 88 9.41 -15.77 3.92
C ASP A 88 10.54 -16.64 4.46
N SER A 89 10.48 -16.93 5.76
CA SER A 89 11.47 -17.72 6.48
C SER A 89 11.40 -19.22 6.19
N ASN A 90 10.30 -19.73 5.63
CA ASN A 90 10.00 -21.16 5.58
C ASN A 90 10.08 -21.79 4.20
N GLY A 91 9.93 -21.01 3.14
CA GLY A 91 9.74 -21.52 1.80
C GLY A 91 8.33 -22.01 1.51
N ASP A 92 7.33 -21.35 2.08
CA ASP A 92 5.92 -21.64 1.89
C ASP A 92 5.22 -20.62 0.99
N ASN A 93 5.85 -19.50 0.70
CA ASN A 93 5.35 -18.39 -0.08
C ASN A 93 4.13 -17.69 0.53
N ILE A 94 3.98 -17.75 1.86
CA ILE A 94 3.01 -17.00 2.62
C ILE A 94 3.66 -16.27 3.79
N ILE A 95 3.07 -15.17 4.24
CA ILE A 95 3.52 -14.41 5.39
C ILE A 95 2.68 -14.79 6.61
N ASN A 96 3.32 -15.30 7.66
CA ASN A 96 2.68 -15.79 8.87
C ASN A 96 3.58 -15.59 10.10
N ALA A 97 3.10 -15.91 11.30
CA ALA A 97 3.76 -15.67 12.56
C ALA A 97 5.14 -16.29 12.72
N ALA A 98 5.51 -17.27 11.91
CA ALA A 98 6.85 -17.84 11.89
C ALA A 98 7.89 -16.93 11.24
N ASP A 99 7.48 -16.02 10.34
CA ASP A 99 8.34 -15.08 9.69
C ASP A 99 8.64 -13.89 10.58
N ALA A 100 9.92 -13.60 10.84
CA ALA A 100 10.34 -12.49 11.68
C ALA A 100 9.83 -11.14 11.17
N ALA A 101 9.66 -10.98 9.86
CA ALA A 101 9.09 -9.79 9.24
C ALA A 101 7.68 -9.46 9.68
N PHE A 102 6.90 -10.41 10.21
CA PHE A 102 5.56 -10.15 10.71
C PHE A 102 5.53 -9.10 11.81
N GLN A 103 6.60 -8.99 12.58
CA GLN A 103 6.76 -8.01 13.65
C GLN A 103 7.12 -6.61 13.17
N SER A 104 7.67 -6.46 11.96
CA SER A 104 8.18 -5.21 11.42
C SER A 104 7.42 -4.69 10.21
N LEU A 105 6.59 -5.50 9.56
CA LEU A 105 5.59 -5.06 8.61
C LEU A 105 4.54 -4.19 9.30
N ARG A 106 3.99 -3.22 8.57
CA ARG A 106 2.95 -2.32 9.04
C ARG A 106 1.90 -2.11 7.96
N VAL A 107 0.70 -1.66 8.39
CA VAL A 107 -0.37 -1.21 7.52
C VAL A 107 -0.65 0.26 7.79
N TRP A 108 -0.62 1.08 6.75
CA TRP A 108 -0.89 2.51 6.81
C TRP A 108 -2.32 2.81 6.36
N GLN A 109 -3.07 3.54 7.18
CA GLN A 109 -4.38 4.06 6.86
C GLN A 109 -4.38 5.57 7.09
N ASP A 110 -4.24 6.36 6.02
CA ASP A 110 -4.11 7.80 6.08
C ASP A 110 -5.42 8.46 6.49
N LEU A 111 -5.38 9.38 7.46
CA LEU A 111 -6.54 9.94 8.11
C LEU A 111 -7.18 11.11 7.37
N ASN A 112 -6.48 11.77 6.44
CA ASN A 112 -7.04 12.69 5.48
C ASN A 112 -6.90 12.23 4.03
N GLN A 113 -6.31 11.05 3.80
CA GLN A 113 -6.02 10.45 2.51
C GLN A 113 -5.13 11.28 1.61
N ASP A 114 -4.31 12.19 2.14
CA ASP A 114 -3.42 12.99 1.31
C ASP A 114 -2.18 12.20 0.85
N GLY A 115 -1.86 11.09 1.51
CA GLY A 115 -0.67 10.31 1.21
C GLY A 115 0.62 10.96 1.71
N ILE A 116 0.51 11.83 2.71
CA ILE A 116 1.62 12.31 3.52
C ILE A 116 1.51 11.59 4.86
N SER A 117 2.50 10.76 5.21
CA SER A 117 2.40 9.86 6.35
C SER A 117 2.72 10.56 7.66
N GLN A 118 1.85 10.34 8.66
CA GLN A 118 2.08 10.64 10.05
C GLN A 118 2.09 9.38 10.89
N ALA A 119 2.85 9.38 12.00
CA ALA A 119 3.18 8.18 12.74
C ALA A 119 1.99 7.41 13.29
N ASN A 120 0.92 8.12 13.70
CA ASN A 120 -0.27 7.53 14.26
C ASN A 120 -1.20 6.92 13.20
N GLU A 121 -0.91 7.08 11.91
CA GLU A 121 -1.68 6.50 10.83
C GLU A 121 -1.37 5.04 10.56
N LEU A 122 -0.32 4.47 11.18
CA LEU A 122 0.15 3.12 10.97
C LEU A 122 -0.27 2.16 12.07
N ARG A 123 -0.54 0.91 11.72
CA ARG A 123 -0.89 -0.19 12.60
C ARG A 123 -0.07 -1.46 12.32
N THR A 124 -0.09 -2.38 13.27
CA THR A 124 0.42 -3.73 13.11
C THR A 124 -0.53 -4.64 12.33
N LEU A 125 -0.04 -5.80 11.89
CA LEU A 125 -0.84 -6.87 11.36
C LEU A 125 -1.70 -7.53 12.42
N GLU A 126 -1.18 -7.65 13.65
CA GLU A 126 -1.83 -8.38 14.72
C GLU A 126 -3.03 -7.66 15.33
N GLU A 127 -3.04 -6.33 15.38
CA GLU A 127 -4.19 -5.57 15.82
C GLU A 127 -5.29 -5.48 14.78
N LEU A 128 -4.97 -5.71 13.50
CA LEU A 128 -5.90 -5.85 12.41
C LEU A 128 -6.46 -7.27 12.27
N GLY A 129 -6.09 -8.18 13.16
CA GLY A 129 -6.62 -9.54 13.18
C GLY A 129 -6.17 -10.41 12.02
N ILE A 130 -4.99 -10.14 11.45
CA ILE A 130 -4.43 -10.87 10.33
C ILE A 130 -3.73 -12.11 10.82
N GLN A 131 -4.10 -13.28 10.27
CA GLN A 131 -3.51 -14.57 10.55
C GLN A 131 -2.35 -14.87 9.61
N SER A 132 -2.56 -14.72 8.30
CA SER A 132 -1.54 -14.90 7.28
C SER A 132 -1.90 -14.16 5.99
N LEU A 133 -0.93 -13.96 5.10
CA LEU A 133 -1.11 -13.32 3.81
C LEU A 133 -0.54 -14.19 2.70
N ASP A 134 -1.35 -14.53 1.69
CA ASP A 134 -0.97 -15.39 0.59
C ASP A 134 -0.49 -14.60 -0.61
N LEU A 135 0.78 -14.72 -0.97
CA LEU A 135 1.44 -13.96 -2.01
C LEU A 135 1.06 -14.35 -3.42
N ALA A 136 0.19 -15.34 -3.63
CA ALA A 136 -0.24 -15.80 -4.93
C ALA A 136 -1.41 -15.00 -5.49
N TYR A 137 -1.22 -14.31 -6.61
CA TYR A 137 -2.19 -13.47 -7.27
C TYR A 137 -2.82 -14.10 -8.50
N LYS A 138 -3.86 -13.43 -9.00
CA LYS A 138 -4.29 -13.43 -10.38
C LYS A 138 -4.28 -12.00 -10.90
N ASP A 139 -3.98 -11.81 -12.19
CA ASP A 139 -4.14 -10.52 -12.85
C ASP A 139 -5.62 -10.15 -13.01
N VAL A 140 -5.97 -8.90 -12.74
CA VAL A 140 -7.33 -8.37 -12.79
C VAL A 140 -7.44 -7.03 -13.49
N ASN A 141 -6.39 -6.22 -13.49
CA ASN A 141 -6.25 -4.98 -14.23
C ASN A 141 -7.47 -4.06 -14.13
N LYS A 142 -7.92 -3.82 -12.90
CA LYS A 142 -9.19 -3.21 -12.55
C LYS A 142 -9.05 -1.75 -12.17
N ASN A 143 -9.74 -0.83 -12.85
CA ASN A 143 -9.86 0.53 -12.42
C ASN A 143 -10.65 0.63 -11.12
N LEU A 144 -10.11 1.31 -10.10
CA LEU A 144 -10.78 1.55 -8.85
C LEU A 144 -11.24 3.00 -8.70
N GLY A 145 -10.59 3.95 -9.35
CA GLY A 145 -10.98 5.34 -9.41
C GLY A 145 -9.99 6.17 -10.22
N ASN A 146 -10.15 7.51 -10.22
CA ASN A 146 -9.32 8.42 -10.97
C ASN A 146 -7.85 8.31 -10.63
N GLY A 147 -7.06 7.74 -11.54
CA GLY A 147 -5.64 7.48 -11.36
C GLY A 147 -5.28 6.29 -10.49
N ASN A 148 -6.25 5.54 -9.97
CA ASN A 148 -6.04 4.34 -9.16
C ASN A 148 -6.55 3.10 -9.86
N THR A 149 -5.66 2.12 -10.08
CA THR A 149 -5.91 0.89 -10.78
C THR A 149 -5.17 -0.27 -10.14
N LEU A 150 -5.88 -1.38 -9.89
CA LEU A 150 -5.38 -2.59 -9.27
C LEU A 150 -4.96 -3.60 -10.34
N ALA A 151 -3.67 -3.88 -10.44
CA ALA A 151 -3.14 -4.74 -11.50
C ALA A 151 -3.34 -6.21 -11.22
N GLN A 152 -2.91 -6.66 -10.04
CA GLN A 152 -2.90 -8.05 -9.62
C GLN A 152 -3.45 -8.17 -8.20
N GLN A 153 -4.20 -9.24 -7.93
CA GLN A 153 -5.00 -9.40 -6.74
C GLN A 153 -4.97 -10.83 -6.22
N GLY A 154 -4.93 -10.98 -4.89
CA GLY A 154 -5.08 -12.20 -4.13
C GLY A 154 -5.84 -11.92 -2.84
N SER A 155 -5.57 -12.71 -1.79
CA SER A 155 -6.19 -12.57 -0.49
C SER A 155 -5.25 -12.80 0.68
N TYR A 156 -5.69 -12.38 1.86
CA TYR A 156 -5.13 -12.68 3.17
C TYR A 156 -6.20 -13.31 4.05
N THR A 157 -5.78 -14.01 5.12
CA THR A 157 -6.61 -14.71 6.06
C THR A 157 -6.65 -13.98 7.40
N LYS A 158 -7.84 -13.81 7.97
CA LYS A 158 -8.08 -13.24 9.28
C LYS A 158 -8.14 -14.32 10.35
N THR A 159 -7.98 -13.97 11.62
CA THR A 159 -7.93 -14.91 12.73
C THR A 159 -9.21 -15.72 12.95
N ASN A 160 -10.35 -15.29 12.41
CA ASN A 160 -11.59 -16.03 12.34
C ASN A 160 -11.64 -17.07 11.22
N GLY A 161 -10.59 -17.21 10.42
CA GLY A 161 -10.48 -18.10 9.29
C GLY A 161 -11.12 -17.61 8.01
N THR A 162 -11.78 -16.44 8.00
CA THR A 162 -12.30 -15.82 6.79
C THR A 162 -11.20 -15.09 6.04
N THR A 163 -11.40 -14.82 4.75
CA THR A 163 -10.41 -14.18 3.91
C THR A 163 -10.90 -12.84 3.36
N ALA A 164 -9.97 -11.94 3.04
CA ALA A 164 -10.25 -10.67 2.40
C ALA A 164 -9.17 -10.34 1.37
N LYS A 165 -9.51 -9.49 0.39
CA LYS A 165 -8.70 -9.26 -0.79
C LYS A 165 -7.49 -8.36 -0.50
N MET A 166 -6.41 -8.56 -1.26
CA MET A 166 -5.27 -7.65 -1.32
C MET A 166 -4.64 -7.65 -2.70
N GLY A 167 -3.86 -6.62 -3.07
CA GLY A 167 -3.25 -6.57 -4.37
C GLY A 167 -2.39 -5.34 -4.68
N ASP A 168 -1.72 -5.38 -5.83
CA ASP A 168 -0.86 -4.33 -6.35
C ASP A 168 -1.67 -3.20 -6.97
N LEU A 169 -1.47 -1.97 -6.47
CA LEU A 169 -2.28 -0.80 -6.72
C LEU A 169 -1.47 0.40 -7.15
N LEU A 170 -1.96 1.08 -8.19
CA LEU A 170 -1.47 2.35 -8.68
C LEU A 170 -1.87 3.47 -7.73
N LEU A 171 -0.93 4.29 -7.27
CA LEU A 171 -1.16 5.50 -6.51
C LEU A 171 -0.82 6.72 -7.35
N ALA A 172 -1.70 7.73 -7.37
CA ALA A 172 -1.52 8.94 -8.12
C ALA A 172 -1.00 10.09 -7.26
N ALA A 173 -0.25 11.01 -7.87
CA ALA A 173 0.13 12.28 -7.27
C ALA A 173 0.41 13.35 -8.32
N ASP A 174 0.02 14.59 -8.05
CA ASP A 174 0.16 15.73 -8.93
C ASP A 174 1.57 16.31 -8.99
N ASN A 175 1.92 16.92 -10.14
CA ASN A 175 3.15 17.63 -10.39
C ASN A 175 2.94 19.00 -11.03
N LEU A 176 1.74 19.56 -11.06
CA LEU A 176 1.44 20.83 -11.69
C LEU A 176 1.04 21.94 -10.74
N HIS A 177 0.32 21.63 -9.66
CA HIS A 177 -0.27 22.59 -8.76
C HIS A 177 0.17 22.45 -7.31
N SER A 178 0.55 21.23 -6.91
CA SER A 178 0.94 20.85 -5.57
C SER A 178 2.27 21.47 -5.14
N ARG A 179 2.42 21.70 -3.83
CA ARG A 179 3.65 22.13 -3.18
C ARG A 179 4.00 21.18 -2.07
N PHE A 180 5.08 20.40 -2.26
CA PHE A 180 5.53 19.39 -1.32
C PHE A 180 6.57 19.93 -0.36
N LEU A 181 6.59 19.42 0.87
CA LEU A 181 7.47 19.80 1.94
C LEU A 181 7.49 21.30 2.22
N GLU A 182 6.32 21.93 2.17
CA GLU A 182 6.12 23.36 2.29
C GLU A 182 4.92 23.70 3.17
CA CA B . -12.88 -2.16 1.59
CA CA C . 10.67 6.36 6.58
CA CA D . 6.17 -18.18 5.90
CA CA E . -2.04 12.12 6.16
CA CA F . 2.79 -2.32 -9.92
N GLY A 1 5.45 5.50 -13.89
CA GLY A 1 4.47 4.64 -13.20
C GLY A 1 4.86 4.50 -11.73
N SER A 2 3.88 4.62 -10.82
CA SER A 2 4.05 4.57 -9.39
C SER A 2 2.97 3.71 -8.76
N ASP A 3 3.31 2.79 -7.86
CA ASP A 3 2.38 1.88 -7.22
C ASP A 3 2.72 1.61 -5.76
N ALA A 4 1.77 1.01 -5.04
CA ALA A 4 1.92 0.44 -3.72
C ALA A 4 0.81 -0.54 -3.38
N LEU A 5 1.06 -1.48 -2.46
CA LEU A 5 0.15 -2.53 -2.07
C LEU A 5 -0.87 -2.07 -1.03
N ALA A 6 -2.14 -2.48 -1.14
CA ALA A 6 -3.22 -2.13 -0.26
C ALA A 6 -4.16 -3.29 0.06
N LEU A 7 -4.92 -3.19 1.15
CA LEU A 7 -5.79 -4.24 1.66
C LEU A 7 -7.23 -3.77 1.86
N ASP A 8 -8.19 -4.68 1.66
CA ASP A 8 -9.59 -4.52 2.03
C ASP A 8 -9.78 -4.93 3.49
N LEU A 9 -9.91 -3.98 4.41
CA LEU A 9 -9.82 -4.26 5.83
C LEU A 9 -11.11 -4.77 6.46
N ASP A 10 -12.27 -4.47 5.90
CA ASP A 10 -13.58 -4.86 6.38
C ASP A 10 -14.37 -5.80 5.48
N GLY A 11 -13.90 -6.11 4.28
CA GLY A 11 -14.53 -7.04 3.38
C GLY A 11 -15.59 -6.49 2.43
N ASP A 12 -15.42 -5.26 1.92
CA ASP A 12 -16.32 -4.67 0.93
C ASP A 12 -15.63 -4.16 -0.33
N GLY A 13 -14.38 -4.59 -0.58
CA GLY A 13 -13.55 -4.15 -1.69
C GLY A 13 -12.57 -3.06 -1.27
N ILE A 14 -11.53 -2.83 -2.08
CA ILE A 14 -10.49 -1.85 -1.80
C ILE A 14 -11.02 -0.49 -2.24
N GLU A 15 -11.38 0.34 -1.25
CA GLU A 15 -12.05 1.61 -1.46
C GLU A 15 -11.04 2.74 -1.64
N THR A 16 -11.19 3.52 -2.71
CA THR A 16 -10.33 4.64 -3.05
C THR A 16 -11.12 5.91 -3.32
N VAL A 17 -10.54 7.06 -3.01
CA VAL A 17 -11.13 8.38 -3.05
C VAL A 17 -10.17 9.40 -3.64
N ALA A 18 -10.69 10.43 -4.28
CA ALA A 18 -9.89 11.58 -4.71
C ALA A 18 -9.28 12.31 -3.52
N THR A 19 -8.03 12.78 -3.71
CA THR A 19 -7.28 13.58 -2.76
C THR A 19 -6.23 14.42 -3.47
N LYS A 20 -5.79 15.52 -2.87
CA LYS A 20 -4.51 16.14 -3.14
C LYS A 20 -3.49 15.64 -2.13
N GLY A 21 -2.52 14.84 -2.58
CA GLY A 21 -1.39 14.41 -1.77
C GLY A 21 -0.32 15.50 -1.72
N PHE A 22 0.31 15.71 -0.55
CA PHE A 22 1.32 16.74 -0.40
C PHE A 22 2.55 16.54 -1.28
N SER A 23 2.91 15.29 -1.58
CA SER A 23 3.90 14.89 -2.55
C SER A 23 5.19 15.70 -2.50
N GLY A 24 5.95 15.73 -1.41
CA GLY A 24 5.85 14.88 -0.23
C GLY A 24 6.53 13.53 -0.37
N SER A 25 6.81 12.90 0.78
CA SER A 25 7.67 11.75 0.94
C SER A 25 7.42 10.57 0.03
N LEU A 26 6.18 10.30 -0.38
CA LEU A 26 5.85 9.17 -1.20
C LEU A 26 6.37 9.26 -2.62
N PHE A 27 6.43 10.47 -3.20
CA PHE A 27 6.55 10.67 -4.63
C PHE A 27 7.56 11.74 -5.02
N ASP A 28 8.01 12.60 -4.12
CA ASP A 28 9.03 13.58 -4.41
C ASP A 28 10.41 12.98 -4.29
N HIS A 29 11.07 12.72 -5.42
CA HIS A 29 12.42 12.19 -5.50
C HIS A 29 13.18 12.62 -6.73
N ASN A 30 12.59 13.45 -7.60
CA ASN A 30 13.10 13.84 -8.89
C ASN A 30 13.29 15.35 -8.99
N ARG A 31 14.06 15.81 -9.98
CA ARG A 31 14.31 17.19 -10.32
C ARG A 31 13.12 17.88 -10.99
N ASP A 32 11.91 17.34 -10.88
CA ASP A 32 10.69 17.90 -11.41
C ASP A 32 9.51 17.54 -10.49
N GLY A 33 8.38 18.24 -10.68
CA GLY A 33 7.16 18.00 -9.93
C GLY A 33 6.44 16.71 -10.28
N ILE A 34 5.56 16.25 -9.39
CA ILE A 34 4.81 15.02 -9.54
C ILE A 34 3.66 15.24 -10.51
N ARG A 35 3.45 14.28 -11.41
CA ARG A 35 2.49 14.34 -12.51
C ARG A 35 1.68 13.04 -12.58
N THR A 36 0.79 12.82 -11.60
CA THR A 36 -0.09 11.68 -11.50
C THR A 36 -1.51 12.09 -11.17
N ALA A 37 -2.47 11.19 -11.44
CA ALA A 37 -3.83 11.30 -10.96
C ALA A 37 -4.01 10.51 -9.67
N THR A 38 -4.54 11.15 -8.63
CA THR A 38 -4.47 10.65 -7.26
C THR A 38 -5.85 10.31 -6.69
N GLY A 39 -6.32 9.10 -7.02
CA GLY A 39 -7.14 8.32 -6.12
C GLY A 39 -6.26 7.62 -5.11
N TRP A 40 -6.55 7.77 -3.81
CA TRP A 40 -5.85 7.10 -2.73
C TRP A 40 -6.79 6.25 -1.89
N VAL A 41 -6.28 5.28 -1.14
CA VAL A 41 -7.09 4.42 -0.31
C VAL A 41 -7.82 5.20 0.79
N SER A 42 -9.13 4.97 0.86
CA SER A 42 -10.07 5.60 1.77
C SER A 42 -9.74 5.32 3.23
N ALA A 43 -10.27 6.13 4.14
CA ALA A 43 -10.21 5.90 5.57
C ALA A 43 -10.84 4.58 6.03
N ASP A 44 -11.54 3.88 5.12
CA ASP A 44 -12.05 2.54 5.32
C ASP A 44 -11.00 1.45 5.20
N ASP A 45 -9.93 1.67 4.43
CA ASP A 45 -8.88 0.74 4.08
C ASP A 45 -7.48 1.27 4.35
N GLY A 46 -6.42 0.58 3.94
CA GLY A 46 -5.07 0.98 4.18
C GLY A 46 -4.00 0.32 3.33
N LEU A 47 -2.80 0.89 3.39
CA LEU A 47 -1.61 0.52 2.63
C LEU A 47 -0.70 -0.41 3.41
N LEU A 48 -0.04 -1.37 2.77
CA LEU A 48 0.95 -2.22 3.41
C LEU A 48 2.31 -1.56 3.44
N VAL A 49 2.93 -1.46 4.63
CA VAL A 49 4.24 -0.87 4.85
C VAL A 49 5.07 -1.66 5.83
N ARG A 50 6.38 -1.38 5.87
CA ARG A 50 7.32 -1.89 6.85
C ARG A 50 8.03 -0.71 7.52
N ASP A 51 7.82 -0.49 8.82
CA ASP A 51 8.46 0.61 9.53
C ASP A 51 9.81 0.16 10.06
N LEU A 52 10.88 0.46 9.30
CA LEU A 52 12.21 -0.11 9.43
C LEU A 52 13.00 0.44 10.62
N ASN A 53 12.57 1.54 11.23
CA ASN A 53 13.22 2.16 12.38
C ASN A 53 12.30 2.39 13.57
N GLY A 54 11.02 2.04 13.49
CA GLY A 54 10.11 2.05 14.61
C GLY A 54 9.66 3.41 15.10
N ASN A 55 9.85 4.49 14.34
CA ASN A 55 9.39 5.81 14.68
C ASN A 55 7.90 6.01 14.52
N GLY A 56 7.17 5.02 13.99
CA GLY A 56 5.73 5.02 13.86
C GLY A 56 5.19 5.65 12.59
N ILE A 57 6.05 6.06 11.66
CA ILE A 57 5.73 6.69 10.39
C ILE A 57 6.56 6.13 9.25
N ILE A 58 6.12 6.33 8.01
CA ILE A 58 6.92 6.07 6.82
C ILE A 58 7.66 7.32 6.35
N ASP A 59 8.98 7.24 6.26
CA ASP A 59 9.87 8.35 5.95
C ASP A 59 10.95 7.99 4.95
N ASN A 60 11.18 6.70 4.70
CA ASN A 60 12.14 6.22 3.72
C ASN A 60 11.47 5.45 2.61
N GLY A 61 11.99 5.51 1.38
CA GLY A 61 11.37 4.95 0.20
C GLY A 61 11.37 3.42 0.12
N ALA A 62 12.17 2.74 0.94
CA ALA A 62 12.14 1.31 1.08
C ALA A 62 11.06 0.80 2.03
N GLU A 63 10.39 1.67 2.79
CA GLU A 63 9.36 1.31 3.73
C GLU A 63 8.04 0.91 3.08
N LEU A 64 7.92 1.08 1.77
CA LEU A 64 6.80 0.66 0.97
C LEU A 64 7.07 -0.68 0.28
N PHE A 65 6.00 -1.36 -0.16
CA PHE A 65 6.05 -2.44 -1.12
C PHE A 65 5.50 -1.99 -2.46
N GLY A 66 6.20 -2.29 -3.55
CA GLY A 66 5.87 -1.87 -4.90
C GLY A 66 7.03 -2.08 -5.86
N ASP A 67 6.87 -1.72 -7.14
CA ASP A 67 7.81 -2.01 -8.19
C ASP A 67 9.09 -1.19 -8.19
N ASN A 68 9.27 -0.25 -7.25
CA ASN A 68 10.45 0.57 -7.09
C ASN A 68 11.11 0.49 -5.72
N THR A 69 10.62 -0.36 -4.81
CA THR A 69 11.16 -0.49 -3.47
C THR A 69 12.54 -1.11 -3.44
N LYS A 70 13.28 -0.90 -2.36
CA LYS A 70 14.60 -1.45 -2.15
C LYS A 70 14.56 -2.80 -1.44
N LEU A 71 15.23 -3.79 -2.04
CA LEU A 71 15.52 -5.07 -1.42
C LEU A 71 16.56 -4.88 -0.33
N ALA A 72 16.63 -5.80 0.63
CA ALA A 72 17.44 -5.65 1.83
C ALA A 72 18.92 -5.43 1.60
N ASP A 73 19.48 -5.85 0.46
CA ASP A 73 20.86 -5.64 0.08
C ASP A 73 21.15 -4.30 -0.58
N GLY A 74 20.14 -3.45 -0.80
CA GLY A 74 20.22 -2.16 -1.44
C GLY A 74 19.85 -2.16 -2.92
N SER A 75 19.54 -3.32 -3.51
CA SER A 75 19.08 -3.44 -4.88
C SER A 75 17.64 -3.01 -5.05
N PHE A 76 17.17 -2.85 -6.29
CA PHE A 76 15.81 -2.50 -6.62
C PHE A 76 14.95 -3.72 -6.91
N ALA A 77 13.69 -3.66 -6.52
CA ALA A 77 12.66 -4.63 -6.89
C ALA A 77 12.37 -4.64 -8.38
N LYS A 78 11.83 -5.75 -8.88
CA LYS A 78 11.07 -5.83 -10.12
C LYS A 78 9.58 -5.58 -9.91
N HIS A 79 8.99 -6.18 -8.88
CA HIS A 79 7.56 -6.20 -8.66
C HIS A 79 7.22 -6.13 -7.17
N GLY A 80 6.14 -5.43 -6.82
CA GLY A 80 5.67 -5.33 -5.45
C GLY A 80 5.42 -6.66 -4.76
N TYR A 81 4.81 -7.64 -5.44
CA TYR A 81 4.56 -8.96 -4.91
C TYR A 81 5.86 -9.69 -4.62
N ALA A 82 6.86 -9.59 -5.50
CA ALA A 82 8.11 -10.32 -5.41
C ALA A 82 9.03 -9.71 -4.37
N ALA A 83 8.98 -8.40 -4.16
CA ALA A 83 9.67 -7.69 -3.10
C ALA A 83 9.12 -8.07 -1.72
N LEU A 84 7.82 -8.31 -1.61
CA LEU A 84 7.20 -8.87 -0.43
C LEU A 84 7.54 -10.34 -0.24
N ALA A 85 7.59 -11.13 -1.32
CA ALA A 85 7.89 -12.54 -1.26
C ALA A 85 9.29 -12.88 -0.81
N GLU A 86 10.26 -11.96 -0.90
CA GLU A 86 11.59 -12.13 -0.35
C GLU A 86 11.59 -12.33 1.17
N LEU A 87 10.56 -11.85 1.88
CA LEU A 87 10.46 -11.89 3.32
C LEU A 87 10.08 -13.26 3.86
N ASP A 88 9.61 -14.20 3.04
CA ASP A 88 9.29 -15.54 3.50
C ASP A 88 10.55 -16.34 3.84
N SER A 89 10.59 -16.92 5.04
CA SER A 89 11.65 -17.78 5.52
C SER A 89 11.45 -19.27 5.26
N ASN A 90 10.21 -19.72 4.98
CA ASN A 90 9.84 -21.12 5.12
C ASN A 90 9.56 -21.88 3.83
N GLY A 91 9.20 -21.20 2.74
CA GLY A 91 8.62 -21.83 1.57
C GLY A 91 7.13 -22.17 1.70
N ASP A 92 6.37 -21.46 2.53
CA ASP A 92 4.98 -21.77 2.84
C ASP A 92 3.98 -20.88 2.12
N ASN A 93 4.44 -20.06 1.18
CA ASN A 93 3.72 -19.05 0.44
C ASN A 93 3.05 -17.96 1.26
N ILE A 94 3.36 -17.82 2.55
CA ILE A 94 2.77 -16.82 3.41
C ILE A 94 3.80 -16.01 4.19
N ILE A 95 3.46 -14.75 4.48
CA ILE A 95 4.18 -13.87 5.39
C ILE A 95 3.46 -13.89 6.72
N ASN A 96 4.14 -14.39 7.75
CA ASN A 96 3.60 -14.70 9.07
C ASN A 96 4.65 -14.65 10.15
N ALA A 97 4.29 -14.82 11.42
CA ALA A 97 5.16 -14.68 12.57
C ALA A 97 6.42 -15.55 12.59
N ALA A 98 6.51 -16.61 11.79
CA ALA A 98 7.72 -17.39 11.61
C ALA A 98 8.79 -16.67 10.81
N ASP A 99 8.47 -15.58 10.13
CA ASP A 99 9.37 -14.79 9.32
C ASP A 99 9.95 -13.61 10.08
N ALA A 100 11.27 -13.40 10.00
CA ALA A 100 11.98 -12.40 10.76
C ALA A 100 11.57 -10.96 10.51
N ALA A 101 11.00 -10.66 9.33
CA ALA A 101 10.48 -9.35 9.00
C ALA A 101 9.11 -9.04 9.57
N PHE A 102 8.34 -10.02 10.02
CA PHE A 102 6.93 -9.88 10.31
C PHE A 102 6.57 -8.85 11.36
N GLN A 103 7.40 -8.67 12.40
CA GLN A 103 7.15 -7.67 13.42
C GLN A 103 7.34 -6.23 12.95
N SER A 104 8.07 -5.99 11.86
CA SER A 104 8.23 -4.66 11.28
C SER A 104 7.05 -4.18 10.43
N LEU A 105 6.14 -5.08 10.07
CA LEU A 105 5.02 -4.79 9.19
C LEU A 105 3.96 -3.94 9.89
N ARG A 106 3.36 -3.00 9.15
CA ARG A 106 2.26 -2.16 9.57
C ARG A 106 1.28 -1.96 8.42
N VAL A 107 0.06 -1.54 8.72
CA VAL A 107 -0.89 -1.03 7.75
C VAL A 107 -1.10 0.46 8.01
N TRP A 108 -1.00 1.30 6.96
CA TRP A 108 -1.24 2.73 7.05
C TRP A 108 -2.64 3.08 6.55
N GLN A 109 -3.52 3.44 7.47
CA GLN A 109 -4.86 3.95 7.21
C GLN A 109 -4.86 5.46 7.48
N ASP A 110 -4.87 6.26 6.41
CA ASP A 110 -4.85 7.71 6.50
C ASP A 110 -6.28 8.27 6.46
N LEU A 111 -6.71 8.80 7.60
CA LEU A 111 -8.05 9.34 7.79
C LEU A 111 -8.34 10.52 6.86
N ASN A 112 -7.32 11.25 6.43
CA ASN A 112 -7.42 12.41 5.57
C ASN A 112 -6.79 12.26 4.19
N GLN A 113 -6.11 11.15 3.89
CA GLN A 113 -5.47 10.85 2.62
C GLN A 113 -4.49 11.88 2.09
N ASP A 114 -3.84 12.65 2.95
CA ASP A 114 -2.99 13.77 2.58
C ASP A 114 -1.61 13.40 2.05
N GLY A 115 -1.26 12.11 1.99
CA GLY A 115 0.00 11.63 1.44
C GLY A 115 1.17 11.66 2.39
N ILE A 116 1.01 12.24 3.59
CA ILE A 116 1.97 12.20 4.68
C ILE A 116 1.40 11.35 5.81
N SER A 117 2.25 10.54 6.45
CA SER A 117 1.88 9.65 7.52
C SER A 117 2.13 10.24 8.90
N GLN A 118 1.34 9.80 9.87
CA GLN A 118 1.39 10.18 11.27
C GLN A 118 1.24 8.95 12.16
N ALA A 119 1.70 9.02 13.40
CA ALA A 119 1.82 7.85 14.26
C ALA A 119 0.51 7.15 14.56
N ASN A 120 -0.62 7.86 14.62
CA ASN A 120 -1.94 7.27 14.80
C ASN A 120 -2.50 6.58 13.56
N GLU A 121 -1.86 6.73 12.40
CA GLU A 121 -2.33 6.23 11.12
C GLU A 121 -1.71 4.90 10.75
N LEU A 122 -0.52 4.58 11.27
CA LEU A 122 0.06 3.25 11.16
C LEU A 122 -0.46 2.36 12.26
N ARG A 123 -0.91 1.16 11.91
CA ARG A 123 -1.52 0.15 12.73
C ARG A 123 -0.81 -1.18 12.60
N THR A 124 -0.92 -2.06 13.61
CA THR A 124 -0.45 -3.42 13.52
C THR A 124 -1.37 -4.28 12.63
N LEU A 125 -0.85 -5.39 12.12
CA LEU A 125 -1.64 -6.36 11.39
C LEU A 125 -2.62 -7.06 12.31
N GLU A 126 -2.17 -7.43 13.52
CA GLU A 126 -2.96 -8.16 14.49
C GLU A 126 -4.14 -7.38 15.09
N GLU A 127 -4.06 -6.06 15.26
CA GLU A 127 -5.20 -5.28 15.68
C GLU A 127 -6.25 -5.11 14.59
N LEU A 128 -5.88 -5.35 13.34
CA LEU A 128 -6.78 -5.40 12.19
C LEU A 128 -7.24 -6.82 11.90
N GLY A 129 -6.98 -7.78 12.81
CA GLY A 129 -7.40 -9.16 12.71
C GLY A 129 -6.65 -9.98 11.68
N ILE A 130 -5.48 -9.53 11.20
CA ILE A 130 -4.71 -10.19 10.19
C ILE A 130 -3.78 -11.21 10.81
N GLN A 131 -3.75 -12.43 10.28
CA GLN A 131 -2.91 -13.53 10.70
C GLN A 131 -1.71 -13.74 9.78
N SER A 132 -1.92 -13.69 8.48
CA SER A 132 -0.89 -13.89 7.47
C SER A 132 -1.27 -13.30 6.12
N LEU A 133 -0.31 -12.99 5.27
CA LEU A 133 -0.50 -12.52 3.91
C LEU A 133 -0.01 -13.59 2.94
N ASP A 134 -0.79 -13.92 1.92
CA ASP A 134 -0.42 -14.90 0.90
C ASP A 134 0.22 -14.28 -0.32
N LEU A 135 1.19 -14.99 -0.92
CA LEU A 135 2.05 -14.49 -1.96
C LEU A 135 1.62 -14.80 -3.38
N ALA A 136 0.48 -15.46 -3.60
CA ALA A 136 -0.05 -15.72 -4.92
C ALA A 136 -0.81 -14.53 -5.49
N TYR A 137 -0.44 -14.09 -6.69
CA TYR A 137 -1.04 -12.94 -7.37
C TYR A 137 -1.61 -13.28 -8.75
N LYS A 138 -2.60 -12.49 -9.15
CA LYS A 138 -3.40 -12.63 -10.36
C LYS A 138 -3.64 -11.26 -10.97
N ASP A 139 -3.34 -11.05 -12.25
CA ASP A 139 -3.59 -9.79 -12.92
C ASP A 139 -5.06 -9.60 -13.25
N VAL A 140 -5.58 -8.39 -12.99
CA VAL A 140 -6.97 -8.02 -13.24
C VAL A 140 -7.13 -6.65 -13.86
N ASN A 141 -6.25 -5.69 -13.55
CA ASN A 141 -6.23 -4.33 -14.05
C ASN A 141 -7.53 -3.54 -13.90
N LYS A 142 -8.22 -3.71 -12.77
CA LYS A 142 -9.52 -3.13 -12.51
C LYS A 142 -9.44 -1.64 -12.18
N ASN A 143 -10.24 -0.82 -12.86
CA ASN A 143 -10.38 0.59 -12.56
C ASN A 143 -10.98 0.82 -11.19
N LEU A 144 -10.34 1.64 -10.34
CA LEU A 144 -10.84 2.06 -9.05
C LEU A 144 -11.27 3.53 -9.03
N GLY A 145 -11.17 4.25 -10.13
CA GLY A 145 -11.52 5.64 -10.25
C GLY A 145 -10.41 6.60 -9.82
N ASN A 146 -10.54 7.86 -10.24
CA ASN A 146 -9.61 8.94 -9.96
C ASN A 146 -8.19 8.70 -10.41
N GLY A 147 -7.98 7.81 -11.38
CA GLY A 147 -6.67 7.40 -11.88
C GLY A 147 -6.03 6.22 -11.15
N ASN A 148 -6.69 5.59 -10.19
CA ASN A 148 -6.20 4.41 -9.51
C ASN A 148 -6.67 3.14 -10.21
N THR A 149 -5.84 2.09 -10.22
CA THR A 149 -6.11 0.80 -10.83
C THR A 149 -5.57 -0.32 -9.98
N LEU A 150 -6.39 -1.33 -9.64
CA LEU A 150 -5.95 -2.56 -9.04
C LEU A 150 -5.32 -3.42 -10.13
N ALA A 151 -3.99 -3.41 -10.22
CA ALA A 151 -3.25 -4.10 -11.27
C ALA A 151 -3.31 -5.59 -11.13
N GLN A 152 -2.91 -6.11 -9.97
CA GLN A 152 -2.94 -7.52 -9.62
C GLN A 152 -3.36 -7.75 -8.17
N GLN A 153 -4.06 -8.85 -7.93
CA GLN A 153 -4.80 -9.13 -6.71
C GLN A 153 -4.27 -10.36 -5.99
N GLY A 154 -4.23 -10.31 -4.66
CA GLY A 154 -3.84 -11.35 -3.74
C GLY A 154 -4.75 -11.39 -2.52
N SER A 155 -4.35 -12.10 -1.47
CA SER A 155 -5.17 -12.34 -0.30
C SER A 155 -4.42 -12.28 1.03
N TYR A 156 -5.18 -12.09 2.11
CA TYR A 156 -4.71 -12.25 3.47
C TYR A 156 -5.65 -13.12 4.28
N THR A 157 -5.09 -13.83 5.27
CA THR A 157 -5.80 -14.68 6.20
C THR A 157 -6.09 -13.90 7.48
N LYS A 158 -7.32 -14.01 7.99
CA LYS A 158 -7.75 -13.44 9.25
C LYS A 158 -7.49 -14.38 10.42
N THR A 159 -7.49 -13.85 11.64
CA THR A 159 -7.32 -14.59 12.87
C THR A 159 -8.37 -15.66 13.11
N ASN A 160 -9.55 -15.53 12.51
CA ASN A 160 -10.60 -16.51 12.47
C ASN A 160 -10.55 -17.43 11.25
N GLY A 161 -9.46 -17.45 10.51
CA GLY A 161 -9.22 -18.30 9.36
C GLY A 161 -9.89 -17.87 8.06
N THR A 162 -10.79 -16.89 8.07
CA THR A 162 -11.42 -16.39 6.86
C THR A 162 -10.46 -15.60 5.99
N THR A 163 -10.71 -15.53 4.68
CA THR A 163 -9.83 -14.91 3.71
C THR A 163 -10.40 -13.59 3.24
N ALA A 164 -9.54 -12.57 3.08
CA ALA A 164 -9.91 -11.26 2.60
C ALA A 164 -8.91 -10.72 1.59
N LYS A 165 -9.31 -9.67 0.86
CA LYS A 165 -8.68 -9.19 -0.35
C LYS A 165 -7.55 -8.20 -0.12
N MET A 166 -6.52 -8.28 -0.96
CA MET A 166 -5.50 -7.24 -1.11
C MET A 166 -5.02 -7.15 -2.55
N GLY A 167 -4.29 -6.09 -2.90
CA GLY A 167 -3.86 -5.87 -4.27
C GLY A 167 -2.78 -4.82 -4.44
N ASP A 168 -2.21 -4.79 -5.65
CA ASP A 168 -1.16 -3.88 -6.08
C ASP A 168 -1.80 -2.74 -6.87
N LEU A 169 -1.83 -1.53 -6.29
CA LEU A 169 -2.57 -0.41 -6.81
C LEU A 169 -1.67 0.58 -7.53
N LEU A 170 -1.91 0.77 -8.82
CA LEU A 170 -1.16 1.61 -9.74
C LEU A 170 -1.80 2.98 -9.91
N LEU A 171 -1.02 4.06 -9.85
CA LEU A 171 -1.46 5.40 -10.15
C LEU A 171 -1.18 5.77 -11.59
N ALA A 172 -2.16 6.43 -12.23
CA ALA A 172 -2.09 6.89 -13.60
C ALA A 172 -1.29 8.19 -13.73
N ALA A 173 -0.68 8.39 -14.89
CA ALA A 173 0.03 9.61 -15.23
C ALA A 173 -0.93 10.77 -15.52
N ASP A 174 -0.53 11.99 -15.16
CA ASP A 174 -1.19 13.20 -15.63
C ASP A 174 -0.73 13.54 -17.04
N ASN A 175 -1.70 13.73 -17.95
CA ASN A 175 -1.48 13.93 -19.36
C ASN A 175 -0.69 15.20 -19.68
N LEU A 176 0.24 15.11 -20.63
CA LEU A 176 0.98 16.26 -21.14
C LEU A 176 0.18 16.96 -22.22
N HIS A 177 -0.46 18.09 -21.88
CA HIS A 177 -1.24 18.92 -22.79
C HIS A 177 -0.54 20.23 -23.09
N SER A 178 -0.64 20.70 -24.33
CA SER A 178 0.09 21.84 -24.86
C SER A 178 1.60 21.71 -24.69
N ARG A 179 2.11 20.49 -24.89
CA ARG A 179 3.45 20.08 -24.51
C ARG A 179 4.60 20.68 -25.31
N PHE A 180 4.31 21.40 -26.41
CA PHE A 180 5.29 22.00 -27.28
C PHE A 180 5.46 23.50 -27.07
N LEU A 181 4.61 24.12 -26.25
CA LEU A 181 4.74 25.51 -25.80
C LEU A 181 5.86 25.67 -24.80
N GLU A 182 6.41 26.90 -24.68
CA GLU A 182 7.52 27.24 -23.84
C GLU A 182 7.22 28.43 -22.92
CA CA B . -13.03 -1.85 2.30
CA CA C . 10.15 4.82 9.55
CA CA D . 6.45 -17.87 6.11
CA CA E . -2.19 11.87 7.14
CA CA F . 2.94 -3.26 -9.97
#